data_7JSC
# 
_entry.id   7JSC 
# 
_audit_conform.dict_name       mmcif_pdbx.dic 
_audit_conform.dict_version    5.380 
_audit_conform.dict_location   http://mmcif.pdb.org/dictionaries/ascii/mmcif_pdbx.dic 
# 
loop_
_database_2.database_id 
_database_2.database_code 
_database_2.pdbx_database_accession 
_database_2.pdbx_DOI 
PDB   7JSC         pdb_00007jsc 10.2210/pdb7jsc/pdb 
WWPDB D_1000250913 ?            ?                   
# 
_pdbx_database_status.status_code                     REL 
_pdbx_database_status.status_code_sf                  REL 
_pdbx_database_status.status_code_mr                  ? 
_pdbx_database_status.entry_id                        7JSC 
_pdbx_database_status.recvd_initial_deposition_date   2020-08-14 
_pdbx_database_status.SG_entry                        N 
_pdbx_database_status.deposit_site                    RCSB 
_pdbx_database_status.process_site                    RCSB 
_pdbx_database_status.status_code_cs                  ? 
_pdbx_database_status.status_code_nmr_data            ? 
_pdbx_database_status.methods_development_category    ? 
_pdbx_database_status.pdb_format_compatible           Y 
# 
loop_
_audit_author.name 
_audit_author.pdbx_ordinal 
_audit_author.identifier_ORCID 
'Simmons, C.R.'      1 0000-0002-2290-6132 
'MacCulloch, T.'     2 0000-0001-5875-3361 
'Stephanopoulos, N.' 3 0000-0001-7859-410X 
'Yan, H.'            4 0000-0001-7397-9852 
# 
_citation.abstract                  ? 
_citation.abstract_id_CAS           ? 
_citation.book_id_ISBN              ? 
_citation.book_publisher            ? 
_citation.book_publisher_city       ? 
_citation.book_title                ? 
_citation.coordinate_linkage        ? 
_citation.country                   UK 
_citation.database_id_Medline       ? 
_citation.details                   ? 
_citation.id                        primary 
_citation.journal_abbrev            'Nat Commun' 
_citation.journal_id_ASTM           ? 
_citation.journal_id_CSD            ? 
_citation.journal_id_ISSN           2041-1723 
_citation.journal_full              ? 
_citation.journal_issue             ? 
_citation.journal_volume            13 
_citation.language                  ? 
_citation.page_first                3112 
_citation.page_last                 3112 
_citation.title                     'The influence of Holliday junction sequence and dynamics on DNA crystal self-assembly.' 
_citation.year                      2022 
_citation.database_id_CSD           ? 
_citation.pdbx_database_id_DOI      10.1038/s41467-022-30779-6 
_citation.pdbx_database_id_PubMed   35662248 
_citation.unpublished_flag          ? 
# 
loop_
_citation_author.citation_id 
_citation_author.name 
_citation_author.ordinal 
_citation_author.identifier_ORCID 
primary 'Simmons, C.R.'      1  ?                   
primary 'MacCulloch, T.'     2  ?                   
primary 'Krepl, M.'          3  0000-0002-9833-4281 
primary 'Matthies, M.'       4  ?                   
primary 'Buchberger, A.'     5  ?                   
primary 'Crawford, I.'       6  ?                   
primary 'Sponer, J.'         7  0000-0001-6558-6186 
primary 'Sulc, P.'           8  0000-0003-1565-6769 
primary 'Stephanopoulos, N.' 9  0000-0001-7859-410X 
primary 'Yan, H.'            10 0000-0001-7397-9852 
# 
_cell.angle_alpha                  90.000 
_cell.angle_alpha_esd              ? 
_cell.angle_beta                   90.000 
_cell.angle_beta_esd               ? 
_cell.angle_gamma                  120.000 
_cell.angle_gamma_esd              ? 
_cell.entry_id                     7JSC 
_cell.details                      ? 
_cell.formula_units_Z              ? 
_cell.length_a                     113.109 
_cell.length_a_esd                 ? 
_cell.length_b                     113.109 
_cell.length_b_esd                 ? 
_cell.length_c                     50.385 
_cell.length_c_esd                 ? 
_cell.volume                       ? 
_cell.volume_esd                   ? 
_cell.Z_PDB                        9 
_cell.reciprocal_angle_alpha       ? 
_cell.reciprocal_angle_beta        ? 
_cell.reciprocal_angle_gamma       ? 
_cell.reciprocal_angle_alpha_esd   ? 
_cell.reciprocal_angle_beta_esd    ? 
_cell.reciprocal_angle_gamma_esd   ? 
_cell.reciprocal_length_a          ? 
_cell.reciprocal_length_b          ? 
_cell.reciprocal_length_c          ? 
_cell.reciprocal_length_a_esd      ? 
_cell.reciprocal_length_b_esd      ? 
_cell.reciprocal_length_c_esd      ? 
_cell.pdbx_unique_axis             ? 
# 
_symmetry.entry_id                         7JSC 
_symmetry.cell_setting                     ? 
_symmetry.Int_Tables_number                146 
_symmetry.space_group_name_Hall            ? 
_symmetry.space_group_name_H-M             'H 3' 
_symmetry.pdbx_full_space_group_name_H-M   ? 
# 
loop_
_entity.id 
_entity.type 
_entity.src_method 
_entity.pdbx_description 
_entity.formula_weight 
_entity.pdbx_number_of_molecules 
_entity.pdbx_ec 
_entity.pdbx_mutation 
_entity.pdbx_fragment 
_entity.details 
1 polymer     syn 
;DNA (5'-D(*GP*AP*AP*CP*GP*AP*CP*AP*CP*AP*GP*AP*CP*GP*GP*CP*GP*AP*GP*TP*C)-3')
;
6491.214 1 ? ? ? ? 
2 polymer     syn 
;DNA (5'-D(*TP*CP*GP*AP*GP*TP*CP*G)-3')
;
2442.616 1 ? ? ? ? 
3 polymer     syn 
;DNA (5'-D(P*GP*TP*GP*TP*CP*GP*T)-3')
;
2144.420 1 ? ? ? ? 
4 polymer     syn 
;DNA (5'-D(P*CP*CP*GP*TP*CP*T)-3')
;
1760.179 1 ? ? ? ? 
5 non-polymer syn 'CACODYLATE ION'                                                                136.989  1 ? ? ? ? 
# 
loop_
_entity_poly.entity_id 
_entity_poly.type 
_entity_poly.nstd_linkage 
_entity_poly.nstd_monomer 
_entity_poly.pdbx_seq_one_letter_code 
_entity_poly.pdbx_seq_one_letter_code_can 
_entity_poly.pdbx_strand_id 
_entity_poly.pdbx_target_identifier 
1 polydeoxyribonucleotide no no 
;(DG)(DA)(DA)(DC)(DG)(DA)(DC)(DA)(DC)(DA)(DG)(DA)(DC)(DG)(DG)(DC)(DG)(DA)(DG)(DT)
(DC)
;
GAACGACACAGACGGCGAGTC B ? 
2 polydeoxyribonucleotide no no '(DT)(DC)(DG)(DA)(DG)(DT)(DC)(DG)'                                                      TCGAGTCG C 
? 
3 polydeoxyribonucleotide no no '(DG)(DT)(DG)(DT)(DC)(DG)(DT)'                                                          GTGTCGT D 
? 
4 polydeoxyribonucleotide no no '(DC)(DC)(DG)(DT)(DC)(DT)'                                                              CCGTCT A ? 
# 
loop_
_entity_poly_seq.entity_id 
_entity_poly_seq.num 
_entity_poly_seq.mon_id 
_entity_poly_seq.hetero 
1 1  DG n 
1 2  DA n 
1 3  DA n 
1 4  DC n 
1 5  DG n 
1 6  DA n 
1 7  DC n 
1 8  DA n 
1 9  DC n 
1 10 DA n 
1 11 DG n 
1 12 DA n 
1 13 DC n 
1 14 DG n 
1 15 DG n 
1 16 DC n 
1 17 DG n 
1 18 DA n 
1 19 DG n 
1 20 DT n 
1 21 DC n 
2 1  DT n 
2 2  DC n 
2 3  DG n 
2 4  DA n 
2 5  DG n 
2 6  DT n 
2 7  DC n 
2 8  DG n 
3 1  DG n 
3 2  DT n 
3 3  DG n 
3 4  DT n 
3 5  DC n 
3 6  DG n 
3 7  DT n 
4 1  DC n 
4 2  DC n 
4 3  DG n 
4 4  DT n 
4 5  DC n 
4 6  DT n 
# 
loop_
_pdbx_entity_src_syn.entity_id 
_pdbx_entity_src_syn.pdbx_src_id 
_pdbx_entity_src_syn.pdbx_alt_source_flag 
_pdbx_entity_src_syn.pdbx_beg_seq_num 
_pdbx_entity_src_syn.pdbx_end_seq_num 
_pdbx_entity_src_syn.organism_scientific 
_pdbx_entity_src_syn.organism_common_name 
_pdbx_entity_src_syn.ncbi_taxonomy_id 
_pdbx_entity_src_syn.details 
1 1 sample 1 21 'synthetic construct' ? 32630 ? 
2 1 sample 1 8  'synthetic construct' ? 32630 ? 
3 1 sample 1 7  'synthetic construct' ? 32630 ? 
4 1 sample 1 6  'synthetic construct' ? 32630 ? 
# 
loop_
_struct_ref.id 
_struct_ref.db_name 
_struct_ref.db_code 
_struct_ref.pdbx_db_accession 
_struct_ref.pdbx_db_isoform 
_struct_ref.entity_id 
_struct_ref.pdbx_seq_one_letter_code 
_struct_ref.pdbx_align_begin 
1 PDB 7JSC 7JSC ? 1 ? 1 
2 PDB 7JSC 7JSC ? 2 ? 1 
3 PDB 7JSC 7JSC ? 3 ? 1 
4 PDB 7JSC 7JSC ? 4 ? 1 
# 
loop_
_struct_ref_seq.align_id 
_struct_ref_seq.ref_id 
_struct_ref_seq.pdbx_PDB_id_code 
_struct_ref_seq.pdbx_strand_id 
_struct_ref_seq.seq_align_beg 
_struct_ref_seq.pdbx_seq_align_beg_ins_code 
_struct_ref_seq.seq_align_end 
_struct_ref_seq.pdbx_seq_align_end_ins_code 
_struct_ref_seq.pdbx_db_accession 
_struct_ref_seq.db_align_beg 
_struct_ref_seq.pdbx_db_align_beg_ins_code 
_struct_ref_seq.db_align_end 
_struct_ref_seq.pdbx_db_align_end_ins_code 
_struct_ref_seq.pdbx_auth_seq_align_beg 
_struct_ref_seq.pdbx_auth_seq_align_end 
1 1 7JSC B 1 ? 21 ? 7JSC 7  ? 27 ? 7  27 
2 2 7JSC C 1 ? 8  ? 7JSC 28 ? 35 ? 28 35 
3 3 7JSC D 1 ? 7  ? 7JSC 36 ? 42 ? 36 42 
4 4 7JSC A 1 ? 6  ? 7JSC 1  ? 6  ? 1  6  
# 
loop_
_chem_comp.id 
_chem_comp.type 
_chem_comp.mon_nstd_flag 
_chem_comp.name 
_chem_comp.pdbx_synonyms 
_chem_comp.formula 
_chem_comp.formula_weight 
CAC non-polymer   . 'CACODYLATE ION'                     dimethylarsinate 'C2 H6 As O2 -1'  136.989 
DA  'DNA linking' y "2'-DEOXYADENOSINE-5'-MONOPHOSPHATE" ?                'C10 H14 N5 O6 P' 331.222 
DC  'DNA linking' y "2'-DEOXYCYTIDINE-5'-MONOPHOSPHATE"  ?                'C9 H14 N3 O7 P'  307.197 
DG  'DNA linking' y "2'-DEOXYGUANOSINE-5'-MONOPHOSPHATE" ?                'C10 H14 N5 O7 P' 347.221 
DT  'DNA linking' y "THYMIDINE-5'-MONOPHOSPHATE"         ?                'C10 H15 N2 O8 P' 322.208 
# 
_exptl.absorpt_coefficient_mu     ? 
_exptl.absorpt_correction_T_max   ? 
_exptl.absorpt_correction_T_min   ? 
_exptl.absorpt_correction_type    ? 
_exptl.absorpt_process_details    ? 
_exptl.entry_id                   7JSC 
_exptl.crystals_number            1 
_exptl.details                    ? 
_exptl.method                     'X-RAY DIFFRACTION' 
_exptl.method_details             ? 
# 
_exptl_crystal.colour                      ? 
_exptl_crystal.density_diffrn              ? 
_exptl_crystal.density_Matthews            4.83 
_exptl_crystal.density_method              ? 
_exptl_crystal.density_percent_sol         74.54 
_exptl_crystal.description                 ? 
_exptl_crystal.F_000                       ? 
_exptl_crystal.id                          1 
_exptl_crystal.preparation                 ? 
_exptl_crystal.size_max                    ? 
_exptl_crystal.size_mid                    ? 
_exptl_crystal.size_min                    ? 
_exptl_crystal.size_rad                    ? 
_exptl_crystal.colour_lustre               ? 
_exptl_crystal.colour_modifier             ? 
_exptl_crystal.colour_primary              ? 
_exptl_crystal.density_meas                ? 
_exptl_crystal.density_meas_esd            ? 
_exptl_crystal.density_meas_gt             ? 
_exptl_crystal.density_meas_lt             ? 
_exptl_crystal.density_meas_temp           ? 
_exptl_crystal.density_meas_temp_esd       ? 
_exptl_crystal.density_meas_temp_gt        ? 
_exptl_crystal.density_meas_temp_lt        ? 
_exptl_crystal.pdbx_crystal_image_url      ? 
_exptl_crystal.pdbx_crystal_image_format   ? 
_exptl_crystal.pdbx_mosaicity              ? 
_exptl_crystal.pdbx_mosaicity_esd          ? 
# 
_exptl_crystal_grow.apparatus       ? 
_exptl_crystal_grow.atmosphere      ? 
_exptl_crystal_grow.crystal_id      1 
_exptl_crystal_grow.details         ? 
_exptl_crystal_grow.method          'VAPOR DIFFUSION, SITTING DROP' 
_exptl_crystal_grow.method_ref      ? 
_exptl_crystal_grow.pH              ? 
_exptl_crystal_grow.pressure        ? 
_exptl_crystal_grow.pressure_esd    ? 
_exptl_crystal_grow.seeding         ? 
_exptl_crystal_grow.seeding_ref     ? 
_exptl_crystal_grow.temp            298 
_exptl_crystal_grow.temp_details    'temperature gradient generated from 60 to 25 C at 0.3 degrees per hour' 
_exptl_crystal_grow.temp_esd        ? 
_exptl_crystal_grow.time            ? 
_exptl_crystal_grow.pdbx_details    
;0.5 mL of 0.05 M Cacodylate pH 7.0 with 20 mM MgCl2, 1.0 mM spermine, 1.0 mM CoH18N6, and 15% ethanol was added to the reservoir with 2 uL added to the drop containing 4 uL of DNA stock
;
_exptl_crystal_grow.pdbx_pH_range   ? 
# 
_diffrn.ambient_environment              ? 
_diffrn.ambient_temp                     100 
_diffrn.ambient_temp_details             ? 
_diffrn.ambient_temp_esd                 ? 
_diffrn.crystal_id                       1 
_diffrn.crystal_support                  ? 
_diffrn.crystal_treatment                ? 
_diffrn.details                          ? 
_diffrn.id                               1 
_diffrn.ambient_pressure                 ? 
_diffrn.ambient_pressure_esd             ? 
_diffrn.ambient_pressure_gt              ? 
_diffrn.ambient_pressure_lt              ? 
_diffrn.ambient_temp_gt                  ? 
_diffrn.ambient_temp_lt                  ? 
_diffrn.pdbx_serial_crystal_experiment   N 
# 
_diffrn_detector.details                      ? 
_diffrn_detector.detector                     PIXEL 
_diffrn_detector.diffrn_id                    1 
_diffrn_detector.type                         'DECTRIS PILATUS3 6M' 
_diffrn_detector.area_resol_mean              ? 
_diffrn_detector.dtime                        ? 
_diffrn_detector.pdbx_frames_total            ? 
_diffrn_detector.pdbx_collection_time_total   ? 
_diffrn_detector.pdbx_collection_date         2018-08-15 
_diffrn_detector.pdbx_frequency               ? 
# 
_diffrn_radiation.collimation                      ? 
_diffrn_radiation.diffrn_id                        1 
_diffrn_radiation.filter_edge                      ? 
_diffrn_radiation.inhomogeneity                    ? 
_diffrn_radiation.monochromator                    ? 
_diffrn_radiation.polarisn_norm                    ? 
_diffrn_radiation.polarisn_ratio                   ? 
_diffrn_radiation.probe                            ? 
_diffrn_radiation.type                             ? 
_diffrn_radiation.xray_symbol                      ? 
_diffrn_radiation.wavelength_id                    1 
_diffrn_radiation.pdbx_monochromatic_or_laue_m_l   M 
_diffrn_radiation.pdbx_wavelength_list             ? 
_diffrn_radiation.pdbx_wavelength                  ? 
_diffrn_radiation.pdbx_diffrn_protocol             'SINGLE WAVELENGTH' 
_diffrn_radiation.pdbx_analyzer                    ? 
_diffrn_radiation.pdbx_scattering_type             x-ray 
# 
_diffrn_radiation_wavelength.id           1 
_diffrn_radiation_wavelength.wavelength   0.92 
_diffrn_radiation_wavelength.wt           1.0 
# 
_diffrn_source.current                     ? 
_diffrn_source.details                     ? 
_diffrn_source.diffrn_id                   1 
_diffrn_source.power                       ? 
_diffrn_source.size                        ? 
_diffrn_source.source                      SYNCHROTRON 
_diffrn_source.target                      ? 
_diffrn_source.type                        'APS BEAMLINE 19-ID' 
_diffrn_source.voltage                     ? 
_diffrn_source.take-off_angle              ? 
_diffrn_source.pdbx_wavelength_list        0.92 
_diffrn_source.pdbx_wavelength             ? 
_diffrn_source.pdbx_synchrotron_beamline   19-ID 
_diffrn_source.pdbx_synchrotron_site       APS 
# 
_reflns.B_iso_Wilson_estimate            84.930 
_reflns.entry_id                         7JSC 
_reflns.data_reduction_details           ? 
_reflns.data_reduction_method            ? 
_reflns.d_resolution_high                2.950 
_reflns.d_resolution_low                 50.000 
_reflns.details                          ? 
_reflns.limit_h_max                      ? 
_reflns.limit_h_min                      ? 
_reflns.limit_k_max                      ? 
_reflns.limit_k_min                      ? 
_reflns.limit_l_max                      ? 
_reflns.limit_l_min                      ? 
_reflns.number_all                       ? 
_reflns.number_obs                       4983 
_reflns.observed_criterion               ? 
_reflns.observed_criterion_F_max         ? 
_reflns.observed_criterion_F_min         ? 
_reflns.observed_criterion_I_max         ? 
_reflns.observed_criterion_I_min         ? 
_reflns.observed_criterion_sigma_F       ? 
_reflns.observed_criterion_sigma_I       ? 
_reflns.percent_possible_obs             98.500 
_reflns.R_free_details                   ? 
_reflns.Rmerge_F_all                     ? 
_reflns.Rmerge_F_obs                     ? 
_reflns.Friedel_coverage                 ? 
_reflns.number_gt                        ? 
_reflns.threshold_expression             ? 
_reflns.pdbx_redundancy                  10.100 
_reflns.pdbx_Rmerge_I_obs                0.087 
_reflns.pdbx_Rmerge_I_all                ? 
_reflns.pdbx_Rsym_value                  ? 
_reflns.pdbx_netI_over_av_sigmaI         ? 
_reflns.pdbx_netI_over_sigmaI            9.000 
_reflns.pdbx_res_netI_over_av_sigmaI_2   ? 
_reflns.pdbx_res_netI_over_sigmaI_2      ? 
_reflns.pdbx_chi_squared                 3.730 
_reflns.pdbx_scaling_rejects             ? 
_reflns.pdbx_d_res_high_opt              ? 
_reflns.pdbx_d_res_low_opt               ? 
_reflns.pdbx_d_res_opt_method            ? 
_reflns.phase_calculation_details        ? 
_reflns.pdbx_Rrim_I_all                  0.091 
_reflns.pdbx_Rpim_I_all                  0.029 
_reflns.pdbx_d_opt                       ? 
_reflns.pdbx_number_measured_all         50184 
_reflns.pdbx_diffrn_id                   1 
_reflns.pdbx_ordinal                     1 
_reflns.pdbx_CC_half                     ? 
_reflns.pdbx_CC_star                     ? 
_reflns.pdbx_R_split                     ? 
# 
loop_
_reflns_shell.d_res_high 
_reflns_shell.d_res_low 
_reflns_shell.meanI_over_sigI_all 
_reflns_shell.meanI_over_sigI_obs 
_reflns_shell.number_measured_all 
_reflns_shell.number_measured_obs 
_reflns_shell.number_possible 
_reflns_shell.number_unique_all 
_reflns_shell.number_unique_obs 
_reflns_shell.percent_possible_all 
_reflns_shell.percent_possible_obs 
_reflns_shell.Rmerge_F_all 
_reflns_shell.Rmerge_F_obs 
_reflns_shell.Rmerge_I_all 
_reflns_shell.Rmerge_I_obs 
_reflns_shell.meanI_over_sigI_gt 
_reflns_shell.meanI_over_uI_all 
_reflns_shell.meanI_over_uI_gt 
_reflns_shell.number_measured_gt 
_reflns_shell.number_unique_gt 
_reflns_shell.percent_possible_gt 
_reflns_shell.Rmerge_F_gt 
_reflns_shell.Rmerge_I_gt 
_reflns_shell.pdbx_redundancy 
_reflns_shell.pdbx_Rsym_value 
_reflns_shell.pdbx_chi_squared 
_reflns_shell.pdbx_netI_over_sigmaI_all 
_reflns_shell.pdbx_netI_over_sigmaI_obs 
_reflns_shell.pdbx_Rrim_I_all 
_reflns_shell.pdbx_Rpim_I_all 
_reflns_shell.pdbx_rejects 
_reflns_shell.pdbx_ordinal 
_reflns_shell.pdbx_diffrn_id 
_reflns_shell.pdbx_CC_half 
_reflns_shell.pdbx_CC_star 
_reflns_shell.pdbx_R_split 
2.950 3.000  ? ? ? ? ? ? 212 87.600  ? ? ? ? 1.055 ? ? ? ? ? ? ? ? 7.300  ? 0.479  ? ? 1.130 0.392 ? 1  1 0.786 ? ? 
3.000 3.060  ? ? ? ? ? ? 253 93.000  ? ? ? ? 0.503 ? ? ? ? ? ? ? ? 7.800  ? 0.515  ? ? 0.537 0.184 ? 2  1 0.958 ? ? 
3.060 3.110  ? ? ? ? ? ? 221 94.800  ? ? ? ? 0.228 ? ? ? ? ? ? ? ? 9.200  ? 0.657  ? ? 0.240 0.075 ? 3  1 0.994 ? ? 
3.110 3.180  ? ? ? ? ? ? 250 96.900  ? ? ? ? 0.154 ? ? ? ? ? ? ? ? 9.800  ? 1.072  ? ? 0.162 0.049 ? 4  1 0.993 ? ? 
3.180 3.250  ? ? ? ? ? ? 247 100.000 ? ? ? ? 0.121 ? ? ? ? ? ? ? ? 10.100 ? 1.467  ? ? 0.127 0.039 ? 5  1 0.997 ? ? 
3.250 3.320  ? ? ? ? ? ? 270 100.000 ? ? ? ? 0.124 ? ? ? ? ? ? ? ? 10.600 ? 1.133  ? ? 0.130 0.039 ? 6  1 0.997 ? ? 
3.320 3.410  ? ? ? ? ? ? 238 100.000 ? ? ? ? 0.121 ? ? ? ? ? ? ? ? 10.400 ? 3.060  ? ? 0.128 0.041 ? 7  1 0.996 ? ? 
3.410 3.500  ? ? ? ? ? ? 261 100.000 ? ? ? ? 0.104 ? ? ? ? ? ? ? ? 10.500 ? 1.163  ? ? 0.109 0.033 ? 8  1 0.997 ? ? 
3.500 3.600  ? ? ? ? ? ? 248 99.200  ? ? ? ? 0.108 ? ? ? ? ? ? ? ? 10.300 ? 1.521  ? ? 0.114 0.035 ? 9  1 0.998 ? ? 
3.600 3.720  ? ? ? ? ? ? 249 100.000 ? ? ? ? 0.103 ? ? ? ? ? ? ? ? 9.400  ? 0.944  ? ? 0.108 0.035 ? 10 1 0.997 ? ? 
3.720 3.850  ? ? ? ? ? ? 264 100.000 ? ? ? ? 0.122 ? ? ? ? ? ? ? ? 10.000 ? 1.217  ? ? 0.129 0.041 ? 11 1 0.994 ? ? 
3.850 4.000  ? ? ? ? ? ? 249 100.000 ? ? ? ? 0.089 ? ? ? ? ? ? ? ? 10.700 ? 1.010  ? ? 0.093 0.029 ? 12 1 0.997 ? ? 
4.000 4.190  ? ? ? ? ? ? 252 100.000 ? ? ? ? 0.088 ? ? ? ? ? ? ? ? 10.700 ? 1.875  ? ? 0.093 0.029 ? 13 1 0.993 ? ? 
4.190 4.410  ? ? ? ? ? ? 253 99.600  ? ? ? ? 0.084 ? ? ? ? ? ? ? ? 10.900 ? 2.498  ? ? 0.089 0.027 ? 14 1 0.980 ? ? 
4.410 4.680  ? ? ? ? ? ? 249 100.000 ? ? ? ? 0.079 ? ? ? ? ? ? ? ? 10.700 ? 2.386  ? ? 0.083 0.025 ? 15 1 0.990 ? ? 
4.680 5.040  ? ? ? ? ? ? 255 99.600  ? ? ? ? 0.078 ? ? ? ? ? ? ? ? 9.700  ? 3.959  ? ? 0.082 0.026 ? 16 1 0.985 ? ? 
5.040 5.550  ? ? ? ? ? ? 252 100.000 ? ? ? ? 0.072 ? ? ? ? ? ? ? ? 11.200 ? 6.265  ? ? 0.075 0.022 ? 17 1 0.983 ? ? 
5.550 6.350  ? ? ? ? ? ? 251 100.000 ? ? ? ? 0.073 ? ? ? ? ? ? ? ? 10.700 ? 9.637  ? ? 0.076 0.023 ? 18 1 0.981 ? ? 
6.350 8.000  ? ? ? ? ? ? 257 100.000 ? ? ? ? 0.063 ? ? ? ? ? ? ? ? 10.000 ? 12.667 ? ? 0.067 0.021 ? 19 1 0.986 ? ? 
8.000 50.000 ? ? ? ? ? ? 252 98.800  ? ? ? ? 0.088 ? ? ? ? ? ? ? ? 10.600 ? 17.416 ? ? 0.093 0.029 ? 20 1 0.978 ? ? 
# 
_refine.aniso_B[1][1]                            ? 
_refine.aniso_B[1][2]                            ? 
_refine.aniso_B[1][3]                            ? 
_refine.aniso_B[2][2]                            ? 
_refine.aniso_B[2][3]                            ? 
_refine.aniso_B[3][3]                            ? 
_refine.B_iso_max                                198.780 
_refine.B_iso_mean                               118.3173 
_refine.B_iso_min                                54.340 
_refine.correlation_coeff_Fo_to_Fc               ? 
_refine.correlation_coeff_Fo_to_Fc_free          ? 
_refine.details                                  ? 
_refine.diff_density_max                         ? 
_refine.diff_density_max_esd                     ? 
_refine.diff_density_min                         ? 
_refine.diff_density_min_esd                     ? 
_refine.diff_density_rms                         ? 
_refine.diff_density_rms_esd                     ? 
_refine.entry_id                                 7JSC 
_refine.pdbx_refine_id                           'X-RAY DIFFRACTION' 
_refine.ls_abs_structure_details                 ? 
_refine.ls_abs_structure_Flack                   ? 
_refine.ls_abs_structure_Flack_esd               ? 
_refine.ls_abs_structure_Rogers                  ? 
_refine.ls_abs_structure_Rogers_esd              ? 
_refine.ls_d_res_high                            2.9500 
_refine.ls_d_res_low                             35.1190 
_refine.ls_extinction_coef                       ? 
_refine.ls_extinction_coef_esd                   ? 
_refine.ls_extinction_expression                 ? 
_refine.ls_extinction_method                     ? 
_refine.ls_goodness_of_fit_all                   ? 
_refine.ls_goodness_of_fit_all_esd               ? 
_refine.ls_goodness_of_fit_obs                   ? 
_refine.ls_goodness_of_fit_obs_esd               ? 
_refine.ls_hydrogen_treatment                    ? 
_refine.ls_matrix_type                           ? 
_refine.ls_number_constraints                    ? 
_refine.ls_number_parameters                     ? 
_refine.ls_number_reflns_all                     ? 
_refine.ls_number_reflns_obs                     4842 
_refine.ls_number_reflns_R_free                  244 
_refine.ls_number_reflns_R_work                  4598 
_refine.ls_number_restraints                     ? 
_refine.ls_percent_reflns_obs                    95.7300 
_refine.ls_percent_reflns_R_free                 5.0400 
_refine.ls_R_factor_all                          ? 
_refine.ls_R_factor_obs                          0.2575 
_refine.ls_R_factor_R_free                       0.2780 
_refine.ls_R_factor_R_free_error                 ? 
_refine.ls_R_factor_R_free_error_details         ? 
_refine.ls_R_factor_R_work                       0.2561 
_refine.ls_R_Fsqd_factor_obs                     ? 
_refine.ls_R_I_factor_obs                        ? 
_refine.ls_redundancy_reflns_all                 ? 
_refine.ls_redundancy_reflns_obs                 ? 
_refine.ls_restrained_S_all                      ? 
_refine.ls_restrained_S_obs                      ? 
_refine.ls_shift_over_esd_max                    ? 
_refine.ls_shift_over_esd_mean                   ? 
_refine.ls_structure_factor_coef                 ? 
_refine.ls_weighting_details                     ? 
_refine.ls_weighting_scheme                      ? 
_refine.ls_wR_factor_all                         ? 
_refine.ls_wR_factor_obs                         ? 
_refine.ls_wR_factor_R_free                      ? 
_refine.ls_wR_factor_R_work                      ? 
_refine.occupancy_max                            ? 
_refine.occupancy_min                            ? 
_refine.solvent_model_details                    'FLAT BULK SOLVENT MODEL' 
_refine.solvent_model_param_bsol                 ? 
_refine.solvent_model_param_ksol                 ? 
_refine.pdbx_R_complete                          ? 
_refine.ls_R_factor_gt                           ? 
_refine.ls_goodness_of_fit_gt                    ? 
_refine.ls_goodness_of_fit_ref                   ? 
_refine.ls_shift_over_su_max                     ? 
_refine.ls_shift_over_su_max_lt                  ? 
_refine.ls_shift_over_su_mean                    ? 
_refine.ls_shift_over_su_mean_lt                 ? 
_refine.pdbx_ls_sigma_I                          ? 
_refine.pdbx_ls_sigma_F                          1.990 
_refine.pdbx_ls_sigma_Fsqd                       ? 
_refine.pdbx_data_cutoff_high_absF               ? 
_refine.pdbx_data_cutoff_high_rms_absF           ? 
_refine.pdbx_data_cutoff_low_absF                ? 
_refine.pdbx_isotropic_thermal_model             ? 
_refine.pdbx_ls_cross_valid_method               THROUGHOUT 
_refine.pdbx_method_to_determine_struct          'MOLECULAR REPLACEMENT' 
_refine.pdbx_starting_model                      5VY6 
_refine.pdbx_stereochemistry_target_values       ML 
_refine.pdbx_R_Free_selection_details            ? 
_refine.pdbx_stereochem_target_val_spec_case     ? 
_refine.pdbx_overall_ESU_R                       ? 
_refine.pdbx_overall_ESU_R_Free                  ? 
_refine.pdbx_solvent_vdw_probe_radii             1.1100 
_refine.pdbx_solvent_ion_probe_radii             ? 
_refine.pdbx_solvent_shrinkage_radii             0.9000 
_refine.pdbx_real_space_R                        ? 
_refine.pdbx_density_correlation                 ? 
_refine.pdbx_pd_number_of_powder_patterns        ? 
_refine.pdbx_pd_number_of_points                 ? 
_refine.pdbx_pd_meas_number_of_points            ? 
_refine.pdbx_pd_proc_ls_prof_R_factor            ? 
_refine.pdbx_pd_proc_ls_prof_wR_factor           ? 
_refine.pdbx_pd_Marquardt_correlation_coeff      ? 
_refine.pdbx_pd_Fsqrd_R_factor                   ? 
_refine.pdbx_pd_ls_matrix_band_width             ? 
_refine.pdbx_overall_phase_error                 37.9100 
_refine.pdbx_overall_SU_R_free_Cruickshank_DPI   ? 
_refine.pdbx_overall_SU_R_free_Blow_DPI          ? 
_refine.pdbx_overall_SU_R_Blow_DPI               ? 
_refine.pdbx_TLS_residual_ADP_flag               ? 
_refine.pdbx_diffrn_id                           1 
_refine.overall_SU_B                             ? 
_refine.overall_SU_ML                            0.5800 
_refine.overall_SU_R_Cruickshank_DPI             ? 
_refine.overall_SU_R_free                        ? 
_refine.overall_FOM_free_R_set                   ? 
_refine.overall_FOM_work_R_set                   ? 
_refine.pdbx_average_fsc_overall                 ? 
_refine.pdbx_average_fsc_work                    ? 
_refine.pdbx_average_fsc_free                    ? 
# 
_refine_hist.pdbx_refine_id                   'X-RAY DIFFRACTION' 
_refine_hist.cycle_id                         final 
_refine_hist.details                          ? 
_refine_hist.d_res_high                       2.9500 
_refine_hist.d_res_low                        35.1190 
_refine_hist.number_atoms_solvent             0 
_refine_hist.number_atoms_total               859 
_refine_hist.number_reflns_all                ? 
_refine_hist.number_reflns_obs                ? 
_refine_hist.number_reflns_R_free             ? 
_refine_hist.number_reflns_R_work             ? 
_refine_hist.R_factor_all                     ? 
_refine_hist.R_factor_obs                     ? 
_refine_hist.R_factor_R_free                  ? 
_refine_hist.R_factor_R_work                  ? 
_refine_hist.pdbx_number_residues_total       42 
_refine_hist.pdbx_B_iso_mean_ligand           151.84 
_refine_hist.pdbx_B_iso_mean_solvent          ? 
_refine_hist.pdbx_number_atoms_protein        0 
_refine_hist.pdbx_number_atoms_nucleic_acid   858 
_refine_hist.pdbx_number_atoms_ligand         1 
_refine_hist.pdbx_number_atoms_lipid          ? 
_refine_hist.pdbx_number_atoms_carb           ? 
_refine_hist.pdbx_pseudo_atom_details         ? 
# 
loop_
_refine_ls_restr.pdbx_refine_id 
_refine_ls_restr.criterion 
_refine_ls_restr.dev_ideal 
_refine_ls_restr.dev_ideal_target 
_refine_ls_restr.number 
_refine_ls_restr.rejects 
_refine_ls_restr.type 
_refine_ls_restr.weight 
_refine_ls_restr.pdbx_restraint_function 
'X-RAY DIFFRACTION' ? 0.005  ? 960  ? f_bond_d           ? ? 
'X-RAY DIFFRACTION' ? 0.744  ? 1474 ? f_angle_d          ? ? 
'X-RAY DIFFRACTION' ? 0.044  ? 166  ? f_chiral_restr     ? ? 
'X-RAY DIFFRACTION' ? 0.004  ? 42   ? f_plane_restr      ? ? 
'X-RAY DIFFRACTION' ? 33.627 ? 406  ? f_dihedral_angle_d ? ? 
# 
loop_
_refine_ls_shell.pdbx_refine_id 
_refine_ls_shell.d_res_high 
_refine_ls_shell.d_res_low 
_refine_ls_shell.number_reflns_all 
_refine_ls_shell.number_reflns_obs 
_refine_ls_shell.number_reflns_R_free 
_refine_ls_shell.number_reflns_R_work 
_refine_ls_shell.percent_reflns_obs 
_refine_ls_shell.percent_reflns_R_free 
_refine_ls_shell.R_factor_all 
_refine_ls_shell.R_factor_obs 
_refine_ls_shell.R_factor_R_free 
_refine_ls_shell.R_factor_R_free_error 
_refine_ls_shell.R_factor_R_work 
_refine_ls_shell.redundancy_reflns_all 
_refine_ls_shell.redundancy_reflns_obs 
_refine_ls_shell.wR_factor_all 
_refine_ls_shell.wR_factor_obs 
_refine_ls_shell.wR_factor_R_free 
_refine_ls_shell.wR_factor_R_work 
_refine_ls_shell.pdbx_R_complete 
_refine_ls_shell.pdbx_total_number_of_bins_used 
_refine_ls_shell.pdbx_phase_error 
_refine_ls_shell.pdbx_fsc_work 
_refine_ls_shell.pdbx_fsc_free 
'X-RAY DIFFRACTION' 2.9502 3.7163 . . 116 2196 92.0000  . . . 0.4219 0.0000 0.3504 . . . . . . . . . . . 
'X-RAY DIFFRACTION' 3.7163 35.119 . . 128 2402 100.0000 . . . 0.2550 0.0000 0.2348 . . . . . . . . . . . 
# 
_struct.entry_id                     7JSC 
_struct.title                        
;Self-assembly of a 3D DNA crystal lattice (4x6 scramble duplex version) containing the J31 immobile Holliday junction with R3 symmetry
;
_struct.pdbx_model_details           ? 
_struct.pdbx_formula_weight          ? 
_struct.pdbx_formula_weight_method   ? 
_struct.pdbx_model_type_details      ? 
_struct.pdbx_CASP_flag               N 
# 
_struct_keywords.entry_id        7JSC 
_struct_keywords.text            
'Structural DNA nanotechnology, immobile Holliday junctions, 3D DNA self-assembly, designer DNA crystals, DNA' 
_struct_keywords.pdbx_keywords   DNA 
# 
loop_
_struct_asym.id 
_struct_asym.pdbx_blank_PDB_chainid_flag 
_struct_asym.pdbx_modified 
_struct_asym.entity_id 
_struct_asym.details 
A N N 1 ? 
B N N 2 ? 
C N N 3 ? 
D N N 4 ? 
E N N 5 ? 
# 
loop_
_struct_conn.id 
_struct_conn.conn_type_id 
_struct_conn.pdbx_leaving_atom_flag 
_struct_conn.pdbx_PDB_id 
_struct_conn.ptnr1_label_asym_id 
_struct_conn.ptnr1_label_comp_id 
_struct_conn.ptnr1_label_seq_id 
_struct_conn.ptnr1_label_atom_id 
_struct_conn.pdbx_ptnr1_label_alt_id 
_struct_conn.pdbx_ptnr1_PDB_ins_code 
_struct_conn.pdbx_ptnr1_standard_comp_id 
_struct_conn.ptnr1_symmetry 
_struct_conn.ptnr2_label_asym_id 
_struct_conn.ptnr2_label_comp_id 
_struct_conn.ptnr2_label_seq_id 
_struct_conn.ptnr2_label_atom_id 
_struct_conn.pdbx_ptnr2_label_alt_id 
_struct_conn.pdbx_ptnr2_PDB_ins_code 
_struct_conn.ptnr1_auth_asym_id 
_struct_conn.ptnr1_auth_comp_id 
_struct_conn.ptnr1_auth_seq_id 
_struct_conn.ptnr2_auth_asym_id 
_struct_conn.ptnr2_auth_comp_id 
_struct_conn.ptnr2_auth_seq_id 
_struct_conn.ptnr2_symmetry 
_struct_conn.pdbx_ptnr3_label_atom_id 
_struct_conn.pdbx_ptnr3_label_seq_id 
_struct_conn.pdbx_ptnr3_label_comp_id 
_struct_conn.pdbx_ptnr3_label_asym_id 
_struct_conn.pdbx_ptnr3_label_alt_id 
_struct_conn.pdbx_ptnr3_PDB_ins_code 
_struct_conn.details 
_struct_conn.pdbx_dist_value 
_struct_conn.pdbx_value_order 
_struct_conn.pdbx_role 
hydrog1  hydrog ? ? A DA 3  N1 ? ? ? 1_555 C DT 7 N3 ? ? B DA 9  D DT 42 1_555 ? ? ? ? ? ? 'DA-DT PAIR' ? ? ? 
hydrog2  hydrog ? ? A DC 4  N4 ? ? ? 1_555 C DG 6 O6 ? ? B DC 10 D DG 41 1_555 ? ? ? ? ? ? 'DC-DG PAIR' ? ? ? 
hydrog3  hydrog ? ? A DG 5  N1 ? ? ? 1_555 C DC 5 N3 ? ? B DG 11 D DC 40 1_555 ? ? ? ? ? ? WATSON-CRICK ? ? ? 
hydrog4  hydrog ? ? A DG 5  N2 ? ? ? 1_555 C DC 5 O2 ? ? B DG 11 D DC 40 1_555 ? ? ? ? ? ? WATSON-CRICK ? ? ? 
hydrog5  hydrog ? ? A DG 5  O6 ? ? ? 1_555 C DC 5 N4 ? ? B DG 11 D DC 40 1_555 ? ? ? ? ? ? WATSON-CRICK ? ? ? 
hydrog6  hydrog ? ? A DA 6  N1 ? ? ? 1_555 C DT 4 N3 ? ? B DA 12 D DT 39 1_555 ? ? ? ? ? ? WATSON-CRICK ? ? ? 
hydrog7  hydrog ? ? A DA 6  N6 ? ? ? 1_555 C DT 4 O4 ? ? B DA 12 D DT 39 1_555 ? ? ? ? ? ? WATSON-CRICK ? ? ? 
hydrog8  hydrog ? ? A DC 7  N3 ? ? ? 1_555 C DG 3 N1 ? ? B DC 13 D DG 38 1_555 ? ? ? ? ? ? WATSON-CRICK ? ? ? 
hydrog9  hydrog ? ? A DC 7  N4 ? ? ? 1_555 C DG 3 O6 ? ? B DC 13 D DG 38 1_555 ? ? ? ? ? ? WATSON-CRICK ? ? ? 
hydrog10 hydrog ? ? A DC 7  O2 ? ? ? 1_555 C DG 3 N2 ? ? B DC 13 D DG 38 1_555 ? ? ? ? ? ? WATSON-CRICK ? ? ? 
hydrog11 hydrog ? ? A DA 8  N1 ? ? ? 1_555 C DT 2 N3 ? ? B DA 14 D DT 37 1_555 ? ? ? ? ? ? WATSON-CRICK ? ? ? 
hydrog12 hydrog ? ? A DA 8  N6 ? ? ? 1_555 C DT 2 O4 ? ? B DA 14 D DT 37 1_555 ? ? ? ? ? ? WATSON-CRICK ? ? ? 
hydrog13 hydrog ? ? A DC 9  N3 ? ? ? 1_555 C DG 1 N1 ? ? B DC 15 D DG 36 1_555 ? ? ? ? ? ? WATSON-CRICK ? ? ? 
hydrog14 hydrog ? ? A DC 9  N4 ? ? ? 1_555 C DG 1 O6 ? ? B DC 15 D DG 36 1_555 ? ? ? ? ? ? WATSON-CRICK ? ? ? 
hydrog15 hydrog ? ? A DC 9  O2 ? ? ? 1_555 C DG 1 N2 ? ? B DC 15 D DG 36 1_555 ? ? ? ? ? ? WATSON-CRICK ? ? ? 
hydrog16 hydrog ? ? A DA 10 N1 ? ? ? 1_555 D DT 6 N3 ? ? B DA 16 A DT 6  1_555 ? ? ? ? ? ? WATSON-CRICK ? ? ? 
hydrog17 hydrog ? ? A DA 10 N6 ? ? ? 1_555 D DT 6 O4 ? ? B DA 16 A DT 6  1_555 ? ? ? ? ? ? WATSON-CRICK ? ? ? 
hydrog18 hydrog ? ? A DG 11 N1 ? ? ? 1_555 D DC 5 N3 ? ? B DG 17 A DC 5  1_555 ? ? ? ? ? ? WATSON-CRICK ? ? ? 
hydrog19 hydrog ? ? A DG 11 N2 ? ? ? 1_555 D DC 5 O2 ? ? B DG 17 A DC 5  1_555 ? ? ? ? ? ? WATSON-CRICK ? ? ? 
hydrog20 hydrog ? ? A DG 11 O6 ? ? ? 1_555 D DC 5 N4 ? ? B DG 17 A DC 5  1_555 ? ? ? ? ? ? WATSON-CRICK ? ? ? 
hydrog21 hydrog ? ? A DA 12 N1 ? ? ? 1_555 D DT 4 N3 ? ? B DA 18 A DT 4  1_555 ? ? ? ? ? ? WATSON-CRICK ? ? ? 
hydrog22 hydrog ? ? A DA 12 N6 ? ? ? 1_555 D DT 4 O4 ? ? B DA 18 A DT 4  1_555 ? ? ? ? ? ? WATSON-CRICK ? ? ? 
hydrog23 hydrog ? ? A DC 13 N3 ? ? ? 1_555 D DG 3 N1 ? ? B DC 19 A DG 3  1_555 ? ? ? ? ? ? WATSON-CRICK ? ? ? 
hydrog24 hydrog ? ? A DC 13 N4 ? ? ? 1_555 D DG 3 O6 ? ? B DC 19 A DG 3  1_555 ? ? ? ? ? ? WATSON-CRICK ? ? ? 
hydrog25 hydrog ? ? A DC 13 O2 ? ? ? 1_555 D DG 3 N2 ? ? B DC 19 A DG 3  1_555 ? ? ? ? ? ? WATSON-CRICK ? ? ? 
hydrog26 hydrog ? ? A DG 14 N1 ? ? ? 1_555 D DC 2 N3 ? ? B DG 20 A DC 2  1_555 ? ? ? ? ? ? WATSON-CRICK ? ? ? 
hydrog27 hydrog ? ? A DG 14 N2 ? ? ? 1_555 D DC 2 O2 ? ? B DG 20 A DC 2  1_555 ? ? ? ? ? ? WATSON-CRICK ? ? ? 
hydrog28 hydrog ? ? A DG 14 O6 ? ? ? 1_555 D DC 2 N4 ? ? B DG 20 A DC 2  1_555 ? ? ? ? ? ? WATSON-CRICK ? ? ? 
hydrog29 hydrog ? ? A DG 15 N1 ? ? ? 1_555 D DC 1 N3 ? ? B DG 21 A DC 1  1_555 ? ? ? ? ? ? WATSON-CRICK ? ? ? 
hydrog30 hydrog ? ? A DG 15 N2 ? ? ? 1_555 D DC 1 O2 ? ? B DG 21 A DC 1  1_555 ? ? ? ? ? ? WATSON-CRICK ? ? ? 
hydrog31 hydrog ? ? A DG 15 O6 ? ? ? 1_555 D DC 1 N4 ? ? B DG 21 A DC 1  1_555 ? ? ? ? ? ? WATSON-CRICK ? ? ? 
hydrog32 hydrog ? ? A DC 16 N3 ? ? ? 1_555 B DG 8 N1 ? ? B DC 22 C DG 35 1_555 ? ? ? ? ? ? WATSON-CRICK ? ? ? 
hydrog33 hydrog ? ? A DC 16 N4 ? ? ? 1_555 B DG 8 O6 ? ? B DC 22 C DG 35 1_555 ? ? ? ? ? ? WATSON-CRICK ? ? ? 
hydrog34 hydrog ? ? A DC 16 O2 ? ? ? 1_555 B DG 8 N2 ? ? B DC 22 C DG 35 1_555 ? ? ? ? ? ? WATSON-CRICK ? ? ? 
hydrog35 hydrog ? ? A DG 17 N1 ? ? ? 1_555 B DC 7 N3 ? ? B DG 23 C DC 34 1_555 ? ? ? ? ? ? WATSON-CRICK ? ? ? 
hydrog36 hydrog ? ? A DG 17 N2 ? ? ? 1_555 B DC 7 O2 ? ? B DG 23 C DC 34 1_555 ? ? ? ? ? ? WATSON-CRICK ? ? ? 
hydrog37 hydrog ? ? A DG 17 O6 ? ? ? 1_555 B DC 7 N4 ? ? B DG 23 C DC 34 1_555 ? ? ? ? ? ? WATSON-CRICK ? ? ? 
hydrog38 hydrog ? ? A DA 18 N1 ? ? ? 1_555 B DG 5 N1 ? ? B DA 24 C DG 32 1_555 ? ? ? ? ? ? TYPE_8_PAIR  ? ? ? 
hydrog39 hydrog ? ? A DA 18 N6 ? ? ? 1_555 B DG 5 O6 ? ? B DA 24 C DG 32 1_555 ? ? ? ? ? ? TYPE_8_PAIR  ? ? ? 
hydrog40 hydrog ? ? A DA 18 N1 ? ? ? 1_555 B DT 6 N3 ? ? B DA 24 C DT 33 1_555 ? ? ? ? ? ? WATSON-CRICK ? ? ? 
hydrog41 hydrog ? ? A DA 18 N6 ? ? ? 1_555 B DT 6 O4 ? ? B DA 24 C DT 33 1_555 ? ? ? ? ? ? WATSON-CRICK ? ? ? 
hydrog42 hydrog ? ? A DG 19 N1 ? ? ? 1_555 B DA 4 N1 ? ? B DG 25 C DA 31 1_555 ? ? ? ? ? ? TYPE_8_PAIR  ? ? ? 
hydrog43 hydrog ? ? A DG 19 O6 ? ? ? 1_555 B DA 4 N6 ? ? B DG 25 C DA 31 1_555 ? ? ? ? ? ? TYPE_8_PAIR  ? ? ? 
hydrog44 hydrog ? ? A DG 19 N2 ? ? ? 1_555 B DG 5 N3 ? ? B DG 25 C DG 32 1_555 ? ? ? ? ? ? TYPE_4_PAIR  ? ? ? 
hydrog45 hydrog ? ? A DG 19 N3 ? ? ? 1_555 B DG 5 N2 ? ? B DG 25 C DG 32 1_555 ? ? ? ? ? ? TYPE_4_PAIR  ? ? ? 
hydrog46 hydrog ? ? A DT 20 N3 ? ? ? 1_555 B DA 4 N1 ? ? B DT 26 C DA 31 1_555 ? ? ? ? ? ? WATSON-CRICK ? ? ? 
hydrog47 hydrog ? ? A DT 20 O4 ? ? ? 1_555 B DA 4 N6 ? ? B DT 26 C DA 31 1_555 ? ? ? ? ? ? WATSON-CRICK ? ? ? 
hydrog48 hydrog ? ? A DC 21 N3 ? ? ? 1_555 B DG 3 N1 ? ? B DC 27 C DG 30 1_555 ? ? ? ? ? ? WATSON-CRICK ? ? ? 
hydrog49 hydrog ? ? A DC 21 N4 ? ? ? 1_555 B DG 3 O6 ? ? B DC 27 C DG 30 1_555 ? ? ? ? ? ? WATSON-CRICK ? ? ? 
hydrog50 hydrog ? ? A DC 21 O2 ? ? ? 1_555 B DG 3 N2 ? ? B DC 27 C DG 30 1_555 ? ? ? ? ? ? WATSON-CRICK ? ? ? 
# 
_struct_conn_type.id          hydrog 
_struct_conn_type.criteria    ? 
_struct_conn_type.reference   ? 
# 
_atom_sites.entry_id                    7JSC 
_atom_sites.Cartn_transf_matrix[1][1]   ? 
_atom_sites.Cartn_transf_matrix[1][2]   ? 
_atom_sites.Cartn_transf_matrix[1][3]   ? 
_atom_sites.Cartn_transf_matrix[2][1]   ? 
_atom_sites.Cartn_transf_matrix[2][2]   ? 
_atom_sites.Cartn_transf_matrix[2][3]   ? 
_atom_sites.Cartn_transf_matrix[3][1]   ? 
_atom_sites.Cartn_transf_matrix[3][2]   ? 
_atom_sites.Cartn_transf_matrix[3][3]   ? 
_atom_sites.Cartn_transf_vector[1]      ? 
_atom_sites.Cartn_transf_vector[2]      ? 
_atom_sites.Cartn_transf_vector[3]      ? 
_atom_sites.fract_transf_matrix[1][1]   -0.00796485 
_atom_sites.fract_transf_matrix[1][2]   -0.00383680 
_atom_sites.fract_transf_matrix[1][3]   0.00510434 
_atom_sites.fract_transf_matrix[2][1]   -0.00002449 
_atom_sites.fract_transf_matrix[2][2]   0.00005152 
_atom_sites.fract_transf_matrix[2][3]   0.01020884 
_atom_sites.fract_transf_matrix[3][1]   -0.00867085 
_atom_sites.fract_transf_matrix[3][2]   0.01785238 
_atom_sites.fract_transf_matrix[3][3]   -0.00011089 
_atom_sites.fract_transf_vector[1]      0.343162 
_atom_sites.fract_transf_vector[2]      -0.070261 
_atom_sites.fract_transf_vector[3]      0.226446 
_atom_sites.solution_primary            ? 
_atom_sites.solution_secondary          ? 
_atom_sites.solution_hydrogens          ? 
_atom_sites.special_details             ? 
# 
loop_
_atom_type.symbol 
AS 
C  
H  
N  
O  
P  
# 
loop_
_atom_site.group_PDB 
_atom_site.id 
_atom_site.type_symbol 
_atom_site.label_atom_id 
_atom_site.label_alt_id 
_atom_site.label_comp_id 
_atom_site.label_asym_id 
_atom_site.label_entity_id 
_atom_site.label_seq_id 
_atom_site.pdbx_PDB_ins_code 
_atom_site.Cartn_x 
_atom_site.Cartn_y 
_atom_site.Cartn_z 
_atom_site.occupancy 
_atom_site.B_iso_or_equiv 
_atom_site.pdbx_formal_charge 
_atom_site.auth_seq_id 
_atom_site.auth_comp_id 
_atom_site.auth_asym_id 
_atom_site.auth_atom_id 
_atom_site.pdbx_PDB_model_num 
ATOM   1    O  "O5'"  . DG  A 1 1  ? -26.537 2.564   21.282  1.00 150.92 ? 7   DG  B "O5'"  1 
ATOM   2    C  "C5'"  . DG  A 1 1  ? -27.041 2.210   22.565  1.00 145.06 ? 7   DG  B "C5'"  1 
ATOM   3    C  "C4'"  . DG  A 1 1  ? -27.314 0.717   22.650  1.00 139.56 ? 7   DG  B "C4'"  1 
ATOM   4    O  "O4'"  . DG  A 1 1  ? -28.344 0.361   21.700  1.00 135.69 ? 7   DG  B "O4'"  1 
ATOM   5    C  "C3'"  . DG  A 1 1  ? -26.113 -0.179  22.325  1.00 149.07 ? 7   DG  B "C3'"  1 
ATOM   6    O  "O3'"  . DG  A 1 1  ? -25.674 -0.871  23.488  1.00 153.75 ? 7   DG  B "O3'"  1 
ATOM   7    C  "C2'"  . DG  A 1 1  ? -26.617 -1.140  21.239  1.00 143.73 ? 7   DG  B "C2'"  1 
ATOM   8    C  "C1'"  . DG  A 1 1  ? -28.123 -0.954  21.258  1.00 123.18 ? 7   DG  B "C1'"  1 
ATOM   9    N  N9     . DG  A 1 1  ? -28.764 -1.126  19.956  1.00 117.52 ? 7   DG  B N9     1 
ATOM   10   C  C8     . DG  A 1 1  ? -29.139 -0.133  19.083  1.00 121.06 ? 7   DG  B C8     1 
ATOM   11   N  N7     . DG  A 1 1  ? -29.707 -0.582  17.997  1.00 120.03 ? 7   DG  B N7     1 
ATOM   12   C  C5     . DG  A 1 1  ? -29.713 -1.961  18.161  1.00 120.68 ? 7   DG  B C5     1 
ATOM   13   C  C6     . DG  A 1 1  ? -30.201 -2.978  17.306  1.00 123.56 ? 7   DG  B C6     1 
ATOM   14   O  O6     . DG  A 1 1  ? -30.742 -2.855  16.197  1.00 134.97 ? 7   DG  B O6     1 
ATOM   15   N  N1     . DG  A 1 1  ? -30.011 -4.247  17.852  1.00 117.79 ? 7   DG  B N1     1 
ATOM   16   C  C2     . DG  A 1 1  ? -29.422 -4.499  19.070  1.00 119.94 ? 7   DG  B C2     1 
ATOM   17   N  N2     . DG  A 1 1  ? -29.325 -5.788  19.427  1.00 121.20 ? 7   DG  B N2     1 
ATOM   18   N  N3     . DG  A 1 1  ? -28.959 -3.554  19.881  1.00 118.47 ? 7   DG  B N3     1 
ATOM   19   C  C4     . DG  A 1 1  ? -29.138 -2.313  19.364  1.00 117.56 ? 7   DG  B C4     1 
ATOM   20   H  "H5'"  . DG  A 1 1  ? -27.865 2.693   22.727  1.00 174.52 ? 7   DG  B "H5'"  1 
ATOM   21   H  "H5''" . DG  A 1 1  ? -26.390 2.454   23.241  1.00 174.52 ? 7   DG  B "H5''" 1 
ATOM   22   H  "H4'"  . DG  A 1 1  ? -27.627 0.507   23.545  1.00 167.92 ? 7   DG  B "H4'"  1 
ATOM   23   H  "H3'"  . DG  A 1 1  ? -25.389 0.361   21.973  1.00 179.33 ? 7   DG  B "H3'"  1 
ATOM   24   H  "H2'"  . DG  A 1 1  ? -26.255 -0.896  20.374  1.00 172.93 ? 7   DG  B "H2'"  1 
ATOM   25   H  "H2''" . DG  A 1 1  ? -26.384 -2.055  21.462  1.00 172.93 ? 7   DG  B "H2''" 1 
ATOM   26   H  "H1'"  . DG  A 1 1  ? -28.514 -1.575  21.893  1.00 148.27 ? 7   DG  B "H1'"  1 
ATOM   27   H  H8     . DG  A 1 1  ? -29.000 0.772   19.250  1.00 145.71 ? 7   DG  B H8     1 
ATOM   28   H  H1     . DG  A 1 1  ? -30.281 -4.923  17.393  1.00 141.79 ? 7   DG  B H1     1 
ATOM   29   H  H21    . DG  A 1 1  ? -28.966 -6.000  20.180  1.00 145.88 ? 7   DG  B H21    1 
ATOM   30   H  H22    . DG  A 1 1  ? -29.623 -6.403  18.905  1.00 145.88 ? 7   DG  B H22    1 
ATOM   31   H  "HO5'" . DG  A 1 1  ? -26.352 3.366   21.110  1.00 181.56 ? 7   DG  B "HO5'" 1 
ATOM   32   P  P      . DA  A 1 2  ? -24.224 -1.565  23.513  1.00 154.43 ? 8   DA  B P      1 
ATOM   33   O  OP1    . DA  A 1 2  ? -23.926 -1.936  24.915  1.00 155.35 ? 8   DA  B OP1    1 
ATOM   34   O  OP2    . DA  A 1 2  ? -23.297 -0.677  22.777  1.00 148.53 ? 8   DA  B OP2    1 
ATOM   35   O  "O5'"  . DA  A 1 2  ? -24.420 -2.904  22.657  1.00 140.17 ? 8   DA  B "O5'"  1 
ATOM   36   C  "C5'"  . DA  A 1 2  ? -23.297 -3.728  22.364  1.00 147.32 ? 8   DA  B "C5'"  1 
ATOM   37   C  "C4'"  . DA  A 1 2  ? -23.703 -5.187  22.245  1.00 136.19 ? 8   DA  B "C4'"  1 
ATOM   38   O  "O4'"  . DA  A 1 2  ? -24.957 -5.288  21.529  1.00 122.33 ? 8   DA  B "O4'"  1 
ATOM   39   C  "C3'"  . DA  A 1 2  ? -22.726 -6.062  21.476  1.00 128.59 ? 8   DA  B "C3'"  1 
ATOM   40   O  "O3'"  . DA  A 1 2  ? -22.705 -7.383  22.008  1.00 137.96 ? 8   DA  B "O3'"  1 
ATOM   41   C  "C2'"  . DA  A 1 2  ? -23.247 -6.017  20.039  1.00 125.22 ? 8   DA  B "C2'"  1 
ATOM   42   C  "C1'"  . DA  A 1 2  ? -24.730 -5.671  20.183  1.00 123.65 ? 8   DA  B "C1'"  1 
ATOM   43   N  N9     . DA  A 1 2  ? -25.161 -4.576  19.320  1.00 119.60 ? 8   DA  B N9     1 
ATOM   44   C  C8     . DA  A 1 2  ? -24.932 -3.243  19.511  1.00 122.94 ? 8   DA  B C8     1 
ATOM   45   N  N7     . DA  A 1 2  ? -25.444 -2.478  18.578  1.00 119.24 ? 8   DA  B N7     1 
ATOM   46   C  C5     . DA  A 1 2  ? -26.052 -3.370  17.713  1.00 117.73 ? 8   DA  B C5     1 
ATOM   47   C  C6     . DA  A 1 2  ? -26.774 -3.187  16.517  1.00 125.92 ? 8   DA  B C6     1 
ATOM   48   N  N6     . DA  A 1 2  ? -27.005 -1.986  15.973  1.00 137.76 ? 8   DA  B N6     1 
ATOM   49   N  N1     . DA  A 1 2  ? -27.247 -4.290  15.898  1.00 117.17 ? 8   DA  B N1     1 
ATOM   50   C  C2     . DA  A 1 2  ? -27.011 -5.488  16.446  1.00 115.56 ? 8   DA  B C2     1 
ATOM   51   N  N3     . DA  A 1 2  ? -26.344 -5.784  17.563  1.00 115.30 ? 8   DA  B N3     1 
ATOM   52   C  C4     . DA  A 1 2  ? -25.887 -4.669  18.155  1.00 115.49 ? 8   DA  B C4     1 
ATOM   53   H  "H5'"  . DA  A 1 2  ? -22.643 -3.638  23.075  1.00 177.23 ? 8   DA  B "H5'"  1 
ATOM   54   H  "H5''" . DA  A 1 2  ? -22.900 -3.440  21.527  1.00 177.23 ? 8   DA  B "H5''" 1 
ATOM   55   H  "H4'"  . DA  A 1 2  ? -23.820 -5.554  23.134  1.00 163.88 ? 8   DA  B "H4'"  1 
ATOM   56   H  "H3'"  . DA  A 1 2  ? -21.838 -5.675  21.516  1.00 154.76 ? 8   DA  B "H3'"  1 
ATOM   57   H  "H2'"  . DA  A 1 2  ? -22.787 -5.329  19.534  1.00 150.71 ? 8   DA  B "H2'"  1 
ATOM   58   H  "H2''" . DA  A 1 2  ? -23.141 -6.881  19.613  1.00 150.71 ? 8   DA  B "H2''" 1 
ATOM   59   H  "H1'"  . DA  A 1 2  ? -25.260 -6.459  19.984  1.00 148.82 ? 8   DA  B "H1'"  1 
ATOM   60   H  H8     . DA  A 1 2  ? -24.459 -2.909  20.240  1.00 147.98 ? 8   DA  B H8     1 
ATOM   61   H  H61    . DA  A 1 2  ? -27.444 -1.926  15.235  1.00 165.76 ? 8   DA  B H61    1 
ATOM   62   H  H62    . DA  A 1 2  ? -26.715 -1.276  16.361  1.00 165.76 ? 8   DA  B H62    1 
ATOM   63   H  H2     . DA  A 1 2  ? -27.355 -6.216  15.981  1.00 139.12 ? 8   DA  B H2     1 
ATOM   64   P  P      . DA  A 1 3  ? -21.903 -8.553  21.251  1.00 155.61 ? 9   DA  B P      1 
ATOM   65   O  OP1    . DA  A 1 3  ? -21.485 -9.543  22.270  1.00 132.25 ? 9   DA  B OP1    1 
ATOM   66   O  OP2    . DA  A 1 3  ? -20.893 -7.908  20.382  1.00 137.71 ? 9   DA  B OP2    1 
ATOM   67   O  "O5'"  . DA  A 1 3  ? -23.005 -9.205  20.290  1.00 146.93 ? 9   DA  B "O5'"  1 
ATOM   68   C  "C5'"  . DA  A 1 3  ? -22.858 -10.548 19.841  1.00 140.11 ? 9   DA  B "C5'"  1 
ATOM   69   C  "C4'"  . DA  A 1 3  ? -22.829 -10.617 18.322  1.00 129.90 ? 9   DA  B "C4'"  1 
ATOM   70   O  "O4'"  . DA  A 1 3  ? -23.675 -9.587  17.768  1.00 126.95 ? 9   DA  B "O4'"  1 
ATOM   71   C  "C3'"  . DA  A 1 3  ? -21.474 -10.362 17.689  1.00 123.23 ? 9   DA  B "C3'"  1 
ATOM   72   O  "O3'"  . DA  A 1 3  ? -20.642 -11.563 17.682  1.00 124.86 ? 9   DA  B "O3'"  1 
ATOM   73   C  "C2'"  . DA  A 1 3  ? -21.837 -9.855  16.286  1.00 115.76 ? 9   DA  B "C2'"  1 
ATOM   74   C  "C1'"  . DA  A 1 3  ? -23.276 -9.339  16.433  1.00 110.71 ? 9   DA  B "C1'"  1 
ATOM   75   N  N9     . DA  A 1 3  ? -23.433 -7.911  16.162  1.00 112.69 ? 9   DA  B N9     1 
ATOM   76   C  C8     . DA  A 1 3  ? -22.958 -6.873  16.915  1.00 118.54 ? 9   DA  B C8     1 
ATOM   77   N  N7     . DA  A 1 3  ? -23.258 -5.691  16.433  1.00 118.44 ? 9   DA  B N7     1 
ATOM   78   C  C5     . DA  A 1 3  ? -23.977 -5.970  15.285  1.00 117.60 ? 9   DA  B C5     1 
ATOM   79   C  C6     . DA  A 1 3  ? -24.583 -5.140  14.318  1.00 120.11 ? 9   DA  B C6     1 
ATOM   80   N  N6     . DA  A 1 3  ? -24.543 -3.802  14.368  1.00 117.83 ? 9   DA  B N6     1 
ATOM   81   N  N1     . DA  A 1 3  ? -25.227 -5.741  13.295  1.00 124.40 ? 9   DA  B N1     1 
ATOM   82   C  C2     . DA  A 1 3  ? -25.260 -7.080  13.250  1.00 118.23 ? 9   DA  B C2     1 
ATOM   83   N  N3     . DA  A 1 3  ? -24.728 -7.962  14.098  1.00 118.11 ? 9   DA  B N3     1 
ATOM   84   C  C4     . DA  A 1 3  ? -24.097 -7.336  15.105  1.00 115.31 ? 9   DA  B C4     1 
ATOM   85   H  "H5'"  . DA  A 1 3  ? -23.604 -11.076 20.169  1.00 168.58 ? 9   DA  B "H5'"  1 
ATOM   86   H  "H5''" . DA  A 1 3  ? -22.032 -10.913 20.193  1.00 168.58 ? 9   DA  B "H5''" 1 
ATOM   87   H  "H4'"  . DA  A 1 3  ? -23.155 -11.485 18.037  1.00 156.33 ? 9   DA  B "H4'"  1 
ATOM   88   H  "H3'"  . DA  A 1 3  ? -21.019 -9.657  18.178  1.00 148.33 ? 9   DA  B "H3'"  1 
ATOM   89   H  "H2'"  . DA  A 1 3  ? -21.243 -9.135  16.022  1.00 139.36 ? 9   DA  B "H2'"  1 
ATOM   90   H  "H2''" . DA  A 1 3  ? -21.800 -10.581 15.644  1.00 139.36 ? 9   DA  B "H2''" 1 
ATOM   91   H  "H1'"  . DA  A 1 3  ? -23.853 -9.839  15.834  1.00 133.30 ? 9   DA  B "H1'"  1 
ATOM   92   H  H8     . DA  A 1 3  ? -22.469 -6.994  17.697  1.00 142.70 ? 9   DA  B H8     1 
ATOM   93   H  H61    . DA  A 1 3  ? -24.922 -3.338  13.751  1.00 141.85 ? 9   DA  B H61    1 
ATOM   94   H  H62    . DA  A 1 3  ? -24.140 -3.408  15.017  1.00 141.85 ? 9   DA  B H62    1 
ATOM   95   H  H2     . DA  A 1 3  ? -25.715 -7.445  12.525  1.00 142.33 ? 9   DA  B H2     1 
ATOM   96   P  P      . DC  A 1 4  ? -21.076 -12.928 16.937  1.00 128.11 ? 10  DC  B P      1 
ATOM   97   O  OP1    . DC  A 1 4  ? -22.433 -13.360 17.331  1.00 152.69 ? 10  DC  B OP1    1 
ATOM   98   O  OP2    . DC  A 1 4  ? -19.952 -13.860 17.156  1.00 135.38 ? 10  DC  B OP2    1 
ATOM   99   O  "O5'"  . DC  A 1 4  ? -21.098 -12.548 15.388  1.00 115.97 ? 10  DC  B "O5'"  1 
ATOM   100  C  "C5'"  . DC  A 1 4  ? -22.000 -13.200 14.509  1.00 112.39 ? 10  DC  B "C5'"  1 
ATOM   101  C  "C4'"  . DC  A 1 4  ? -21.893 -12.629 13.107  1.00 126.26 ? 10  DC  B "C4'"  1 
ATOM   102  O  "O4'"  . DC  A 1 4  ? -22.424 -11.290 13.089  1.00 117.98 ? 10  DC  B "O4'"  1 
ATOM   103  C  "C3'"  . DC  A 1 4  ? -20.469 -12.480 12.572  1.00 127.22 ? 10  DC  B "C3'"  1 
ATOM   104  O  "O3'"  . DC  A 1 4  ? -20.012 -13.678 11.860  1.00 124.13 ? 10  DC  B "O3'"  1 
ATOM   105  C  "C2'"  . DC  A 1 4  ? -20.536 -11.231 11.677  1.00 114.88 ? 10  DC  B "C2'"  1 
ATOM   106  C  "C1'"  . DC  A 1 4  ? -21.924 -10.637 11.946  1.00 113.79 ? 10  DC  B "C1'"  1 
ATOM   107  N  N1     . DC  A 1 4  ? -21.905 -9.158  12.193  1.00 109.97 ? 10  DC  B N1     1 
ATOM   108  C  C2     . DC  A 1 4  ? -22.550 -8.291  11.300  1.00 112.45 ? 10  DC  B C2     1 
ATOM   109  O  O2     . DC  A 1 4  ? -23.144 -8.763  10.322  1.00 124.55 ? 10  DC  B O2     1 
ATOM   110  N  N3     . DC  A 1 4  ? -22.512 -6.955  11.539  1.00 116.72 ? 10  DC  B N3     1 
ATOM   111  C  C4     . DC  A 1 4  ? -21.863 -6.485  12.606  1.00 116.49 ? 10  DC  B C4     1 
ATOM   112  N  N4     . DC  A 1 4  ? -21.849 -5.162  12.801  1.00 108.00 ? 10  DC  B N4     1 
ATOM   113  C  C5     . DC  A 1 4  ? -21.194 -7.350  13.520  1.00 122.16 ? 10  DC  B C5     1 
ATOM   114  C  C6     . DC  A 1 4  ? -21.237 -8.663  13.275  1.00 117.64 ? 10  DC  B C6     1 
ATOM   115  H  "H5'"  . DC  A 1 4  ? -22.905 -13.078 14.835  1.00 135.32 ? 10  DC  B "H5'"  1 
ATOM   116  H  "H5''" . DC  A 1 4  ? -21.794 -14.147 14.486  1.00 135.32 ? 10  DC  B "H5''" 1 
ATOM   117  H  "H4'"  . DC  A 1 4  ? -22.405 -13.183 12.497  1.00 151.96 ? 10  DC  B "H4'"  1 
ATOM   118  H  "H3'"  . DC  A 1 4  ? -19.869 -12.305 13.314  1.00 153.11 ? 10  DC  B "H3'"  1 
ATOM   119  H  "H2'"  . DC  A 1 4  ? -19.844 -10.599 11.926  1.00 138.30 ? 10  DC  B "H2'"  1 
ATOM   120  H  "H2''" . DC  A 1 4  ? -20.450 -11.480 10.743  1.00 138.30 ? 10  DC  B "H2''" 1 
ATOM   121  H  "H1'"  . DC  A 1 4  ? -22.504 -10.827 11.191  1.00 137.00 ? 10  DC  B "H1'"  1 
ATOM   122  H  H41    . DC  A 1 4  ? -21.456 -4.834  13.492  1.00 130.05 ? 10  DC  B H41    1 
ATOM   123  H  H42    . DC  A 1 4  ? -22.232 -4.639  12.237  1.00 130.05 ? 10  DC  B H42    1 
ATOM   124  H  H5     . DC  A 1 4  ? -20.744 -7.013  14.260  1.00 147.04 ? 10  DC  B H5     1 
ATOM   125  H  H6     . DC  A 1 4  ? -20.811 -9.251  13.856  1.00 141.62 ? 10  DC  B H6     1 
ATOM   126  P  P      . DG  A 1 5  ? -20.755 -14.274 10.557  1.00 132.58 ? 11  DG  B P      1 
ATOM   127  O  OP1    . DG  A 1 5  ? -22.185 -14.518 10.838  1.00 147.05 ? 11  DG  B OP1    1 
ATOM   128  O  OP2    . DG  A 1 5  ? -19.926 -15.413 10.110  1.00 134.21 ? 11  DG  B OP2    1 
ATOM   129  O  "O5'"  . DG  A 1 5  ? -20.620 -13.135 9.441   1.00 117.12 ? 11  DG  B "O5'"  1 
ATOM   130  C  "C5'"  . DG  A 1 5  ? -21.301 -13.280 8.200   1.00 118.83 ? 11  DG  B "C5'"  1 
ATOM   131  C  "C4'"  . DG  A 1 5  ? -21.256 -11.993 7.389   1.00 106.45 ? 11  DG  B "C4'"  1 
ATOM   132  O  "O4'"  . DG  A 1 5  ? -21.093 -10.862 8.272   1.00 113.81 ? 11  DG  B "O4'"  1 
ATOM   133  C  "C3'"  . DG  A 1 5  ? -20.103 -11.906 6.383   1.00 138.21 ? 11  DG  B "C3'"  1 
ATOM   134  O  "O3'"  . DG  A 1 5  ? -20.605 -12.004 5.054   1.00 129.68 ? 11  DG  B "O3'"  1 
ATOM   135  C  "C2'"  . DG  A 1 5  ? -19.432 -10.548 6.661   1.00 138.75 ? 11  DG  B "C2'"  1 
ATOM   136  C  "C1'"  . DG  A 1 5  ? -20.418 -9.840  7.576   1.00 138.88 ? 11  DG  B "C1'"  1 
ATOM   137  N  N9     . DG  A 1 5  ? -19.811 -8.941  8.559   1.00 105.60 ? 11  DG  B N9     1 
ATOM   138  C  C8     . DG  A 1 5  ? -19.082 -9.303  9.664   1.00 117.71 ? 11  DG  B C8     1 
ATOM   139  N  N7     . DG  A 1 5  ? -18.687 -8.290  10.384  1.00 122.11 ? 11  DG  B N7     1 
ATOM   140  C  C5     . DG  A 1 5  ? -19.191 -7.182  9.720   1.00 111.76 ? 11  DG  B C5     1 
ATOM   141  C  C6     . DG  A 1 5  ? -19.081 -5.805  10.033  1.00 111.52 ? 11  DG  B C6     1 
ATOM   142  O  O6     . DG  A 1 5  ? -18.497 -5.279  10.994  1.00 105.23 ? 11  DG  B O6     1 
ATOM   143  N  N1     . DG  A 1 5  ? -19.738 -5.012  9.096   1.00 110.64 ? 11  DG  B N1     1 
ATOM   144  C  C2     . DG  A 1 5  ? -20.416 -5.491  7.997   1.00 112.76 ? 11  DG  B C2     1 
ATOM   145  N  N2     . DG  A 1 5  ? -20.986 -4.571  7.206   1.00 121.57 ? 11  DG  B N2     1 
ATOM   146  N  N3     . DG  A 1 5  ? -20.526 -6.780  7.692   1.00 107.60 ? 11  DG  B N3     1 
ATOM   147  C  C4     . DG  A 1 5  ? -19.892 -7.564  8.594   1.00 108.25 ? 11  DG  B C4     1 
ATOM   148  H  "H5'"  . DG  A 1 5  ? -22.227 -13.514 8.372   1.00 143.05 ? 11  DG  B "H5'"  1 
ATOM   149  H  "H5''" . DG  A 1 5  ? -20.884 -13.990 7.690   1.00 143.05 ? 11  DG  B "H5''" 1 
ATOM   150  H  "H4'"  . DG  A 1 5  ? -22.094 -11.897 6.911   1.00 128.19 ? 11  DG  B "H4'"  1 
ATOM   151  H  "H3'"  . DG  A 1 5  ? -19.471 -12.623 6.548   1.00 166.30 ? 11  DG  B "H3'"  1 
ATOM   152  H  "H2'"  . DG  A 1 5  ? -18.580 -10.674 7.110   1.00 166.95 ? 11  DG  B "H2'"  1 
ATOM   153  H  "H2''" . DG  A 1 5  ? -19.313 -10.051 5.837   1.00 166.95 ? 11  DG  B "H2''" 1 
ATOM   154  H  "H1'"  . DG  A 1 5  ? -21.055 -9.343  7.038   1.00 167.11 ? 11  DG  B "H1'"  1 
ATOM   155  H  H8     . DG  A 1 5  ? -18.890 -10.187 9.878   1.00 141.70 ? 11  DG  B H8     1 
ATOM   156  H  H1     . DG  A 1 5  ? -19.719 -4.160  9.213   1.00 133.22 ? 11  DG  B H1     1 
ATOM   157  H  H21    . DG  A 1 5  ? -21.427 -4.816  6.509   1.00 146.33 ? 11  DG  B H21    1 
ATOM   158  H  H22    . DG  A 1 5  ? -20.913 -3.736  7.396   1.00 146.33 ? 11  DG  B H22    1 
ATOM   159  P  P      . DA  A 1 6  ? -19.604 -11.933 3.801   1.00 144.70 ? 12  DA  B P      1 
ATOM   160  O  OP1    . DA  A 1 6  ? -20.210 -12.704 2.692   1.00 127.97 ? 12  DA  B OP1    1 
ATOM   161  O  OP2    . DA  A 1 6  ? -18.252 -12.289 4.292   1.00 133.41 ? 12  DA  B OP2    1 
ATOM   162  O  "O5'"  . DA  A 1 6  ? -19.595 -10.383 3.413   1.00 127.41 ? 12  DA  B "O5'"  1 
ATOM   163  C  "C5'"  . DA  A 1 6  ? -20.821 -9.698  3.161   1.00 124.49 ? 12  DA  B "C5'"  1 
ATOM   164  C  "C4'"  . DA  A 1 6  ? -20.571 -8.411  2.399   1.00 119.74 ? 12  DA  B "C4'"  1 
ATOM   165  O  "O4'"  . DA  A 1 6  ? -20.148 -7.368  3.326   1.00 122.35 ? 12  DA  B "O4'"  1 
ATOM   166  C  "C3'"  . DA  A 1 6  ? -19.464 -8.494  1.365   1.00 126.00 ? 12  DA  B "C3'"  1 
ATOM   167  O  "O3'"  . DA  A 1 6  ? -19.699 -7.562  0.305   1.00 130.88 ? 12  DA  B "O3'"  1 
ATOM   168  C  "C2'"  . DA  A 1 6  ? -18.237 -8.151  2.201   1.00 130.07 ? 12  DA  B "C2'"  1 
ATOM   169  C  "C1'"  . DA  A 1 6  ? -18.780 -7.054  3.110   1.00 111.05 ? 12  DA  B "C1'"  1 
ATOM   170  N  N9     . DA  A 1 6  ? -18.119 -6.949  4.410   1.00 113.51 ? 12  DA  B N9     1 
ATOM   171  C  C8     . DA  A 1 6  ? -17.627 -7.973  5.175   1.00 109.96 ? 12  DA  B C8     1 
ATOM   172  N  N7     . DA  A 1 6  ? -17.095 -7.577  6.307   1.00 111.13 ? 12  DA  B N7     1 
ATOM   173  C  C5     . DA  A 1 6  ? -17.254 -6.203  6.289   1.00 111.91 ? 12  DA  B C5     1 
ATOM   174  C  C6     . DA  A 1 6  ? -16.900 -5.198  7.207   1.00 107.13 ? 12  DA  B C6     1 
ATOM   175  N  N6     . DA  A 1 6  ? -16.284 -5.451  8.367   1.00 104.89 ? 12  DA  B N6     1 
ATOM   176  N  N1     . DA  A 1 6  ? -17.202 -3.921  6.886   1.00 106.83 ? 12  DA  B N1     1 
ATOM   177  C  C2     . DA  A 1 6  ? -17.817 -3.677  5.721   1.00 106.84 ? 12  DA  B C2     1 
ATOM   178  N  N3     . DA  A 1 6  ? -18.200 -4.540  4.779   1.00 116.93 ? 12  DA  B N3     1 
ATOM   179  C  C4     . DA  A 1 6  ? -17.886 -5.799  5.129   1.00 109.22 ? 12  DA  B C4     1 
ATOM   180  H  "H5'"  . DA  A 1 6  ? -21.250 -9.490  4.006   1.00 149.84 ? 12  DA  B "H5'"  1 
ATOM   181  H  "H5''" . DA  A 1 6  ? -21.405 -10.269 2.640   1.00 149.84 ? 12  DA  B "H5''" 1 
ATOM   182  H  "H4'"  . DA  A 1 6  ? -21.393 -8.136  1.964   1.00 144.13 ? 12  DA  B "H4'"  1 
ATOM   183  H  "H3'"  . DA  A 1 6  ? -19.395 -9.396  1.017   1.00 151.65 ? 12  DA  B "H3'"  1 
ATOM   184  H  "H2'"  . DA  A 1 6  ? -17.945 -8.918  2.719   1.00 156.53 ? 12  DA  B "H2'"  1 
ATOM   185  H  "H2''" . DA  A 1 6  ? -17.520 -7.814  1.641   1.00 156.53 ? 12  DA  B "H2''" 1 
ATOM   186  H  "H1'"  . DA  A 1 6  ? -18.717 -6.201  2.652   1.00 133.71 ? 12  DA  B "H1'"  1 
ATOM   187  H  H8     . DA  A 1 6  ? -17.661 -8.865  4.914   1.00 132.40 ? 12  DA  B H8     1 
ATOM   188  H  H61    . DA  A 1 6  ? -16.086 -4.804  8.899   1.00 126.31 ? 12  DA  B H61    1 
ATOM   189  H  H62    . DA  A 1 6  ? -16.087 -6.260  8.581   1.00 126.31 ? 12  DA  B H62    1 
ATOM   190  H  H2     . DA  A 1 6  ? -18.004 -2.784  5.546   1.00 128.66 ? 12  DA  B H2     1 
ATOM   191  P  P      . DC  A 1 7  ? -18.959 -7.721  -1.114  1.00 146.63 ? 13  DC  B P      1 
ATOM   192  O  OP1    . DC  A 1 7  ? -20.005 -7.833  -2.159  1.00 152.15 ? 13  DC  B OP1    1 
ATOM   193  O  OP2    . DC  A 1 7  ? -17.939 -8.784  -0.984  1.00 160.34 ? 13  DC  B OP2    1 
ATOM   194  O  "O5'"  . DC  A 1 7  ? -18.193 -6.328  -1.286  1.00 126.98 ? 13  DC  B "O5'"  1 
ATOM   195  C  "C5'"  . DC  A 1 7  ? -17.443 -5.809  -0.203  1.00 113.36 ? 13  DC  B "C5'"  1 
ATOM   196  C  "C4'"  . DC  A 1 7  ? -17.455 -4.300  -0.199  1.00 123.65 ? 13  DC  B "C4'"  1 
ATOM   197  O  "O4'"  . DC  A 1 7  ? -17.351 -3.830  1.172   1.00 134.05 ? 13  DC  B "O4'"  1 
ATOM   198  C  "C3'"  . DC  A 1 7  ? -16.302 -3.648  -0.947  1.00 131.86 ? 13  DC  B "C3'"  1 
ATOM   199  O  "O3'"  . DC  A 1 7  ? -16.718 -2.412  -1.538  1.00 149.76 ? 13  DC  B "O3'"  1 
ATOM   200  C  "C2'"  . DC  A 1 7  ? -15.247 -3.471  0.140   1.00 115.54 ? 13  DC  B "C2'"  1 
ATOM   201  C  "C1'"  . DC  A 1 7  ? -16.073 -3.261  1.407   1.00 128.46 ? 13  DC  B "C1'"  1 
ATOM   202  N  N1     . DC  A 1 7  ? -15.468 -3.902  2.633   1.00 114.16 ? 13  DC  B N1     1 
ATOM   203  C  C2     . DC  A 1 7  ? -15.085 -3.103  3.720   1.00 112.73 ? 13  DC  B C2     1 
ATOM   204  O  O2     . DC  A 1 7  ? -15.265 -1.880  3.666   1.00 122.13 ? 13  DC  B O2     1 
ATOM   205  N  N3     . DC  A 1 7  ? -14.533 -3.694  4.808   1.00 104.64 ? 13  DC  B N3     1 
ATOM   206  C  C4     . DC  A 1 7  ? -14.353 -5.014  4.835   1.00 108.18 ? 13  DC  B C4     1 
ATOM   207  N  N4     . DC  A 1 7  ? -13.801 -5.547  5.931   1.00 101.19 ? 13  DC  B N4     1 
ATOM   208  C  C5     . DC  A 1 7  ? -14.726 -5.846  3.737   1.00 105.64 ? 13  DC  B C5     1 
ATOM   209  C  C6     . DC  A 1 7  ? -15.273 -5.254  2.667   1.00 113.74 ? 13  DC  B C6     1 
ATOM   210  H  "H5'"  . DC  A 1 7  ? -16.526 -6.119  -0.276  1.00 136.48 ? 13  DC  B "H5'"  1 
ATOM   211  H  "H5''" . DC  A 1 7  ? -17.822 -6.132  0.629   1.00 136.48 ? 13  DC  B "H5''" 1 
ATOM   212  H  "H4'"  . DC  A 1 7  ? -18.293 -3.990  -0.578  1.00 148.83 ? 13  DC  B "H4'"  1 
ATOM   213  H  "H3'"  . DC  A 1 7  ? -15.972 -4.249  -1.634  1.00 158.68 ? 13  DC  B "H3'"  1 
ATOM   214  H  "H2'"  . DC  A 1 7  ? -14.699 -4.267  0.219   1.00 139.09 ? 13  DC  B "H2'"  1 
ATOM   215  H  "H2''" . DC  A 1 7  ? -14.697 -2.692  -0.041  1.00 139.09 ? 13  DC  B "H2''" 1 
ATOM   216  H  "H1'"  . DC  A 1 7  ? -16.176 -2.309  1.565   1.00 154.59 ? 13  DC  B "H1'"  1 
ATOM   217  H  H41    . DC  A 1 7  ? -13.671 -6.397  5.978   1.00 121.87 ? 13  DC  B H41    1 
ATOM   218  H  H42    . DC  A 1 7  ? -13.576 -5.042  6.589   1.00 121.87 ? 13  DC  B H42    1 
ATOM   219  H  H5     . DC  A 1 7  ? -14.598 -6.767  3.765   1.00 127.22 ? 13  DC  B H5     1 
ATOM   220  H  H6     . DC  A 1 7  ? -15.526 -5.772  1.937   1.00 136.94 ? 13  DC  B H6     1 
ATOM   221  P  P      . DA  A 1 8  ? -15.638 -1.321  -2.019  1.00 148.06 ? 14  DA  B P      1 
ATOM   222  O  OP1    . DA  A 1 8  ? -16.306 -0.416  -2.984  1.00 135.81 ? 14  DA  B OP1    1 
ATOM   223  O  OP2    . DA  A 1 8  ? -14.404 -2.043  -2.401  1.00 126.91 ? 14  DA  B OP2    1 
ATOM   224  O  "O5'"  . DA  A 1 8  ? -15.329 -0.503  -0.683  1.00 121.19 ? 14  DA  B "O5'"  1 
ATOM   225  C  "C5'"  . DA  A 1 8  ? -14.038 0.026   -0.452  1.00 107.51 ? 14  DA  B "C5'"  1 
ATOM   226  C  "C4'"  . DA  A 1 8  ? -14.054 0.954   0.742   1.00 104.37 ? 14  DA  B "C4'"  1 
ATOM   227  O  "O4'"  . DA  A 1 8  ? -13.974 0.163   1.955   1.00 114.34 ? 14  DA  B "O4'"  1 
ATOM   228  C  "C3'"  . DA  A 1 8  ? -12.905 1.954   0.789   1.00 112.11 ? 14  DA  B "C3'"  1 
ATOM   229  O  "O3'"  . DA  A 1 8  ? -13.377 3.252   1.129   1.00 122.02 ? 14  DA  B "O3'"  1 
ATOM   230  C  "C2'"  . DA  A 1 8  ? -11.947 1.393   1.837   1.00 110.90 ? 14  DA  B "C2'"  1 
ATOM   231  C  "C1'"  . DA  A 1 8  ? -12.816 0.484   2.702   1.00 128.59 ? 14  DA  B "C1'"  1 
ATOM   232  N  N9     . DA  A 1 8  ? -12.152 -0.766  3.086   1.00 121.30 ? 14  DA  B N9     1 
ATOM   233  C  C8     . DA  A 1 8  ? -12.002 -1.888  2.316   1.00 109.80 ? 14  DA  B C8     1 
ATOM   234  N  N7     . DA  A 1 8  ? -11.364 -2.864  2.919   1.00 100.92 ? 14  DA  B N7     1 
ATOM   235  C  C5     . DA  A 1 8  ? -11.075 -2.350  4.174   1.00 101.97 ? 14  DA  B C5     1 
ATOM   236  C  C6     . DA  A 1 8  ? -10.410 -2.895  5.294   1.00 100.61 ? 14  DA  B C6     1 
ATOM   237  N  N6     . DA  A 1 8  ? -9.896  -4.128  5.317   1.00 99.11  ? 14  DA  B N6     1 
ATOM   238  N  N1     . DA  A 1 8  ? -10.293 -2.119  6.389   1.00 104.90 ? 14  DA  B N1     1 
ATOM   239  C  C2     . DA  A 1 8  ? -10.800 -0.881  6.359   1.00 113.56 ? 14  DA  B C2     1 
ATOM   240  N  N3     . DA  A 1 8  ? -11.451 -0.263  5.370   1.00 111.93 ? 14  DA  B N3     1 
ATOM   241  C  C4     . DA  A 1 8  ? -11.553 -1.058  4.295   1.00 108.27 ? 14  DA  B C4     1 
ATOM   242  H  "H5'"  . DA  A 1 8  ? -13.748 0.516   -1.236  1.00 129.46 ? 14  DA  B "H5'"  1 
ATOM   243  H  "H5''" . DA  A 1 8  ? -13.420 -0.703  -0.282  1.00 129.46 ? 14  DA  B "H5''" 1 
ATOM   244  H  "H4'"  . DA  A 1 8  ? -14.892 1.444   0.744   1.00 125.70 ? 14  DA  B "H4'"  1 
ATOM   245  H  "H3'"  . DA  A 1 8  ? -12.463 1.982   -0.074  1.00 134.98 ? 14  DA  B "H3'"  1 
ATOM   246  H  "H2'"  . DA  A 1 8  ? -11.242 0.882   1.411   1.00 133.53 ? 14  DA  B "H2'"  1 
ATOM   247  H  "H2''" . DA  A 1 8  ? -11.572 2.111   2.371   1.00 133.53 ? 14  DA  B "H2''" 1 
ATOM   248  H  "H1'"  . DA  A 1 8  ? -13.078 0.963   3.503   1.00 154.76 ? 14  DA  B "H1'"  1 
ATOM   249  H  H8     . DA  A 1 8  ? -12.319 -1.950  1.444   1.00 132.21 ? 14  DA  B H8     1 
ATOM   250  H  H61    . DA  A 1 8  ? -9.494  -4.413  6.022   1.00 119.38 ? 14  DA  B H61    1 
ATOM   251  H  H62    . DA  A 1 8  ? -9.969  -4.637  4.628   1.00 119.38 ? 14  DA  B H62    1 
ATOM   252  H  H2     . DA  A 1 8  ? -10.700 -0.388  7.142   1.00 136.72 ? 14  DA  B H2     1 
ATOM   253  P  P      . DC  A 1 9  ? -12.393 4.518   1.011   1.00 139.64 ? 15  DC  B P      1 
ATOM   254  O  OP1    . DC  A 1 9  ? -13.223 5.718   0.762   1.00 136.65 ? 15  DC  B OP1    1 
ATOM   255  O  OP2    . DC  A 1 9  ? -11.310 4.156   0.069   1.00 127.91 ? 15  DC  B OP2    1 
ATOM   256  O  "O5'"  . DC  A 1 9  ? -11.744 4.628   2.463   1.00 115.18 ? 15  DC  B "O5'"  1 
ATOM   257  C  "C5'"  . DC  A 1 9  ? -10.347 4.805   2.605   1.00 128.63 ? 15  DC  B "C5'"  1 
ATOM   258  C  "C4'"  . DC  A 1 9  ? -9.897  4.379   3.987   1.00 123.92 ? 15  DC  B "C4'"  1 
ATOM   259  O  "O4'"  . DC  A 1 9  ? -10.238 2.987   4.198   1.00 128.12 ? 15  DC  B "O4'"  1 
ATOM   260  C  "C3'"  . DC  A 1 9  ? -8.405  4.454   4.228   1.00 116.34 ? 15  DC  B "C3'"  1 
ATOM   261  O  "O3'"  . DC  A 1 9  ? -8.026  5.759   4.641   1.00 137.15 ? 15  DC  B "O3'"  1 
ATOM   262  C  "C2'"  . DC  A 1 9  ? -8.187  3.414   5.318   1.00 111.49 ? 15  DC  B "C2'"  1 
ATOM   263  C  "C1'"  . DC  A 1 9  ? -9.286  2.384   5.062   1.00 117.75 ? 15  DC  B "C1'"  1 
ATOM   264  N  N1     . DC  A 1 9  ? -8.799  1.114   4.431   1.00 119.75 ? 15  DC  B N1     1 
ATOM   265  C  C2     . DC  A 1 9  ? -8.064  0.196   5.192   1.00 114.23 ? 15  DC  B C2     1 
ATOM   266  O  O2     . DC  A 1 9  ? -7.817  0.455   6.376   1.00 107.83 ? 15  DC  B O2     1 
ATOM   267  N  N3     . DC  A 1 9  ? -7.639  -0.952  4.609   1.00 112.49 ? 15  DC  B N3     1 
ATOM   268  C  C4     . DC  A 1 9  ? -7.924  -1.196  3.329   1.00 126.35 ? 15  DC  B C4     1 
ATOM   269  N  N4     . DC  A 1 9  ? -7.481  -2.342  2.798   1.00 117.00 ? 15  DC  B N4     1 
ATOM   270  C  C5     . DC  A 1 9  ? -8.674  -0.277  2.538   1.00 122.09 ? 15  DC  B C5     1 
ATOM   271  C  C6     . DC  A 1 9  ? -9.089  0.854   3.123   1.00 126.08 ? 15  DC  B C6     1 
ATOM   272  H  "H5'"  . DC  A 1 9  ? -10.128 5.742   2.472   1.00 154.80 ? 15  DC  B "H5'"  1 
ATOM   273  H  "H5''" . DC  A 1 9  ? -9.886  4.271   1.940   1.00 154.80 ? 15  DC  B "H5''" 1 
ATOM   274  H  "H4'"  . DC  A 1 9  ? -10.354 4.920   4.651   1.00 149.16 ? 15  DC  B "H4'"  1 
ATOM   275  H  "H3'"  . DC  A 1 9  ? -7.924  4.202   3.424   1.00 140.06 ? 15  DC  B "H3'"  1 
ATOM   276  H  "H2'"  . DC  A 1 9  ? -7.311  3.007   5.231   1.00 134.23 ? 15  DC  B "H2'"  1 
ATOM   277  H  "H2''" . DC  A 1 9  ? -8.292  3.815   6.196   1.00 134.23 ? 15  DC  B "H2''" 1 
ATOM   278  H  "H1'"  . DC  A 1 9  ? -9.719  2.170   5.903   1.00 141.74 ? 15  DC  B "H1'"  1 
ATOM   279  H  H41    . DC  A 1 9  ? -7.666  -2.537  1.982   1.00 140.84 ? 15  DC  B H41    1 
ATOM   280  H  H42    . DC  A 1 9  ? -7.013  -2.884  3.274   1.00 140.84 ? 15  DC  B H42    1 
ATOM   281  H  H5     . DC  A 1 9  ? -8.868  -0.455  1.645   1.00 146.95 ? 15  DC  B H5     1 
ATOM   282  H  H6     . DC  A 1 9  ? -9.581  1.470   2.632   1.00 151.75 ? 15  DC  B H6     1 
ATOM   283  P  P      . DA  A 1 10 ? -6.480  6.195   4.614   1.00 166.52 ? 16  DA  B P      1 
ATOM   284  O  OP1    . DA  A 1 10 ? -6.402  7.616   5.021   1.00 143.46 ? 16  DA  B OP1    1 
ATOM   285  O  OP2    . DA  A 1 10 ? -5.927  5.766   3.309   1.00 148.52 ? 16  DA  B OP2    1 
ATOM   286  O  "O5'"  . DA  A 1 10 ? -5.808  5.305   5.760   1.00 116.90 ? 16  DA  B "O5'"  1 
ATOM   287  C  "C5'"  . DA  A 1 10 ? -6.182  5.499   7.112   1.00 119.43 ? 16  DA  B "C5'"  1 
ATOM   288  C  "C4'"  . DA  A 1 10 ? -5.311  4.675   8.038   1.00 113.51 ? 16  DA  B "C4'"  1 
ATOM   289  O  "O4'"  . DA  A 1 10 ? -5.485  3.256   7.746   1.00 114.16 ? 16  DA  B "O4'"  1 
ATOM   290  C  "C3'"  . DA  A 1 10 ? -3.811  4.934   7.910   1.00 127.82 ? 16  DA  B "C3'"  1 
ATOM   291  O  "O3'"  . DA  A 1 10 ? -3.202  4.915   9.195   1.00 132.18 ? 16  DA  B "O3'"  1 
ATOM   292  C  "C2'"  . DA  A 1 10 ? -3.344  3.785   7.024   1.00 135.63 ? 16  DA  B "C2'"  1 
ATOM   293  C  "C1'"  . DA  A 1 10 ? -4.217  2.662   7.535   1.00 111.16 ? 16  DA  B "C1'"  1 
ATOM   294  N  N9     . DA  A 1 10 ? -4.364  1.516   6.630   1.00 116.24 ? 16  DA  B N9     1 
ATOM   295  C  C8     . DA  A 1 10 ? -5.126  1.450   5.496   1.00 132.58 ? 16  DA  B C8     1 
ATOM   296  N  N7     . DA  A 1 10 ? -5.086  0.283   4.896   1.00 114.94 ? 16  DA  B N7     1 
ATOM   297  C  C5     . DA  A 1 10 ? -4.252  -0.475  5.696   1.00 101.14 ? 16  DA  B C5     1 
ATOM   298  C  C6     . DA  A 1 10 ? -3.807  -1.806  5.601   1.00 104.64 ? 16  DA  B C6     1 
ATOM   299  N  N6     . DA  A 1 10 ? -4.169  -2.632  4.612   1.00 97.56  ? 16  DA  B N6     1 
ATOM   300  N  N1     . DA  A 1 10 ? -2.978  -2.257  6.565   1.00 105.10 ? 16  DA  B N1     1 
ATOM   301  C  C2     . DA  A 1 10 ? -2.622  -1.423  7.553   1.00 106.58 ? 16  DA  B C2     1 
ATOM   302  N  N3     . DA  A 1 10 ? -2.976  -0.152  7.748   1.00 109.48 ? 16  DA  B N3     1 
ATOM   303  C  C4     . DA  A 1 10 ? -3.801  0.266   6.773   1.00 114.84 ? 16  DA  B C4     1 
ATOM   304  H  "H5'"  . DA  A 1 10 ? -7.108  5.235   7.227   1.00 143.77 ? 16  DA  B "H5'"  1 
ATOM   305  H  "H5''" . DA  A 1 10 ? -6.088  6.438   7.337   1.00 143.77 ? 16  DA  B "H5''" 1 
ATOM   306  H  "H4'"  . DA  A 1 10 ? -5.581  4.842   8.955   1.00 136.66 ? 16  DA  B "H4'"  1 
ATOM   307  H  "H3'"  . DA  A 1 10 ? -3.652  5.785   7.471   1.00 153.84 ? 16  DA  B "H3'"  1 
ATOM   308  H  "H2'"  . DA  A 1 10 ? -3.525  3.969   6.090   1.00 163.20 ? 16  DA  B "H2'"  1 
ATOM   309  H  "H2''" . DA  A 1 10 ? -2.405  3.591   7.170   1.00 163.20 ? 16  DA  B "H2''" 1 
ATOM   310  H  "H1'"  . DA  A 1 10 ? -3.867  2.351   8.385   1.00 133.84 ? 16  DA  B "H1'"  1 
ATOM   311  H  H8     . DA  A 1 10 ? -5.623  2.169   5.175   1.00 159.55 ? 16  DA  B H8     1 
ATOM   312  H  H61    . DA  A 1 10 ? -3.885  -3.443  4.603   1.00 117.52 ? 16  DA  B H61    1 
ATOM   313  H  H62    . DA  A 1 10 ? -4.686  -2.351  3.985   1.00 117.52 ? 16  DA  B H62    1 
ATOM   314  H  H2     . DA  A 1 10 ? -2.048  -1.780  8.191   1.00 128.34 ? 16  DA  B H2     1 
ATOM   315  P  P      . DG  A 1 11 ? -1.855  5.743   9.471   1.00 151.85 ? 17  DG  B P      1 
ATOM   316  O  OP1    . DG  A 1 11 ? -2.119  6.664   10.601  1.00 141.75 ? 17  DG  B OP1    1 
ATOM   317  O  OP2    . DG  A 1 11 ? -1.374  6.258   8.168   1.00 137.80 ? 17  DG  B OP2    1 
ATOM   318  O  "O5'"  . DG  A 1 11 ? -0.821  4.625   9.949   1.00 132.24 ? 17  DG  B "O5'"  1 
ATOM   319  C  "C5'"  . DG  A 1 11 ? -0.689  3.434   9.194   1.00 128.81 ? 17  DG  B "C5'"  1 
ATOM   320  C  "C4'"  . DG  A 1 11 ? 0.558   2.677   9.586   1.00 129.80 ? 17  DG  B "C4'"  1 
ATOM   321  O  "O4'"  . DG  A 1 11 ? 0.549   1.373   8.954   1.00 119.44 ? 17  DG  B "O4'"  1 
ATOM   322  C  "C3'"  . DG  A 1 11 ? 1.859   3.315   9.141   1.00 122.14 ? 17  DG  B "C3'"  1 
ATOM   323  O  "O3'"  . DG  A 1 11 ? 2.917   2.947   10.022  1.00 130.84 ? 17  DG  B "O3'"  1 
ATOM   324  C  "C2'"  . DG  A 1 11 ? 2.035   2.765   7.724   1.00 97.02  ? 17  DG  B "C2'"  1 
ATOM   325  C  "C1'"  . DG  A 1 11 ? 1.367   1.386   7.794   1.00 105.51 ? 17  DG  B "C1'"  1 
ATOM   326  N  N9     . DG  A 1 11 ? 0.524   1.061   6.639   1.00 98.55  ? 17  DG  B N9     1 
ATOM   327  C  C8     . DG  A 1 11 ? -0.335  1.905   5.973   1.00 111.16 ? 17  DG  B C8     1 
ATOM   328  N  N7     . DG  A 1 11 ? -0.971  1.329   4.989   1.00 95.76  ? 17  DG  B N7     1 
ATOM   329  C  C5     . DG  A 1 11 ? -0.515  0.017   5.009   1.00 97.36  ? 17  DG  B C5     1 
ATOM   330  C  C6     . DG  A 1 11 ? -0.854  -1.078  4.178   1.00 95.79  ? 17  DG  B C6     1 
ATOM   331  O  O6     . DG  A 1 11 ? -1.649  -1.105  3.227   1.00 112.10 ? 17  DG  B O6     1 
ATOM   332  N  N1     . DG  A 1 11 ? -0.164  -2.231  4.540   1.00 84.96  ? 17  DG  B N1     1 
ATOM   333  C  C2     . DG  A 1 11 ? 0.740   -2.313  5.575   1.00 92.29  ? 17  DG  B C2     1 
ATOM   334  N  N2     . DG  A 1 11 ? 1.307   -3.511  5.770   1.00 96.33  ? 17  DG  B N2     1 
ATOM   335  N  N3     . DG  A 1 11 ? 1.067   -1.296  6.359   1.00 107.58 ? 17  DG  B N3     1 
ATOM   336  C  C4     . DG  A 1 11 ? 0.402   -0.166  6.021   1.00 101.53 ? 17  DG  B C4     1 
ATOM   337  H  "H5'"  . DG  A 1 11 ? -0.642  3.659   8.251   1.00 155.02 ? 17  DG  B "H5'"  1 
ATOM   338  H  "H5''" . DG  A 1 11 ? -1.465  2.872   9.349   1.00 155.02 ? 17  DG  B "H5''" 1 
ATOM   339  H  "H4'"  . DG  A 1 11 ? 0.573   2.563   10.549  1.00 156.21 ? 17  DG  B "H4'"  1 
ATOM   340  H  "H3'"  . DG  A 1 11 ? 1.764   4.280   9.115   1.00 147.02 ? 17  DG  B "H3'"  1 
ATOM   341  H  "H2'"  . DG  A 1 11 ? 1.584   3.331   7.079   1.00 116.87 ? 17  DG  B "H2'"  1 
ATOM   342  H  "H2''" . DG  A 1 11 ? 2.977   2.678   7.507   1.00 116.87 ? 17  DG  B "H2''" 1 
ATOM   343  H  "H1'"  . DG  A 1 11 ? 2.054   0.707   7.884   1.00 127.06 ? 17  DG  B "H1'"  1 
ATOM   344  H  H8     . DG  A 1 11 ? -0.444  2.802   6.195   1.00 133.83 ? 17  DG  B H8     1 
ATOM   345  H  H1     . DG  A 1 11 ? -0.311  -2.943  4.081   1.00 102.40 ? 17  DG  B H1     1 
ATOM   346  H  H21    . DG  A 1 11 ? 1.876   -3.619  6.405   1.00 116.05 ? 17  DG  B H21    1 
ATOM   347  H  H22    . DG  A 1 11 ? 1.102   -4.172  5.260   1.00 116.05 ? 17  DG  B H22    1 
ATOM   348  P  P      . DA  A 1 12 ? 4.447   3.236   9.630   1.00 127.62 ? 18  DA  B P      1 
ATOM   349  O  OP1    . DA  A 1 12 ? 5.213   3.424   10.885  1.00 106.53 ? 18  DA  B OP1    1 
ATOM   350  O  OP2    . DA  A 1 12 ? 4.455   4.293   8.592   1.00 109.38 ? 18  DA  B OP2    1 
ATOM   351  O  "O5'"  . DA  A 1 12 ? 4.907   1.874   8.941   1.00 119.14 ? 18  DA  B "O5'"  1 
ATOM   352  C  "C5'"  . DA  A 1 12 ? 6.231   1.725   8.492   1.00 107.02 ? 18  DA  B "C5'"  1 
ATOM   353  C  "C4'"  . DA  A 1 12 ? 6.636   0.268   8.503   1.00 95.91  ? 18  DA  B "C4'"  1 
ATOM   354  O  "O4'"  . DA  A 1 12 ? 5.586   -0.535  7.904   1.00 104.26 ? 18  DA  B "O4'"  1 
ATOM   355  C  "C3'"  . DA  A 1 12 ? 7.882   -0.038  7.702   1.00 83.88  ? 18  DA  B "C3'"  1 
ATOM   356  O  "O3'"  . DA  A 1 12 ? 8.589   -1.133  8.264   1.00 83.84  ? 18  DA  B "O3'"  1 
ATOM   357  C  "C2'"  . DA  A 1 12 ? 7.335   -0.335  6.308   1.00 118.47 ? 18  DA  B "C2'"  1 
ATOM   358  C  "C1'"  . DA  A 1 12 ? 5.933   -0.886  6.573   1.00 101.76 ? 18  DA  B "C1'"  1 
ATOM   359  N  N9     . DA  A 1 12 ? 4.911   -0.352  5.672   1.00 88.91  ? 18  DA  B N9     1 
ATOM   360  C  C8     . DA  A 1 12 ? 4.444   0.933   5.630   1.00 86.56  ? 18  DA  B C8     1 
ATOM   361  N  N7     . DA  A 1 12 ? 3.521   1.134   4.718   1.00 87.71  ? 18  DA  B N7     1 
ATOM   362  C  C5     . DA  A 1 12 ? 3.366   -0.107  4.118   1.00 91.15  ? 18  DA  B C5     1 
ATOM   363  C  C6     . DA  A 1 12 ? 2.532   -0.562  3.068   1.00 85.98  ? 18  DA  B C6     1 
ATOM   364  N  N6     . DA  A 1 12 ? 1.662   0.224   2.421   1.00 99.18  ? 18  DA  B N6     1 
ATOM   365  N  N1     . DA  A 1 12 ? 2.633   -1.858  2.709   1.00 75.33  ? 18  DA  B N1     1 
ATOM   366  C  C2     . DA  A 1 12 ? 3.502   -2.643  3.362   1.00 89.69  ? 18  DA  B C2     1 
ATOM   367  N  N3     . DA  A 1 12 ? 4.333   -2.331  4.361   1.00 87.47  ? 18  DA  B N3     1 
ATOM   368  C  C4     . DA  A 1 12 ? 4.215   -1.036  4.694   1.00 92.10  ? 18  DA  B C4     1 
ATOM   369  H  "H5'"  . DA  A 1 12 ? 6.824   2.226   9.074   1.00 128.87 ? 18  DA  B "H5'"  1 
ATOM   370  H  "H5''" . DA  A 1 12 ? 6.303   2.071   7.588   1.00 128.87 ? 18  DA  B "H5''" 1 
ATOM   371  H  "H4'"  . DA  A 1 12 ? 6.770   -0.018  9.420   1.00 115.54 ? 18  DA  B "H4'"  1 
ATOM   372  H  "H3'"  . DA  A 1 12 ? 8.455   0.745   7.673   1.00 101.10 ? 18  DA  B "H3'"  1 
ATOM   373  H  "H2'"  . DA  A 1 12 ? 7.286   0.479   5.781   1.00 142.61 ? 18  DA  B "H2'"  1 
ATOM   374  H  "H2''" . DA  A 1 12 ? 7.882   -1.000  5.861   1.00 142.61 ? 18  DA  B "H2''" 1 
ATOM   375  H  "H1'"  . DA  A 1 12 ? 5.951   -1.853  6.495   1.00 122.56 ? 18  DA  B "H1'"  1 
ATOM   376  H  H8     . DA  A 1 12 ? 4.752   1.603   6.198   1.00 104.32 ? 18  DA  B H8     1 
ATOM   377  H  H61    . DA  A 1 12 ? 1.195   -0.094  1.773   1.00 119.46 ? 18  DA  B H61    1 
ATOM   378  H  H62    . DA  A 1 12 ? 1.570   1.046   2.655   1.00 119.46 ? 18  DA  B H62    1 
ATOM   379  H  H2     . DA  A 1 12 ? 3.531   -3.529  3.080   1.00 108.08 ? 18  DA  B H2     1 
ATOM   380  P  P      . DC  A 1 13 ? 10.109  -1.408  7.828   1.00 116.06 ? 19  DC  B P      1 
ATOM   381  O  OP1    . DC  A 1 13 ? 10.716  -2.334  8.811   1.00 108.30 ? 19  DC  B OP1    1 
ATOM   382  O  OP2    . DC  A 1 13 ? 10.744  -0.098  7.549   1.00 95.20  ? 19  DC  B OP2    1 
ATOM   383  O  "O5'"  . DC  A 1 13 ? 9.954   -2.164  6.433   1.00 120.36 ? 19  DC  B "O5'"  1 
ATOM   384  C  "C5'"  . DC  A 1 13 ? 9.092   -3.291  6.333   1.00 103.65 ? 19  DC  B "C5'"  1 
ATOM   385  C  "C4'"  . DC  A 1 13 ? 8.870   -3.680  4.884   1.00 95.70  ? 19  DC  B "C4'"  1 
ATOM   386  O  "O4'"  . DC  A 1 13 ? 7.716   -2.999  4.363   1.00 92.86  ? 19  DC  B "O4'"  1 
ATOM   387  C  "C3'"  . DC  A 1 13 ? 10.005  -3.311  3.932   1.00 95.59  ? 19  DC  B "C3'"  1 
ATOM   388  O  "O3'"  . DC  A 1 13 ? 10.870  -4.423  3.741   1.00 103.47 ? 19  DC  B "O3'"  1 
ATOM   389  C  "C2'"  . DC  A 1 13 ? 9.290   -2.884  2.636   1.00 101.50 ? 19  DC  B "C2'"  1 
ATOM   390  C  "C1'"  . DC  A 1 13 ? 7.802   -3.026  2.962   1.00 94.31  ? 19  DC  B "C1'"  1 
ATOM   391  N  N1     . DC  A 1 13 ? 6.940   -1.938  2.406   1.00 80.46  ? 19  DC  B N1     1 
ATOM   392  C  C2     . DC  A 1 13 ? 6.070   -2.219  1.347   1.00 80.30  ? 19  DC  B C2     1 
ATOM   393  O  O2     . DC  A 1 13 ? 6.031   -3.367  0.884   1.00 86.27  ? 19  DC  B O2     1 
ATOM   394  N  N3     . DC  A 1 13 ? 5.287   -1.225  0.859   1.00 80.71  ? 19  DC  B N3     1 
ATOM   395  C  C4     . DC  A 1 13 ? 5.353   -0.004  1.386   1.00 91.57  ? 19  DC  B C4     1 
ATOM   396  N  N4     . DC  A 1 13 ? 4.564   0.946   0.870   1.00 98.31  ? 19  DC  B N4     1 
ATOM   397  C  C5     . DC  A 1 13 ? 6.233   0.304   2.468   1.00 95.30  ? 19  DC  B C5     1 
ATOM   398  C  C6     . DC  A 1 13 ? 6.998   -0.688  2.940   1.00 86.07  ? 19  DC  B C6     1 
ATOM   399  H  "H5'"  . DC  A 1 13 ? 8.237   -3.074  6.739   1.00 124.83 ? 19  DC  B "H5'"  1 
ATOM   400  H  "H5''" . DC  A 1 13 ? 9.488   -4.038  6.806   1.00 124.83 ? 19  DC  B "H5''" 1 
ATOM   401  H  "H4'"  . DC  A 1 13 ? 8.718   -4.637  4.837   1.00 115.29 ? 19  DC  B "H4'"  1 
ATOM   402  H  "H3'"  . DC  A 1 13 ? 10.506  -2.563  4.292   1.00 115.15 ? 19  DC  B "H3'"  1 
ATOM   403  H  "H2'"  . DC  A 1 13 ? 9.503   -1.962  2.419   1.00 122.25 ? 19  DC  B "H2'"  1 
ATOM   404  H  "H2''" . DC  A 1 13 ? 9.534   -3.472  1.904   1.00 122.25 ? 19  DC  B "H2''" 1 
ATOM   405  H  "H1'"  . DC  A 1 13 ? 7.483   -3.883  2.639   1.00 113.62 ? 19  DC  B "H1'"  1 
ATOM   406  H  H41    . DC  A 1 13 ? 4.580   1.742   1.196   1.00 118.42 ? 19  DC  B H41    1 
ATOM   407  H  H42    . DC  A 1 13 ? 4.041   0.762   0.213   1.00 118.42 ? 19  DC  B H42    1 
ATOM   408  H  H5     . DC  A 1 13 ? 6.272   1.159   2.830   1.00 114.81 ? 19  DC  B H5     1 
ATOM   409  H  H6     . DC  A 1 13 ? 7.580   -0.519  3.645   1.00 103.73 ? 19  DC  B H6     1 
ATOM   410  P  P      . DG  A 1 14 ? 12.252  -4.246  2.943   1.00 111.43 ? 20  DG  B P      1 
ATOM   411  O  OP1    . DG  A 1 14 ? 13.186  -5.282  3.438   1.00 94.12  ? 20  DG  B OP1    1 
ATOM   412  O  OP2    . DG  A 1 14 ? 12.633  -2.817  3.007   1.00 111.82 ? 20  DG  B OP2    1 
ATOM   413  O  "O5'"  . DG  A 1 14 ? 11.854  -4.584  1.430   1.00 115.33 ? 20  DG  B "O5'"  1 
ATOM   414  C  "C5'"  . DG  A 1 14 ? 11.202  -5.815  1.127   1.00 91.65  ? 20  DG  B "C5'"  1 
ATOM   415  C  "C4'"  . DG  A 1 14 ? 10.441  -5.717  -0.179  1.00 84.34  ? 20  DG  B "C4'"  1 
ATOM   416  O  "O4'"  . DG  A 1 14 ? 9.507   -4.614  -0.107  1.00 90.21  ? 20  DG  B "O4'"  1 
ATOM   417  C  "C3'"  . DG  A 1 14 ? 11.317  -5.452  -1.406  1.00 105.96 ? 20  DG  B "C3'"  1 
ATOM   418  O  "O3'"  . DG  A 1 14 ? 11.356  -6.598  -2.256  1.00 115.91 ? 20  DG  B "O3'"  1 
ATOM   419  C  "C2'"  . DG  A 1 14 ? 10.678  -4.237  -2.095  1.00 91.12  ? 20  DG  B "C2'"  1 
ATOM   420  C  "C1'"  . DG  A 1 14 ? 9.336   -4.075  -1.392  1.00 96.86  ? 20  DG  B "C1'"  1 
ATOM   421  N  N9     . DG  A 1 14 ? 8.893   -2.686  -1.264  1.00 83.37  ? 20  DG  B N9     1 
ATOM   422  C  C8     . DG  A 1 14 ? 9.339   -1.759  -0.352  1.00 100.43 ? 20  DG  B C8     1 
ATOM   423  N  N7     . DG  A 1 14 ? 8.759   -0.595  -0.468  1.00 97.22  ? 20  DG  B N7     1 
ATOM   424  C  C5     . DG  A 1 14 ? 7.876   -0.759  -1.526  1.00 76.21  ? 20  DG  B C5     1 
ATOM   425  C  C6     . DG  A 1 14 ? 6.976   0.164   -2.110  1.00 71.42  ? 20  DG  B C6     1 
ATOM   426  O  O6     . DG  A 1 14 ? 6.779   1.348   -1.796  1.00 80.75  ? 20  DG  B O6     1 
ATOM   427  N  N1     . DG  A 1 14 ? 6.259   -0.409  -3.159  1.00 69.44  ? 20  DG  B N1     1 
ATOM   428  C  C2     . DG  A 1 14 ? 6.398   -1.708  -3.587  1.00 77.50  ? 20  DG  B C2     1 
ATOM   429  N  N2     . DG  A 1 14 ? 5.622   -2.078  -4.616  1.00 76.73  ? 20  DG  B N2     1 
ATOM   430  N  N3     . DG  A 1 14 ? 7.238   -2.585  -3.047  1.00 77.39  ? 20  DG  B N3     1 
ATOM   431  C  C4     . DG  A 1 14 ? 7.943   -2.042  -2.025  1.00 74.15  ? 20  DG  B C4     1 
ATOM   432  H  "H5'"  . DG  A 1 14 ? 10.583  -6.032  1.842   1.00 110.43 ? 20  DG  B "H5'"  1 
ATOM   433  H  "H5''" . DG  A 1 14 ? 11.866  -6.519  1.058   1.00 110.43 ? 20  DG  B "H5''" 1 
ATOM   434  H  "H4'"  . DG  A 1 14 ? 9.945   -6.540  -0.317  1.00 101.66 ? 20  DG  B "H4'"  1 
ATOM   435  H  "H3'"  . DG  A 1 14 ? 12.217  -5.228  -1.121  1.00 127.60 ? 20  DG  B "H3'"  1 
ATOM   436  H  "H2'"  . DG  A 1 14 ? 11.226  -3.447  -1.966  1.00 109.79 ? 20  DG  B "H2'"  1 
ATOM   437  H  "H2''" . DG  A 1 14 ? 10.548  -4.413  -3.040  1.00 109.79 ? 20  DG  B "H2''" 1 
ATOM   438  H  "H1'"  . DG  A 1 14 ? 8.660   -4.585  -1.866  1.00 116.68 ? 20  DG  B "H1'"  1 
ATOM   439  H  H8     . DG  A 1 14 ? 9.987   -1.944  0.288   1.00 120.97 ? 20  DG  B H8     1 
ATOM   440  H  H1     . DG  A 1 14 ? 5.691   0.087   -3.570  1.00 83.77  ? 20  DG  B H1     1 
ATOM   441  H  H21    . DG  A 1 14 ? 5.650   -2.887  -4.908  1.00 92.53  ? 20  DG  B H21    1 
ATOM   442  H  H22    . DG  A 1 14 ? 5.095   -1.507  -4.985  1.00 92.53  ? 20  DG  B H22    1 
ATOM   443  P  P      . DG  A 1 15 ? 12.547  -6.771  -3.324  1.00 111.75 ? 21  DG  B P      1 
ATOM   444  O  OP1    . DG  A 1 15 ? 12.446  -8.136  -3.890  1.00 82.86  ? 21  DG  B OP1    1 
ATOM   445  O  OP2    . DG  A 1 15 ? 13.807  -6.344  -2.675  1.00 109.29 ? 21  DG  B OP2    1 
ATOM   446  O  "O5'"  . DG  A 1 15 ? 12.213  -5.679  -4.443  1.00 96.45  ? 21  DG  B "O5'"  1 
ATOM   447  C  "C5'"  . DG  A 1 15 ? 11.900  -6.082  -5.762  1.00 76.71  ? 21  DG  B "C5'"  1 
ATOM   448  C  "C4'"  . DG  A 1 15 ? 10.676  -5.349  -6.266  1.00 84.43  ? 21  DG  B "C4'"  1 
ATOM   449  O  "O4'"  . DG  A 1 15 ? 10.319  -4.305  -5.347  1.00 95.54  ? 21  DG  B "O4'"  1 
ATOM   450  C  "C3'"  . DG  A 1 15 ? 10.856  -4.633  -7.592  1.00 100.60 ? 21  DG  B "C3'"  1 
ATOM   451  O  "O3'"  . DG  A 1 15 ? 10.511  -5.491  -8.662  1.00 102.56 ? 21  DG  B "O3'"  1 
ATOM   452  C  "C2'"  . DG  A 1 15 ? 9.922   -3.411  -7.486  1.00 88.86  ? 21  DG  B "C2'"  1 
ATOM   453  C  "C1'"  . DG  A 1 15 ? 9.476   -3.401  -6.020  1.00 89.50  ? 21  DG  B "C1'"  1 
ATOM   454  N  N9     . DG  A 1 15 ? 9.569   -2.098  -5.359  1.00 81.45  ? 21  DG  B N9     1 
ATOM   455  C  C8     . DG  A 1 15 ? 10.317  -1.786  -4.249  1.00 88.45  ? 21  DG  B C8     1 
ATOM   456  N  N7     . DG  A 1 15 ? 10.190  -0.546  -3.864  1.00 69.48  ? 21  DG  B N7     1 
ATOM   457  C  C5     . DG  A 1 15 ? 9.300   0.003   -4.776  1.00 66.95  ? 21  DG  B C5     1 
ATOM   458  C  C6     . DG  A 1 15 ? 8.787   1.318   -4.863  1.00 73.16  ? 21  DG  B C6     1 
ATOM   459  O  O6     . DG  A 1 15 ? 9.032   2.287   -4.131  1.00 79.47  ? 21  DG  B O6     1 
ATOM   460  N  N1     . DG  A 1 15 ? 7.906   1.457   -5.933  1.00 55.37  ? 21  DG  B N1     1 
ATOM   461  C  C2     . DG  A 1 15 ? 7.568   0.447   -6.811  1.00 67.90  ? 21  DG  B C2     1 
ATOM   462  N  N2     . DG  A 1 15 ? 6.702   0.767   -7.786  1.00 74.94  ? 21  DG  B N2     1 
ATOM   463  N  N3     . DG  A 1 15 ? 8.042   -0.792  -6.737  1.00 66.99  ? 21  DG  B N3     1 
ATOM   464  C  C4     . DG  A 1 15 ? 8.901   -0.940  -5.701  1.00 69.48  ? 21  DG  B C4     1 
ATOM   465  H  "H5'"  . DG  A 1 15 ? 11.727  -7.036  -5.772  1.00 92.51  ? 21  DG  B "H5'"  1 
ATOM   466  H  "H5''" . DG  A 1 15 ? 12.652  -5.887  -6.342  1.00 92.51  ? 21  DG  B "H5''" 1 
ATOM   467  H  "H4'"  . DG  A 1 15 ? 9.939   -5.973  -6.340  1.00 101.77 ? 21  DG  B "H4'"  1 
ATOM   468  H  "H3'"  . DG  A 1 15 ? 11.775  -4.338  -7.687  1.00 121.16 ? 21  DG  B "H3'"  1 
ATOM   469  H  "H2'"  . DG  A 1 15 ? 10.404  -2.597  -7.700  1.00 107.08 ? 21  DG  B "H2'"  1 
ATOM   470  H  "H2''" . DG  A 1 15 ? 9.156   -3.518  -8.072  1.00 107.08 ? 21  DG  B "H2''" 1 
ATOM   471  H  "H1'"  . DG  A 1 15 ? 8.562   -3.720  -5.966  1.00 107.84 ? 21  DG  B "H1'"  1 
ATOM   472  H  H8     . DG  A 1 15 ? 10.861  -2.401  -3.813  1.00 106.59 ? 21  DG  B H8     1 
ATOM   473  H  H1     . DG  A 1 15 ? 7.550   2.229   -6.059  1.00 66.90  ? 21  DG  B H1     1 
ATOM   474  H  H21    . DG  A 1 15 ? 6.447   0.168   -8.348  1.00 90.38  ? 21  DG  B H21    1 
ATOM   475  H  H22    . DG  A 1 15 ? 6.402   1.570   -7.847  1.00 90.38  ? 21  DG  B H22    1 
ATOM   476  P  P      . DC  A 1 16 ? 11.331  -5.420  -10.038 1.00 138.64 ? 22  DC  B P      1 
ATOM   477  O  OP1    . DC  A 1 16 ? 11.034  -6.655  -10.802 1.00 113.91 ? 22  DC  B OP1    1 
ATOM   478  O  OP2    . DC  A 1 16 ? 12.730  -5.055  -9.716  1.00 114.49 ? 22  DC  B OP2    1 
ATOM   479  O  "O5'"  . DC  A 1 16 ? 10.677  -4.172  -10.786 1.00 119.35 ? 22  DC  B "O5'"  1 
ATOM   480  C  "C5'"  . DC  A 1 16 ? 9.269   -4.126  -10.973 1.00 114.89 ? 22  DC  B "C5'"  1 
ATOM   481  C  "C4'"  . DC  A 1 16 ? 8.831   -2.752  -11.439 1.00 119.55 ? 22  DC  B "C4'"  1 
ATOM   482  O  "O4'"  . DC  A 1 16 ? 8.880   -1.834  -10.331 1.00 95.84  ? 22  DC  B "O4'"  1 
ATOM   483  C  "C3'"  . DC  A 1 16 ? 9.710   -2.131  -12.528 1.00 107.52 ? 22  DC  B "C3'"  1 
ATOM   484  O  "O3'"  . DC  A 1 16 ? 9.058   -2.185  -13.795 1.00 111.48 ? 22  DC  B "O3'"  1 
ATOM   485  C  "C2'"  . DC  A 1 16 ? 9.945   -0.686  -12.064 1.00 107.81 ? 22  DC  B "C2'"  1 
ATOM   486  C  "C1'"  . DC  A 1 16 ? 9.056   -0.538  -10.836 1.00 81.25  ? 22  DC  B "C1'"  1 
ATOM   487  N  N1     . DC  A 1 16 ? 9.622   0.320   -9.746  1.00 80.23  ? 22  DC  B N1     1 
ATOM   488  C  C2     . DC  A 1 16 ? 9.249   1.666   -9.653  1.00 79.10  ? 22  DC  B C2     1 
ATOM   489  O  O2     . DC  A 1 16 ? 8.475   2.137   -10.495 1.00 82.57  ? 22  DC  B O2     1 
ATOM   490  N  N3     . DC  A 1 16 ? 9.760   2.421   -8.644  1.00 81.84  ? 22  DC  B N3     1 
ATOM   491  C  C4     . DC  A 1 16 ? 10.595  1.875   -7.755  1.00 77.87  ? 22  DC  B C4     1 
ATOM   492  N  N4     . DC  A 1 16 ? 11.072  2.654   -6.774  1.00 76.54  ? 22  DC  B N4     1 
ATOM   493  C  C5     . DC  A 1 16 ? 10.975  0.503   -7.829  1.00 73.37  ? 22  DC  B C5     1 
ATOM   494  C  C6     . DC  A 1 16 ? 10.466  -0.228  -8.830  1.00 82.44  ? 22  DC  B C6     1 
ATOM   495  H  "H5'"  . DC  A 1 16 ? 8.829   -4.333  -10.134 1.00 138.32 ? 22  DC  B "H5'"  1 
ATOM   496  H  "H5''" . DC  A 1 16 ? 9.014   -4.785  -11.638 1.00 138.32 ? 22  DC  B "H5''" 1 
ATOM   497  H  "H4'"  . DC  A 1 16 ? 7.919   -2.805  -11.764 1.00 143.91 ? 22  DC  B "H4'"  1 
ATOM   498  H  "H3'"  . DC  A 1 16 ? 10.557  -2.601  -12.574 1.00 129.47 ? 22  DC  B "H3'"  1 
ATOM   499  H  "H2'"  . DC  A 1 16 ? 10.876  -0.553  -11.825 1.00 129.82 ? 22  DC  B "H2'"  1 
ATOM   500  H  "H2''" . DC  A 1 16 ? 9.677   -0.059  -12.753 1.00 129.82 ? 22  DC  B "H2''" 1 
ATOM   501  H  "H1'"  . DC  A 1 16 ? 8.195   -0.183  -11.107 1.00 97.94  ? 22  DC  B "H1'"  1 
ATOM   502  H  H41    . DC  A 1 16 ? 11.636  2.337   -6.208  1.00 92.29  ? 22  DC  B H41    1 
ATOM   503  H  H42    . DC  A 1 16 ? 10.813  3.473   -6.710  1.00 92.29  ? 22  DC  B H42    1 
ATOM   504  H  H5     . DC  A 1 16 ? 11.555  0.129   -7.207  1.00 88.49  ? 22  DC  B H5     1 
ATOM   505  H  H6     . DC  A 1 16 ? 10.696  -1.127  -8.901  1.00 99.38  ? 22  DC  B H6     1 
ATOM   506  P  P      . DG  A 1 17 ? 9.913   -2.049  -15.149 1.00 122.60 ? 23  DG  B P      1 
ATOM   507  O  OP1    . DG  A 1 17 ? 9.205   -2.814  -16.200 1.00 124.49 ? 23  DG  B OP1    1 
ATOM   508  O  OP2    . DG  A 1 17 ? 11.323  -2.360  -14.820 1.00 138.87 ? 23  DG  B OP2    1 
ATOM   509  O  "O5'"  . DG  A 1 17 ? 9.833   -0.493  -15.509 1.00 122.07 ? 23  DG  B "O5'"  1 
ATOM   510  C  "C5'"  . DG  A 1 17 ? 8.590   0.094   -15.869 1.00 106.19 ? 23  DG  B "C5'"  1 
ATOM   511  C  "C4'"  . DG  A 1 17 ? 8.676   1.608   -15.811 1.00 106.08 ? 23  DG  B "C4'"  1 
ATOM   512  O  "O4'"  . DG  A 1 17 ? 9.078   2.011   -14.477 1.00 110.97 ? 23  DG  B "O4'"  1 
ATOM   513  C  "C3'"  . DG  A 1 17 ? 9.687   2.232   -16.778 1.00 113.54 ? 23  DG  B "C3'"  1 
ATOM   514  O  "O3'"  . DG  A 1 17 ? 9.042   3.208   -17.594 1.00 118.18 ? 23  DG  B "O3'"  1 
ATOM   515  C  "C2'"  . DG  A 1 17 ? 10.770  2.834   -15.871 1.00 90.43  ? 23  DG  B "C2'"  1 
ATOM   516  C  "C1'"  . DG  A 1 17 ? 10.055  3.023   -14.546 1.00 99.57  ? 23  DG  B "C1'"  1 
ATOM   517  N  N9     . DG  A 1 17 ? 10.915  2.893   -13.371 1.00 82.43  ? 23  DG  B N9     1 
ATOM   518  C  C8     . DG  A 1 17 ? 11.563  1.761   -12.951 1.00 85.99  ? 23  DG  B C8     1 
ATOM   519  N  N7     . DG  A 1 17 ? 12.239  1.924   -11.851 1.00 89.24  ? 23  DG  B N7     1 
ATOM   520  C  C5     . DG  A 1 17 ? 12.030  3.253   -11.518 1.00 85.99  ? 23  DG  B C5     1 
ATOM   521  C  C6     . DG  A 1 17 ? 12.519  4.003   -10.423 1.00 96.74  ? 23  DG  B C6     1 
ATOM   522  O  O6     . DG  A 1 17 ? 13.260  3.624   -9.502  1.00 101.35 ? 23  DG  B O6     1 
ATOM   523  N  N1     . DG  A 1 17 ? 12.065  5.319   -10.455 1.00 96.79  ? 23  DG  B N1     1 
ATOM   524  C  C2     . DG  A 1 17 ? 11.241  5.841   -11.425 1.00 101.60 ? 23  DG  B C2     1 
ATOM   525  N  N2     . DG  A 1 17 ? 10.911  7.134   -11.290 1.00 116.37 ? 23  DG  B N2     1 
ATOM   526  N  N3     . DG  A 1 17 ? 10.778  5.148   -12.460 1.00 79.25  ? 23  DG  B N3     1 
ATOM   527  C  C4     . DG  A 1 17 ? 11.211  3.865   -12.441 1.00 81.88  ? 23  DG  B C4     1 
ATOM   528  H  "H5'"  . DG  A 1 17 ? 7.903   -0.210  -15.256 1.00 127.88 ? 23  DG  B "H5'"  1 
ATOM   529  H  "H5''" . DG  A 1 17 ? 8.357   -0.178  -16.770 1.00 127.88 ? 23  DG  B "H5''" 1 
ATOM   530  H  "H4'"  . DG  A 1 17 ? 7.798   1.977   -15.997 1.00 127.74 ? 23  DG  B "H4'"  1 
ATOM   531  H  "H3'"  . DG  A 1 17 ? 10.074  1.540   -17.338 1.00 136.70 ? 23  DG  B "H3'"  1 
ATOM   532  H  "H2'"  . DG  A 1 17 ? 11.514  2.219   -15.774 1.00 108.96 ? 23  DG  B "H2'"  1 
ATOM   533  H  "H2''" . DG  A 1 17 ? 11.072  3.687   -16.221 1.00 108.96 ? 23  DG  B "H2''" 1 
ATOM   534  H  "H1'"  . DG  A 1 17 ? 9.622   3.890   -14.535 1.00 119.93 ? 23  DG  B "H1'"  1 
ATOM   535  H  H8     . DG  A 1 17 ? 11.515  0.950   -13.403 1.00 103.63 ? 23  DG  B H8     1 
ATOM   536  H  H1     . DG  A 1 17 ? 12.321  5.844   -9.824  1.00 116.60 ? 23  DG  B H1     1 
ATOM   537  H  H21    . DG  A 1 17 ? 10.390  7.508   -11.863 1.00 140.09 ? 23  DG  B H21    1 
ATOM   538  H  H22    . DG  A 1 17 ? 11.219  7.590   -10.628 1.00 140.09 ? 23  DG  B H22    1 
ATOM   539  P  P      . DA  A 1 18 ? 9.890   4.108   -18.617 1.00 117.29 ? 24  DA  B P      1 
ATOM   540  O  OP1    . DA  A 1 18 ? 8.982   4.522   -19.711 1.00 97.74  ? 24  DA  B OP1    1 
ATOM   541  O  OP2    . DA  A 1 18 ? 11.149  3.387   -18.914 1.00 114.51 ? 24  DA  B OP2    1 
ATOM   542  O  "O5'"  . DA  A 1 18 ? 10.265  5.396   -17.753 1.00 85.88  ? 24  DA  B "O5'"  1 
ATOM   543  C  "C5'"  . DA  A 1 18 ? 10.864  6.511   -18.373 1.00 96.02  ? 24  DA  B "C5'"  1 
ATOM   544  C  "C4'"  . DA  A 1 18 ? 11.127  7.605   -17.362 1.00 100.23 ? 24  DA  B "C4'"  1 
ATOM   545  O  "O4'"  . DA  A 1 18 ? 11.362  7.004   -16.062 1.00 94.90  ? 24  DA  B "O4'"  1 
ATOM   546  C  "C3'"  . DA  A 1 18 ? 12.342  8.471   -17.675 1.00 111.18 ? 24  DA  B "C3'"  1 
ATOM   547  O  "O3'"  . DA  A 1 18 ? 12.001  9.842   -17.668 1.00 110.72 ? 24  DA  B "O3'"  1 
ATOM   548  C  "C2'"  . DA  A 1 18 ? 13.356  8.123   -16.592 1.00 109.71 ? 24  DA  B "C2'"  1 
ATOM   549  C  "C1'"  . DA  A 1 18 ? 12.513  7.555   -15.466 1.00 98.11  ? 24  DA  B "C1'"  1 
ATOM   550  N  N9     . DA  A 1 18 ? 13.190  6.504   -14.707 1.00 92.07  ? 24  DA  B N9     1 
ATOM   551  C  C8     . DA  A 1 18 ? 13.191  5.165   -14.980 1.00 100.90 ? 24  DA  B C8     1 
ATOM   552  N  N7     . DA  A 1 18 ? 13.890  4.449   -14.127 1.00 94.95  ? 24  DA  B N7     1 
ATOM   553  C  C5     . DA  A 1 18 ? 14.381  5.385   -13.232 1.00 95.74  ? 24  DA  B C5     1 
ATOM   554  C  C6     . DA  A 1 18 ? 15.196  5.272   -12.083 1.00 107.90 ? 24  DA  B C6     1 
ATOM   555  N  N6     . DA  A 1 18 ? 15.682  4.110   -11.631 1.00 99.86  ? 24  DA  B N6     1 
ATOM   556  N  N1     . DA  A 1 18 ? 15.500  6.406   -11.421 1.00 119.94 ? 24  DA  B N1     1 
ATOM   557  C  C2     . DA  A 1 18 ? 15.017  7.568   -11.874 1.00 120.98 ? 24  DA  B C2     1 
ATOM   558  N  N3     . DA  A 1 18 ? 14.244  7.801   -12.934 1.00 105.30 ? 24  DA  B N3     1 
ATOM   559  C  C4     . DA  A 1 18 ? 13.958  6.659   -13.574 1.00 96.34  ? 24  DA  B C4     1 
ATOM   560  H  "H5'"  . DA  A 1 18 ? 10.273  6.848   -19.063 1.00 115.68 ? 24  DA  B "H5'"  1 
ATOM   561  H  "H5''" . DA  A 1 18 ? 11.705  6.239   -18.774 1.00 115.68 ? 24  DA  B "H5''" 1 
ATOM   562  H  "H4'"  . DA  A 1 18 ? 10.343  8.174   -17.305 1.00 120.73 ? 24  DA  B "H4'"  1 
ATOM   563  H  "H3'"  . DA  A 1 18 ? 12.700  8.228   -18.544 1.00 133.86 ? 24  DA  B "H3'"  1 
ATOM   564  H  "H2'"  . DA  A 1 18 ? 13.984  7.458   -16.915 1.00 132.10 ? 24  DA  B "H2'"  1 
ATOM   565  H  "H2''" . DA  A 1 18 ? 13.826  8.920   -16.297 1.00 132.10 ? 24  DA  B "H2''" 1 
ATOM   566  H  "H1'"  . DA  A 1 18 ? 12.253  8.271   -14.864 1.00 118.18 ? 24  DA  B "H1'"  1 
ATOM   567  H  H8     . DA  A 1 18 ? 12.737  4.793   -15.702 1.00 121.53 ? 24  DA  B H8     1 
ATOM   568  H  H61    . DA  A 1 18 ? 16.193  4.098   -10.940 1.00 120.28 ? 24  DA  B H61    1 
ATOM   569  H  H62    . DA  A 1 18 ? 15.482  3.375   -12.031 1.00 120.28 ? 24  DA  B H62    1 
ATOM   570  H  H2     . DA  A 1 18 ? 15.257  8.321   -11.382 1.00 145.62 ? 24  DA  B H2     1 
ATOM   571  P  P      . DG  A 1 19 ? 12.815  10.861  -18.604 1.00 130.84 ? 25  DG  B P      1 
ATOM   572  O  OP1    . DG  A 1 19 ? 11.964  12.055  -18.808 1.00 127.75 ? 25  DG  B OP1    1 
ATOM   573  O  OP2    . DG  A 1 19 ? 13.302  10.093  -19.773 1.00 98.47  ? 25  DG  B OP2    1 
ATOM   574  O  "O5'"  . DG  A 1 19 ? 14.086  11.261  -17.718 1.00 104.31 ? 25  DG  B "O5'"  1 
ATOM   575  C  "C5'"  . DG  A 1 19 ? 13.911  12.058  -16.558 1.00 103.86 ? 25  DG  B "C5'"  1 
ATOM   576  C  "C4'"  . DG  A 1 19 ? 15.115  11.964  -15.641 1.00 111.13 ? 25  DG  B "C4'"  1 
ATOM   577  O  "O4'"  . DG  A 1 19 ? 15.214  10.626  -15.106 1.00 100.82 ? 25  DG  B "O4'"  1 
ATOM   578  C  "C3'"  . DG  A 1 19 ? 16.470  12.234  -16.310 1.00 123.01 ? 25  DG  B "C3'"  1 
ATOM   579  O  "O3'"  . DG  A 1 19 ? 16.982  13.496  -15.912 1.00 128.70 ? 25  DG  B "O3'"  1 
ATOM   580  C  "C2'"  . DG  A 1 19 ? 17.365  11.074  -15.847 1.00 129.03 ? 25  DG  B "C2'"  1 
ATOM   581  C  "C1'"  . DG  A 1 19 ? 16.551  10.417  -14.750 1.00 102.13 ? 25  DG  B "C1'"  1 
ATOM   582  N  N9     . DG  A 1 19 ? 16.808  8.994   -14.605 1.00 100.17 ? 25  DG  B N9     1 
ATOM   583  C  C8     . DG  A 1 19 ? 16.293  7.969   -15.359 1.00 99.52  ? 25  DG  B C8     1 
ATOM   584  N  N7     . DG  A 1 19 ? 16.720  6.792   -14.996 1.00 103.34 ? 25  DG  B N7     1 
ATOM   585  C  C5     . DG  A 1 19 ? 17.580  7.057   -13.940 1.00 106.74 ? 25  DG  B C5     1 
ATOM   586  C  C6     . DG  A 1 19 ? 18.343  6.175   -13.144 1.00 114.54 ? 25  DG  B C6     1 
ATOM   587  O  O6     . DG  A 1 19 ? 18.413  4.941   -13.217 1.00 108.55 ? 25  DG  B O6     1 
ATOM   588  N  N1     . DG  A 1 19 ? 19.085  6.862   -12.185 1.00 132.36 ? 25  DG  B N1     1 
ATOM   589  C  C2     . DG  A 1 19 ? 19.081  8.226   -12.017 1.00 135.94 ? 25  DG  B C2     1 
ATOM   590  N  N2     . DG  A 1 19 ? 19.859  8.709   -11.036 1.00 128.71 ? 25  DG  B N2     1 
ATOM   591  N  N3     . DG  A 1 19 ? 18.368  9.060   -12.753 1.00 137.26 ? 25  DG  B N3     1 
ATOM   592  C  C4     . DG  A 1 19 ? 17.645  8.406   -13.693 1.00 116.03 ? 25  DG  B C4     1 
ATOM   593  H  "H5'"  . DG  A 1 19 ? 13.123  11.755  -16.081 1.00 125.08 ? 25  DG  B "H5'"  1 
ATOM   594  H  "H5''" . DG  A 1 19 ? 13.786  12.982  -16.824 1.00 125.08 ? 25  DG  B "H5''" 1 
ATOM   595  H  "H4'"  . DG  A 1 19 ? 14.998  12.587  -14.908 1.00 133.80 ? 25  DG  B "H4'"  1 
ATOM   596  H  "H3'"  . DG  A 1 19 ? 16.371  12.208  -17.274 1.00 148.06 ? 25  DG  B "H3'"  1 
ATOM   597  H  "H2'"  . DG  A 1 19 ? 17.522  10.453  -16.576 1.00 155.28 ? 25  DG  B "H2'"  1 
ATOM   598  H  "H2''" . DG  A 1 19 ? 18.204  11.411  -15.495 1.00 155.28 ? 25  DG  B "H2''" 1 
ATOM   599  H  "H1'"  . DG  A 1 19 ? 16.730  10.862  -13.908 1.00 123.00 ? 25  DG  B "H1'"  1 
ATOM   600  H  H8     . DG  A 1 19 ? 15.689  8.099   -16.054 1.00 119.88 ? 25  DG  B H8     1 
ATOM   601  H  H21    . DG  A 1 19 ? 19.894  9.557   -10.893 1.00 154.90 ? 25  DG  B H21    1 
ATOM   602  P  P      . DT  A 1 20 ? 18.484  13.911  -16.301 1.00 142.16 ? 26  DT  B P      1 
ATOM   603  O  OP1    . DT  A 1 20 ? 18.533  15.389  -16.361 1.00 130.12 ? 26  DT  B OP1    1 
ATOM   604  O  OP2    . DT  A 1 20 ? 18.884  13.096  -17.473 1.00 129.49 ? 26  DT  B OP2    1 
ATOM   605  O  "O5'"  . DT  A 1 20 ? 19.349  13.418  -15.051 1.00 121.10 ? 26  DT  B "O5'"  1 
ATOM   606  C  "C5'"  . DT  A 1 20 ? 19.040  13.899  -13.757 1.00 115.01 ? 26  DT  B "C5'"  1 
ATOM   607  C  "C4'"  . DT  A 1 20 ? 20.259  13.863  -12.856 1.00 127.66 ? 26  DT  B "C4'"  1 
ATOM   608  O  "O4'"  . DT  A 1 20 ? 20.496  12.493  -12.418 1.00 141.77 ? 26  DT  B "O4'"  1 
ATOM   609  C  "C3'"  . DT  A 1 20 ? 21.562  14.321  -13.508 1.00 128.19 ? 26  DT  B "C3'"  1 
ATOM   610  O  "O3'"  . DT  A 1 20 ? 22.353  15.055  -12.568 1.00 138.76 ? 26  DT  B "O3'"  1 
ATOM   611  C  "C2'"  . DT  A 1 20 ? 22.206  13.004  -13.934 1.00 126.96 ? 26  DT  B "C2'"  1 
ATOM   612  C  "C1'"  . DT  A 1 20 ? 21.797  12.081  -12.798 1.00 136.62 ? 26  DT  B "C1'"  1 
ATOM   613  N  N1     . DT  A 1 20 ? 21.750  10.619  -13.145 1.00 124.55 ? 26  DT  B N1     1 
ATOM   614  C  C2     . DT  A 1 20 ? 22.267  9.707   -12.254 1.00 123.46 ? 26  DT  B C2     1 
ATOM   615  O  O2     . DT  A 1 20 ? 22.771  10.025  -11.190 1.00 121.46 ? 26  DT  B O2     1 
ATOM   616  N  N3     . DT  A 1 20 ? 22.163  8.397   -12.645 1.00 121.47 ? 26  DT  B N3     1 
ATOM   617  C  C4     . DT  A 1 20 ? 21.610  7.917   -13.819 1.00 112.36 ? 26  DT  B C4     1 
ATOM   618  O  O4     . DT  A 1 20 ? 21.564  6.718   -14.081 1.00 108.12 ? 26  DT  B O4     1 
ATOM   619  C  C5     . DT  A 1 20 ? 21.081  8.924   -14.710 1.00 110.01 ? 26  DT  B C5     1 
ATOM   620  C  C7     . DT  A 1 20 ? 20.456  8.522   -16.011 1.00 110.62 ? 26  DT  B C7     1 
ATOM   621  C  C6     . DT  A 1 20 ? 21.171  10.212  -14.336 1.00 115.40 ? 26  DT  B C6     1 
ATOM   622  H  "H5'"  . DT  A 1 20 ? 18.342  13.348  -13.371 1.00 138.46 ? 26  DT  B "H5'"  1 
ATOM   623  H  "H5''" . DT  A 1 20 ? 18.722  14.813  -13.826 1.00 138.46 ? 26  DT  B "H5''" 1 
ATOM   624  H  "H4'"  . DT  A 1 20 ? 20.088  14.415  -12.077 1.00 153.64 ? 26  DT  B "H4'"  1 
ATOM   625  H  "H3'"  . DT  A 1 20 ? 21.371  14.868  -14.286 1.00 154.27 ? 26  DT  B "H3'"  1 
ATOM   626  H  "H2'"  . DT  A 1 20 ? 21.839  12.697  -14.779 1.00 152.80 ? 26  DT  B "H2'"  1 
ATOM   627  H  "H2''" . DT  A 1 20 ? 23.170  13.089  -13.982 1.00 152.80 ? 26  DT  B "H2''" 1 
ATOM   628  H  "H1'"  . DT  A 1 20 ? 22.401  12.210  -12.051 1.00 164.39 ? 26  DT  B "H1'"  1 
ATOM   629  H  H3     . DT  A 1 20 ? 22.479  7.810   -12.102 1.00 146.21 ? 26  DT  B H3     1 
ATOM   630  H  H71    . DT  A 1 20 ? 19.534  8.824   -16.034 1.00 133.19 ? 26  DT  B H71    1 
ATOM   631  H  H72    . DT  A 1 20 ? 20.947  8.925   -16.744 1.00 133.19 ? 26  DT  B H72    1 
ATOM   632  H  H73    . DT  A 1 20 ? 20.481  7.556   -16.097 1.00 133.19 ? 26  DT  B H73    1 
ATOM   633  H  H6     . DT  A 1 20 ? 20.836  10.863  -14.910 1.00 138.93 ? 26  DT  B H6     1 
ATOM   634  P  P      . DC  A 1 21 ? 23.923  15.287  -12.814 1.00 151.44 ? 27  DC  B P      1 
ATOM   635  O  OP1    . DC  A 1 21 ? 24.333  16.431  -11.968 1.00 157.24 ? 27  DC  B OP1    1 
ATOM   636  O  OP2    . DC  A 1 21 ? 24.161  15.313  -14.276 1.00 143.01 ? 27  DC  B OP2    1 
ATOM   637  O  "O5'"  . DC  A 1 21 ? 24.593  13.954  -12.237 1.00 144.47 ? 27  DC  B "O5'"  1 
ATOM   638  C  "C5'"  . DC  A 1 21 ? 24.552  13.682  -10.839 1.00 129.81 ? 27  DC  B "C5'"  1 
ATOM   639  C  "C4'"  . DC  A 1 21 ? 25.635  12.693  -10.453 1.00 138.87 ? 27  DC  B "C4'"  1 
ATOM   640  O  "O4'"  . DC  A 1 21 ? 25.304  11.383  -10.994 1.00 137.28 ? 27  DC  B "O4'"  1 
ATOM   641  C  "C3'"  . DC  A 1 21 ? 27.027  13.038  -10.988 1.00 136.88 ? 27  DC  B "C3'"  1 
ATOM   642  O  "O3'"  . DC  A 1 21 ? 28.026  12.815  -9.994  1.00 141.21 ? 27  DC  B "O3'"  1 
ATOM   643  C  "C2'"  . DC  A 1 21 ? 27.182  12.111  -12.189 1.00 130.97 ? 27  DC  B "C2'"  1 
ATOM   644  C  "C1'"  . DC  A 1 21 ? 26.386  10.889  -11.756 1.00 123.85 ? 27  DC  B "C1'"  1 
ATOM   645  N  N1     . DC  A 1 21 ? 25.843  10.059  -12.884 1.00 115.33 ? 27  DC  B N1     1 
ATOM   646  C  C2     . DC  A 1 21 ? 25.852  8.663   -12.777 1.00 116.30 ? 27  DC  B C2     1 
ATOM   647  O  O2     . DC  A 1 21 ? 26.314  8.139   -11.755 1.00 115.57 ? 27  DC  B O2     1 
ATOM   648  N  N3     . DC  A 1 21 ? 25.357  7.921   -13.796 1.00 113.42 ? 27  DC  B N3     1 
ATOM   649  C  C4     . DC  A 1 21 ? 24.867  8.520   -14.881 1.00 112.96 ? 27  DC  B C4     1 
ATOM   650  N  N4     . DC  A 1 21 ? 24.388  7.744   -15.859 1.00 119.15 ? 27  DC  B N4     1 
ATOM   651  C  C5     . DC  A 1 21 ? 24.844  9.940   -15.012 1.00 116.28 ? 27  DC  B C5     1 
ATOM   652  C  C6     . DC  A 1 21 ? 25.335  10.663  -13.999 1.00 119.96 ? 27  DC  B C6     1 
ATOM   653  H  "H5'"  . DC  A 1 21 ? 23.685  13.313  -10.610 1.00 156.22 ? 27  DC  B "H5'"  1 
ATOM   654  H  "H5''" . DC  A 1 21 ? 24.685  14.509  -10.349 1.00 156.22 ? 27  DC  B "H5''" 1 
ATOM   655  H  "H4'"  . DC  A 1 21 ? 25.676  12.634  -9.486  1.00 167.10 ? 27  DC  B "H4'"  1 
ATOM   656  H  "H3'"  . DC  A 1 21 ? 27.050  13.962  -11.280 1.00 164.70 ? 27  DC  B "H3'"  1 
ATOM   657  H  "HO3'" . DC  A 1 21 ? 28.531  13.442  -9.757  1.00 169.90 ? 27  DC  B "HO3'" 1 
ATOM   658  H  "H2'"  . DC  A 1 21 ? 26.795  12.509  -12.984 1.00 157.61 ? 27  DC  B "H2'"  1 
ATOM   659  H  "H2''" . DC  A 1 21 ? 28.114  11.883  -12.331 1.00 157.61 ? 27  DC  B "H2''" 1 
ATOM   660  H  "H1'"  . DC  A 1 21 ? 26.943  10.330  -11.190 1.00 149.07 ? 27  DC  B "H1'"  1 
ATOM   661  H  H41    . DC  A 1 21 ? 24.084  8.100   -16.580 1.00 143.43 ? 27  DC  B H41    1 
ATOM   662  H  H42    . DC  A 1 21 ? 24.384  6.890   -15.765 1.00 143.43 ? 27  DC  B H42    1 
ATOM   663  H  H5     . DC  A 1 21 ? 24.499  10.349  -15.772 1.00 139.98 ? 27  DC  B H5     1 
ATOM   664  H  H6     . DC  A 1 21 ? 25.333  11.591  -14.056 1.00 144.40 ? 27  DC  B H6     1 
ATOM   665  O  "O5'"  . DT  B 2 1  ? 25.720  1.651   -25.104 1.00 141.42 ? 28  DT  C "O5'"  1 
ATOM   666  C  "C5'"  . DT  B 2 1  ? 25.189  0.926   -24.000 1.00 135.42 ? 28  DT  C "C5'"  1 
ATOM   667  C  "C4'"  . DT  B 2 1  ? 26.274  0.122   -23.311 1.00 126.49 ? 28  DT  C "C4'"  1 
ATOM   668  O  "O4'"  . DT  B 2 1  ? 27.443  0.953   -23.149 1.00 114.98 ? 28  DT  C "O4'"  1 
ATOM   669  C  "C3'"  . DT  B 2 1  ? 25.915  -0.368  -21.917 1.00 129.14 ? 28  DT  C "C3'"  1 
ATOM   670  O  "O3'"  . DT  B 2 1  ? 25.356  -1.675  -21.980 1.00 128.36 ? 28  DT  C "O3'"  1 
ATOM   671  C  "C2'"  . DT  B 2 1  ? 27.243  -0.344  -21.164 1.00 106.01 ? 28  DT  C "C2'"  1 
ATOM   672  C  "C1'"  . DT  B 2 1  ? 28.089  0.677   -21.922 1.00 107.49 ? 28  DT  C "C1'"  1 
ATOM   673  N  N1     . DT  B 2 1  ? 28.296  1.973   -21.203 1.00 112.20 ? 28  DT  C N1     1 
ATOM   674  C  C2     . DT  B 2 1  ? 29.008  1.989   -20.026 1.00 122.99 ? 28  DT  C C2     1 
ATOM   675  O  O2     . DT  B 2 1  ? 29.460  0.984   -19.506 1.00 138.80 ? 28  DT  C O2     1 
ATOM   676  N  N3     . DT  B 2 1  ? 29.162  3.230   -19.465 1.00 122.17 ? 28  DT  C N3     1 
ATOM   677  C  C4     . DT  B 2 1  ? 28.696  4.433   -19.961 1.00 116.50 ? 28  DT  C C4     1 
ATOM   678  O  O4     . DT  B 2 1  ? 28.888  5.500   -19.384 1.00 131.01 ? 28  DT  C O4     1 
ATOM   679  C  C5     . DT  B 2 1  ? 27.969  4.349   -21.203 1.00 111.30 ? 28  DT  C C5     1 
ATOM   680  C  C7     . DT  B 2 1  ? 27.415  5.591   -21.836 1.00 110.55 ? 28  DT  C C7     1 
ATOM   681  C  C6     . DT  B 2 1  ? 27.810  3.139   -21.763 1.00 114.29 ? 28  DT  C C6     1 
ATOM   682  H  "H5'"  . DT  B 2 1  ? 24.499  0.323   -24.318 1.00 162.96 ? 28  DT  C "H5'"  1 
ATOM   683  H  "H5''" . DT  B 2 1  ? 24.801  1.549   -23.366 1.00 162.96 ? 28  DT  C "H5''" 1 
ATOM   684  H  "H4'"  . DT  B 2 1  ? 26.502  -0.641  -23.865 1.00 152.23 ? 28  DT  C "H4'"  1 
ATOM   685  H  "H3'"  . DT  B 2 1  ? 25.287  0.243   -21.502 1.00 155.42 ? 28  DT  C "H3'"  1 
ATOM   686  H  "H2'"  . DT  B 2 1  ? 27.108  -0.059  -20.247 1.00 127.66 ? 28  DT  C "H2'"  1 
ATOM   687  H  "H2''" . DT  B 2 1  ? 27.663  -1.218  -21.190 1.00 127.66 ? 28  DT  C "H2''" 1 
ATOM   688  H  "H1'"  . DT  B 2 1  ? 28.956  0.284   -22.108 1.00 129.44 ? 28  DT  C "H1'"  1 
ATOM   689  H  H3     . DT  B 2 1  ? 29.601  3.264   -18.726 1.00 147.05 ? 28  DT  C H3     1 
ATOM   690  H  H71    . DT  B 2 1  ? 27.650  6.360   -21.294 1.00 133.11 ? 28  DT  C H71    1 
ATOM   691  H  H72    . DT  B 2 1  ? 27.790  5.695   -22.724 1.00 133.11 ? 28  DT  C H72    1 
ATOM   692  H  H73    . DT  B 2 1  ? 26.450  5.520   -21.897 1.00 133.11 ? 28  DT  C H73    1 
ATOM   693  H  H6     . DT  B 2 1  ? 27.341  3.082   -22.564 1.00 137.59 ? 28  DT  C H6     1 
ATOM   694  H  "HO5'" . DT  B 2 1  ? 26.526  1.889   -25.101 1.00 170.15 ? 28  DT  C "HO5'" 1 
ATOM   695  P  P      . DC  B 2 2  ? 24.518  -2.260  -20.741 1.00 139.41 ? 29  DC  C P      1 
ATOM   696  O  OP1    . DC  B 2 2  ? 24.189  -3.669  -21.051 1.00 131.51 ? 29  DC  C OP1    1 
ATOM   697  O  OP2    . DC  B 2 2  ? 23.438  -1.295  -20.434 1.00 131.48 ? 29  DC  C OP2    1 
ATOM   698  O  "O5'"  . DC  B 2 2  ? 25.557  -2.231  -19.525 1.00 131.80 ? 29  DC  C "O5'"  1 
ATOM   699  C  "C5'"  . DC  B 2 2  ? 25.775  -3.405  -18.750 1.00 131.79 ? 29  DC  C "C5'"  1 
ATOM   700  C  "C4'"  . DC  B 2 2  ? 26.701  -3.120  -17.581 1.00 133.46 ? 29  DC  C "C4'"  1 
ATOM   701  O  "O4'"  . DC  B 2 2  ? 27.260  -1.781  -17.728 1.00 121.55 ? 29  DC  C "O4'"  1 
ATOM   702  C  "C3'"  . DC  B 2 2  ? 26.025  -3.155  -16.208 1.00 130.28 ? 29  DC  C "C3'"  1 
ATOM   703  O  "O3'"  . DC  B 2 2  ? 26.825  -3.855  -15.253 1.00 133.61 ? 29  DC  C "O3'"  1 
ATOM   704  C  "C2'"  . DC  B 2 2  ? 25.862  -1.686  -15.853 1.00 134.56 ? 29  DC  C "C2'"  1 
ATOM   705  C  "C1'"  . DC  B 2 2  ? 27.049  -1.040  -16.544 1.00 122.96 ? 29  DC  C "C1'"  1 
ATOM   706  N  N1     . DC  B 2 2  ? 26.832  0.395   -16.900 1.00 118.62 ? 29  DC  C N1     1 
ATOM   707  C  C2     . DC  B 2 2  ? 27.400  1.401   -16.109 1.00 116.52 ? 29  DC  C C2     1 
ATOM   708  O  O2     . DC  B 2 2  ? 28.081  1.084   -15.127 1.00 119.75 ? 29  DC  C O2     1 
ATOM   709  N  N3     . DC  B 2 2  ? 27.190  2.698   -16.444 1.00 111.12 ? 29  DC  C N3     1 
ATOM   710  C  C4     . DC  B 2 2  ? 26.450  2.999   -17.510 1.00 113.95 ? 29  DC  C C4     1 
ATOM   711  N  N4     . DC  B 2 2  ? 26.272  4.292   -17.799 1.00 110.43 ? 29  DC  C N4     1 
ATOM   712  C  C5     . DC  B 2 2  ? 25.858  1.990   -18.326 1.00 122.64 ? 29  DC  C C5     1 
ATOM   713  C  C6     . DC  B 2 2  ? 26.071  0.715   -17.984 1.00 114.02 ? 29  DC  C C6     1 
ATOM   714  H  "H5'"  . DC  B 2 2  ? 26.173  -4.089  -19.312 1.00 158.59 ? 29  DC  C "H5'"  1 
ATOM   715  H  "H5''" . DC  B 2 2  ? 24.925  -3.726  -18.411 1.00 158.59 ? 29  DC  C "H5''" 1 
ATOM   716  H  "H4'"  . DC  B 2 2  ? 27.426  -3.764  -17.591 1.00 160.60 ? 29  DC  C "H4'"  1 
ATOM   717  H  "H3'"  . DC  B 2 2  ? 25.154  -3.575  -16.280 1.00 156.79 ? 29  DC  C "H3'"  1 
ATOM   718  H  "H2'"  . DC  B 2 2  ? 25.028  -1.338  -16.207 1.00 161.92 ? 29  DC  C "H2'"  1 
ATOM   719  H  "H2''" . DC  B 2 2  ? 25.911  -1.557  -14.893 1.00 161.92 ? 29  DC  C "H2''" 1 
ATOM   720  H  "H1'"  . DC  B 2 2  ? 27.831  -1.115  -15.976 1.00 148.00 ? 29  DC  C "H1'"  1 
ATOM   721  H  H41    . DC  B 2 2  ? 25.804  4.520   -18.484 1.00 132.96 ? 29  DC  C H41    1 
ATOM   722  H  H42    . DC  B 2 2  ? 26.625  4.897   -17.300 1.00 132.96 ? 29  DC  C H42    1 
ATOM   723  H  H5     . DC  B 2 2  ? 25.343  2.211   -19.067 1.00 147.62 ? 29  DC  C H5     1 
ATOM   724  H  H6     . DC  B 2 2  ? 25.699  0.035   -18.500 1.00 137.27 ? 29  DC  C H6     1 
ATOM   725  P  P      . DG  B 2 3  ? 26.222  -4.211  -13.806 1.00 143.75 ? 30  DG  C P      1 
ATOM   726  O  OP1    . DG  B 2 3  ? 26.054  -5.680  -13.744 1.00 147.75 ? 30  DG  C OP1    1 
ATOM   727  O  OP2    . DG  B 2 3  ? 25.054  -3.335  -13.564 1.00 138.78 ? 30  DG  C OP2    1 
ATOM   728  O  "O5'"  . DG  B 2 3  ? 27.379  -3.783  -12.782 1.00 153.20 ? 30  DG  C "O5'"  1 
ATOM   729  C  "C5'"  . DG  B 2 3  ? 27.969  -2.487  -12.868 1.00 137.83 ? 30  DG  C "C5'"  1 
ATOM   730  C  "C4'"  . DG  B 2 3  ? 27.664  -1.648  -11.633 1.00 138.67 ? 30  DG  C "C4'"  1 
ATOM   731  O  "O4'"  . DG  B 2 3  ? 27.536  -0.264  -12.039 1.00 146.13 ? 30  DG  C "O4'"  1 
ATOM   732  C  "C3'"  . DG  B 2 3  ? 26.378  -2.024  -10.893 1.00 134.09 ? 30  DG  C "C3'"  1 
ATOM   733  O  "O3'"  . DG  B 2 3  ? 26.683  -2.577  -9.607  1.00 145.94 ? 30  DG  C "O3'"  1 
ATOM   734  C  "C2'"  . DG  B 2 3  ? 25.572  -0.730  -10.778 1.00 123.63 ? 30  DG  C "C2'"  1 
ATOM   735  C  "C1'"  . DG  B 2 3  ? 26.415  0.352   -11.446 1.00 123.28 ? 30  DG  C "C1'"  1 
ATOM   736  N  N9     . DG  B 2 3  ? 25.695  1.084   -12.488 1.00 122.34 ? 30  DG  C N9     1 
ATOM   737  C  C8     . DG  B 2 3  ? 25.046  0.551   -13.574 1.00 114.23 ? 30  DG  C C8     1 
ATOM   738  N  N7     . DG  B 2 3  ? 24.494  1.446   -14.344 1.00 105.33 ? 30  DG  C N7     1 
ATOM   739  C  C5     . DG  B 2 3  ? 24.793  2.652   -13.730 1.00 104.97 ? 30  DG  C C5     1 
ATOM   740  C  C6     . DG  B 2 3  ? 24.455  3.970   -14.108 1.00 105.45 ? 30  DG  C C6     1 
ATOM   741  O  O6     . DG  B 2 3  ? 23.804  4.341   -15.094 1.00 114.36 ? 30  DG  C O6     1 
ATOM   742  N  N1     . DG  B 2 3  ? 24.955  4.910   -13.209 1.00 112.49 ? 30  DG  C N1     1 
ATOM   743  C  C2     . DG  B 2 3  ? 25.692  4.608   -12.086 1.00 112.14 ? 30  DG  C C2     1 
ATOM   744  N  N2     . DG  B 2 3  ? 26.089  5.649   -11.338 1.00 117.24 ? 30  DG  C N2     1 
ATOM   745  N  N3     . DG  B 2 3  ? 26.016  3.373   -11.720 1.00 113.82 ? 30  DG  C N3     1 
ATOM   746  C  C4     . DG  B 2 3  ? 25.534  2.449   -12.586 1.00 119.68 ? 30  DG  C C4     1 
ATOM   747  H  "H5'"  . DG  B 2 3  ? 27.621  -2.033  -13.652 1.00 165.85 ? 30  DG  C "H5'"  1 
ATOM   748  H  "H5''" . DG  B 2 3  ? 28.930  -2.583  -12.958 1.00 165.85 ? 30  DG  C "H5''" 1 
ATOM   749  H  "H4'"  . DG  B 2 3  ? 28.409  -1.723  -11.016 1.00 166.85 ? 30  DG  C "H4'"  1 
ATOM   750  H  "H3'"  . DG  B 2 3  ? 25.880  -2.671  -11.416 1.00 161.36 ? 30  DG  C "H3'"  1 
ATOM   751  H  "H2'"  . DG  B 2 3  ? 24.723  -0.823  -11.237 1.00 148.80 ? 30  DG  C "H2'"  1 
ATOM   752  H  "H2''" . DG  B 2 3  ? 25.426  -0.509  -9.844  1.00 148.80 ? 30  DG  C "H2''" 1 
ATOM   753  H  "H1'"  . DG  B 2 3  ? 26.718  0.978   -10.772 1.00 148.38 ? 30  DG  C "H1'"  1 
ATOM   754  H  H8     . DG  B 2 3  ? 25.009  -0.361  -13.746 1.00 137.52 ? 30  DG  C H8     1 
ATOM   755  H  H1     . DG  B 2 3  ? 24.792  5.739   -13.367 1.00 135.44 ? 30  DG  C H1     1 
ATOM   756  H  H21    . DG  B 2 3  ? 26.577  5.516   -10.641 1.00 141.14 ? 30  DG  C H21    1 
ATOM   757  H  H22    . DG  B 2 3  ? 25.858  6.448   -11.554 1.00 141.14 ? 30  DG  C H22    1 
ATOM   758  P  P      . DA  B 2 4  ? 25.501  -2.967  -8.586  1.00 167.54 ? 31  DA  C P      1 
ATOM   759  O  OP1    . DA  B 2 4  ? 26.038  -3.960  -7.630  1.00 157.65 ? 31  DA  C OP1    1 
ATOM   760  O  OP2    . DA  B 2 4  ? 24.296  -3.289  -9.383  1.00 158.19 ? 31  DA  C OP2    1 
ATOM   761  O  "O5'"  . DA  B 2 4  ? 25.207  -1.607  -7.792  1.00 140.12 ? 31  DA  C "O5'"  1 
ATOM   762  C  "C5'"  . DA  B 2 4  ? 26.270  -0.912  -7.151  1.00 138.00 ? 31  DA  C "C5'"  1 
ATOM   763  C  "C4'"  . DA  B 2 4  ? 25.866  0.513   -6.812  1.00 150.46 ? 31  DA  C "C4'"  1 
ATOM   764  O  "O4'"  . DA  B 2 4  ? 25.487  1.215   -8.034  1.00 135.14 ? 31  DA  C "O4'"  1 
ATOM   765  C  "C3'"  . DA  B 2 4  ? 24.670  0.634   -5.860  1.00 121.93 ? 31  DA  C "C3'"  1 
ATOM   766  O  "O3'"  . DA  B 2 4  ? 24.962  1.533   -4.790  1.00 119.14 ? 31  DA  C "O3'"  1 
ATOM   767  C  "C2'"  . DA  B 2 4  ? 23.545  1.145   -6.752  1.00 115.79 ? 31  DA  C "C2'"  1 
ATOM   768  C  "C1'"  . DA  B 2 4  ? 24.296  1.936   -7.807  1.00 118.51 ? 31  DA  C "C1'"  1 
ATOM   769  N  N9     . DA  B 2 4  ? 23.566  2.080   -9.067  1.00 113.55 ? 31  DA  C N9     1 
ATOM   770  C  C8     . DA  B 2 4  ? 23.231  1.085   -9.940  1.00 119.66 ? 31  DA  C C8     1 
ATOM   771  N  N7     . DA  B 2 4  ? 22.565  1.501   -10.990 1.00 112.76 ? 31  DA  C N7     1 
ATOM   772  C  C5     . DA  B 2 4  ? 22.446  2.863   -10.790 1.00 106.59 ? 31  DA  C C5     1 
ATOM   773  C  C6     . DA  B 2 4  ? 21.839  3.882   -11.547 1.00 103.47 ? 31  DA  C C6     1 
ATOM   774  N  N6     . DA  B 2 4  ? 21.216  3.660   -12.711 1.00 109.00 ? 31  DA  C N6     1 
ATOM   775  N  N1     . DA  B 2 4  ? 21.898  5.139   -11.063 1.00 99.57  ? 31  DA  C N1     1 
ATOM   776  C  C2     . DA  B 2 4  ? 22.525  5.354   -9.902  1.00 106.15 ? 31  DA  C C2     1 
ATOM   777  N  N3     . DA  B 2 4  ? 23.132  4.479   -9.102  1.00 113.81 ? 31  DA  C N3     1 
ATOM   778  C  C4     . DA  B 2 4  ? 23.057  3.240   -9.609  1.00 112.19 ? 31  DA  C C4     1 
ATOM   779  H  "H5'"  . DA  B 2 4  ? 27.039  -0.894  -7.742  1.00 166.04 ? 31  DA  C "H5'"  1 
ATOM   780  H  "H5''" . DA  B 2 4  ? 26.507  -1.379  -6.334  1.00 166.04 ? 31  DA  C "H5''" 1 
ATOM   781  H  "H4'"  . DA  B 2 4  ? 26.628  0.966   -6.416  1.00 181.00 ? 31  DA  C "H4'"  1 
ATOM   782  H  "H3'"  . DA  B 2 4  ? 24.440  -0.239  -5.505  1.00 146.76 ? 31  DA  C "H3'"  1 
ATOM   783  H  "H2'"  . DA  B 2 4  ? 23.063  0.406   -7.155  1.00 139.40 ? 31  DA  C "H2'"  1 
ATOM   784  H  "H2''" . DA  B 2 4  ? 22.945  1.721   -6.253  1.00 139.40 ? 31  DA  C "H2''" 1 
ATOM   785  H  "H1'"  . DA  B 2 4  ? 24.513  2.814   -7.457  1.00 142.66 ? 31  DA  C "H1'"  1 
ATOM   786  H  H8     . DA  B 2 4  ? 23.465  0.195   -9.809  1.00 144.04 ? 31  DA  C H8     1 
ATOM   787  H  H61    . DA  B 2 4  ? 20.867  4.316   -13.143 1.00 131.24 ? 31  DA  C H61    1 
ATOM   788  H  H62    . DA  B 2 4  ? 21.166  2.862   -13.026 1.00 131.24 ? 31  DA  C H62    1 
ATOM   789  H  H2     . DA  B 2 4  ? 22.535  6.237   -9.610  1.00 127.82 ? 31  DA  C H2     1 
ATOM   790  P  P      . DG  B 2 5  ? 23.933  1.701   -3.566  1.00 155.52 ? 32  DG  C P      1 
ATOM   791  O  OP1    . DG  B 2 5  ? 24.622  1.251   -2.335  1.00 138.93 ? 32  DG  C OP1    1 
ATOM   792  O  OP2    . DG  B 2 5  ? 22.649  1.080   -3.966  1.00 135.63 ? 32  DG  C OP2    1 
ATOM   793  O  "O5'"  . DG  B 2 5  ? 23.704  3.283   -3.465  1.00 131.38 ? 32  DG  C "O5'"  1 
ATOM   794  C  "C5'"  . DG  B 2 5  ? 23.837  4.085   -4.623  1.00 128.05 ? 32  DG  C "C5'"  1 
ATOM   795  C  "C4'"  . DG  B 2 5  ? 23.138  5.427   -4.469  1.00 128.55 ? 32  DG  C "C4'"  1 
ATOM   796  O  "O4'"  . DG  B 2 5  ? 22.565  5.791   -5.752  1.00 116.35 ? 32  DG  C "O4'"  1 
ATOM   797  C  "C3'"  . DG  B 2 5  ? 21.967  5.466   -3.485  1.00 130.24 ? 32  DG  C "C3'"  1 
ATOM   798  O  "O3'"  . DG  B 2 5  ? 21.795  6.785   -2.928  1.00 136.10 ? 32  DG  C "O3'"  1 
ATOM   799  C  "C2'"  . DG  B 2 5  ? 20.795  5.055   -4.356  1.00 116.11 ? 32  DG  C "C2'"  1 
ATOM   800  C  "C1'"  . DG  B 2 5  ? 21.154  5.656   -5.710  1.00 111.00 ? 32  DG  C "C1'"  1 
ATOM   801  N  N9     . DG  B 2 5  ? 20.715  4.840   -6.831  1.00 113.31 ? 32  DG  C N9     1 
ATOM   802  C  C8     . DG  B 2 5  ? 20.984  3.512   -7.056  1.00 123.18 ? 32  DG  C C8     1 
ATOM   803  N  N7     . DG  B 2 5  ? 20.426  3.047   -8.141  1.00 112.99 ? 32  DG  C N7     1 
ATOM   804  C  C5     . DG  B 2 5  ? 19.738  4.137   -8.657  1.00 104.30 ? 32  DG  C C5     1 
ATOM   805  C  C6     . DG  B 2 5  ? 18.946  4.250   -9.823  1.00 104.99 ? 32  DG  C C6     1 
ATOM   806  O  O6     . DG  B 2 5  ? 18.680  3.377   -10.663 1.00 105.34 ? 32  DG  C O6     1 
ATOM   807  N  N1     . DG  B 2 5  ? 18.431  5.534   -9.967  1.00 104.33 ? 32  DG  C N1     1 
ATOM   808  C  C2     . DG  B 2 5  ? 18.669  6.577   -9.102  1.00 107.93 ? 32  DG  C C2     1 
ATOM   809  N  N2     . DG  B 2 5  ? 18.085  7.741   -9.397  1.00 112.27 ? 32  DG  C N2     1 
ATOM   810  N  N3     . DG  B 2 5  ? 19.404  6.481   -8.013  1.00 99.35  ? 32  DG  C N3     1 
ATOM   811  C  C4     . DG  B 2 5  ? 19.906  5.241   -7.856  1.00 107.04 ? 32  DG  C C4     1 
ATOM   812  H  "H5'"  . DG  B 2 5  ? 23.453  3.614   -5.379  1.00 154.11 ? 32  DG  C "H5'"  1 
ATOM   813  H  "H5''" . DG  B 2 5  ? 24.780  4.239   -4.794  1.00 154.11 ? 32  DG  C "H5''" 1 
ATOM   814  H  "H4'"  . DG  B 2 5  ? 23.790  6.098   -4.213  1.00 154.71 ? 32  DG  C "H4'"  1 
ATOM   815  H  "H3'"  . DG  B 2 5  ? 22.102  4.817   -2.777  1.00 156.74 ? 32  DG  C "H3'"  1 
ATOM   816  H  "H2'"  . DG  B 2 5  ? 20.734  4.088   -4.415  1.00 139.77 ? 32  DG  C "H2'"  1 
ATOM   817  H  "H2''" . DG  B 2 5  ? 19.968  5.434   -4.020  1.00 139.77 ? 32  DG  C "H2''" 1 
ATOM   818  H  "H1'"  . DG  B 2 5  ? 20.752  6.536   -5.781  1.00 133.65 ? 32  DG  C "H1'"  1 
ATOM   819  H  H8     . DG  B 2 5  ? 21.517  2.996   -6.495  1.00 148.26 ? 32  DG  C H8     1 
ATOM   820  H  H21    . DG  B 2 5  ? 18.240  8.434   -8.912  1.00 135.18 ? 32  DG  C H21    1 
ATOM   821  P  P      . DT  B 2 6  ? 20.611  7.093   -1.877  1.00 119.23 ? 33  DT  C P      1 
ATOM   822  O  OP1    . DT  B 2 6  ? 21.241  7.525   -0.609  1.00 127.49 ? 33  DT  C OP1    1 
ATOM   823  O  OP2    . DT  B 2 6  ? 19.680  5.943   -1.864  1.00 120.23 ? 33  DT  C OP2    1 
ATOM   824  O  "O5'"  . DT  B 2 6  ? 19.841  8.341   -2.522  1.00 110.58 ? 33  DT  C "O5'"  1 
ATOM   825  C  "C5'"  . DT  B 2 6  ? 19.301  8.232   -3.834  1.00 92.76  ? 33  DT  C "C5'"  1 
ATOM   826  C  "C4'"  . DT  B 2 6  ? 18.614  9.517   -4.270  1.00 83.07  ? 33  DT  C "C4'"  1 
ATOM   827  O  "O4'"  . DT  B 2 6  ? 18.213  9.376   -5.656  1.00 88.67  ? 33  DT  C "O4'"  1 
ATOM   828  C  "C3'"  . DT  B 2 6  ? 17.332  9.864   -3.518  1.00 105.27 ? 33  DT  C "C3'"  1 
ATOM   829  O  "O3'"  . DT  B 2 6  ? 17.083  11.275  -3.511  1.00 107.93 ? 33  DT  C "O3'"  1 
ATOM   830  C  "C2'"  . DT  B 2 6  ? 16.278  9.112   -4.306  1.00 96.57  ? 33  DT  C "C2'"  1 
ATOM   831  C  "C1'"  . DT  B 2 6  ? 16.809  9.176   -5.738  1.00 118.50 ? 33  DT  C "C1'"  1 
ATOM   832  N  N1     . DT  B 2 6  ? 16.527  7.936   -6.526  1.00 85.16  ? 33  DT  C N1     1 
ATOM   833  C  C2     . DT  B 2 6  ? 15.815  8.034   -7.697  1.00 99.95  ? 33  DT  C C2     1 
ATOM   834  O  O2     . DT  B 2 6  ? 15.427  9.094   -8.158  1.00 96.27  ? 33  DT  C O2     1 
ATOM   835  N  N3     . DT  B 2 6  ? 15.591  6.840   -8.335  1.00 106.95 ? 33  DT  C N3     1 
ATOM   836  C  C4     . DT  B 2 6  ? 15.983  5.583   -7.914  1.00 95.54  ? 33  DT  C C4     1 
ATOM   837  O  O4     . DT  B 2 6  ? 15.733  4.567   -8.558  1.00 92.39  ? 33  DT  C O4     1 
ATOM   838  C  C5     . DT  B 2 6  ? 16.715  5.551   -6.670  1.00 90.37  ? 33  DT  C C5     1 
ATOM   839  C  C7     . DT  B 2 6  ? 17.191  4.246   -6.111  1.00 101.49 ? 33  DT  C C7     1 
ATOM   840  C  C6     . DT  B 2 6  ? 16.945  6.713   -6.038  1.00 88.01  ? 33  DT  C C6     1 
ATOM   841  H  "H5'"  . DT  B 2 6  ? 18.655  7.508   -3.851  1.00 111.76 ? 33  DT  C "H5'"  1 
ATOM   842  H  "H5''" . DT  B 2 6  ? 20.018  8.030   -4.455  1.00 111.76 ? 33  DT  C "H5''" 1 
ATOM   843  H  "H4'"  . DT  B 2 6  ? 19.240  10.255  -4.193  1.00 100.13 ? 33  DT  C "H4'"  1 
ATOM   844  H  "H3'"  . DT  B 2 6  ? 17.375  9.526   -2.610  1.00 126.77 ? 33  DT  C "H3'"  1 
ATOM   845  H  "H2'"  . DT  B 2 6  ? 16.215  8.192   -4.003  1.00 116.33 ? 33  DT  C "H2'"  1 
ATOM   846  H  "H2''" . DT  B 2 6  ? 15.417  9.556   -4.238  1.00 116.33 ? 33  DT  C "H2''" 1 
ATOM   847  H  "H1'"  . DT  B 2 6  ? 16.408  9.935   -6.190  1.00 142.65 ? 33  DT  C "H1'"  1 
ATOM   848  H  H3     . DT  B 2 6  ? 15.156  6.876   -9.076  1.00 128.78 ? 33  DT  C H3     1 
ATOM   849  H  H71    . DT  B 2 6  ? 18.153  4.278   -5.990  1.00 122.23 ? 33  DT  C H71    1 
ATOM   850  H  H72    . DT  B 2 6  ? 16.763  4.084   -5.256  1.00 122.23 ? 33  DT  C H72    1 
ATOM   851  H  H73    . DT  B 2 6  ? 16.967  3.529   -6.726  1.00 122.23 ? 33  DT  C H73    1 
ATOM   852  H  H6     . DT  B 2 6  ? 17.412  6.695   -5.234  1.00 106.06 ? 33  DT  C H6     1 
ATOM   853  P  P      . DC  B 2 7  ? 15.745  11.858  -2.824  1.00 130.01 ? 34  DC  C P      1 
ATOM   854  O  OP1    . DC  B 2 7  ? 15.970  13.288  -2.505  1.00 94.54  ? 34  DC  C OP1    1 
ATOM   855  O  OP2    . DC  B 2 7  ? 15.350  10.925  -1.745  1.00 94.67  ? 34  DC  C OP2    1 
ATOM   856  O  "O5'"  . DC  B 2 7  ? 14.644  11.762  -3.977  1.00 72.82  ? 34  DC  C "O5'"  1 
ATOM   857  C  "C5'"  . DC  B 2 7  ? 14.803  12.503  -5.176  1.00 89.27  ? 34  DC  C "C5'"  1 
ATOM   858  C  "C4'"  . DC  B 2 7  ? 13.594  12.337  -6.085  1.00 88.50  ? 34  DC  C "C4'"  1 
ATOM   859  O  "O4'"  . DC  B 2 7  ? 13.614  11.019  -6.686  1.00 82.39  ? 34  DC  C "O4'"  1 
ATOM   860  C  "C3'"  . DC  B 2 7  ? 12.236  12.460  -5.383  1.00 101.09 ? 34  DC  C "C3'"  1 
ATOM   861  O  "O3'"  . DC  B 2 7  ? 11.460  13.482  -5.979  1.00 91.94  ? 34  DC  C "O3'"  1 
ATOM   862  C  "C2'"  . DC  B 2 7  ? 11.595  11.071  -5.538  1.00 79.53  ? 34  DC  C "C2'"  1 
ATOM   863  C  "C1'"  . DC  B 2 7  ? 12.300  10.517  -6.759  1.00 85.22  ? 34  DC  C "C1'"  1 
ATOM   864  N  N1     . DC  B 2 7  ? 12.385  9.018   -6.841  1.00 84.52  ? 34  DC  C N1     1 
ATOM   865  C  C2     . DC  B 2 7  ? 11.811  8.344   -7.931  1.00 90.27  ? 34  DC  C C2     1 
ATOM   866  O  O2     . DC  B 2 7  ? 11.196  8.988   -8.789  1.00 78.34  ? 34  DC  C O2     1 
ATOM   867  N  N3     . DC  B 2 7  ? 11.933  6.997   -8.006  1.00 84.92  ? 34  DC  C N3     1 
ATOM   868  C  C4     . DC  B 2 7  ? 12.599  6.331   -7.062  1.00 97.00  ? 34  DC  C C4     1 
ATOM   869  N  N4     . DC  B 2 7  ? 12.688  5.002   -7.183  1.00 103.07 ? 34  DC  C N4     1 
ATOM   870  C  C5     . DC  B 2 7  ? 13.202  6.998   -5.954  1.00 102.52 ? 34  DC  C C5     1 
ATOM   871  C  C6     . DC  B 2 7  ? 13.080  8.329   -5.891  1.00 97.29  ? 34  DC  C C6     1 
ATOM   872  H  "H5'"  . DC  B 2 7  ? 15.595  12.192  -5.641  1.00 107.57 ? 34  DC  C "H5'"  1 
ATOM   873  H  "H5''" . DC  B 2 7  ? 14.909  13.442  -4.958  1.00 107.57 ? 34  DC  C "H5''" 1 
ATOM   874  H  "H4'"  . DC  B 2 7  ? 13.640  13.001  -6.791  1.00 106.65 ? 34  DC  C "H4'"  1 
ATOM   875  H  "H3'"  . DC  B 2 7  ? 12.370  12.656  -4.443  1.00 121.76 ? 34  DC  C "H3'"  1 
ATOM   876  H  "H2'"  . DC  B 2 7  ? 11.774  10.521  -4.759  1.00 95.88  ? 34  DC  C "H2'"  1 
ATOM   877  H  "H2''" . DC  B 2 7  ? 10.642  11.147  -5.696  1.00 95.88  ? 34  DC  C "H2''" 1 
ATOM   878  H  "H1'"  . DC  B 2 7  ? 11.871  10.859  -7.559  1.00 102.72 ? 34  DC  C "H1'"  1 
ATOM   879  H  H41    . DC  B 2 7  ? 13.064  4.540   -6.563  1.00 124.13 ? 34  DC  C H41    1 
ATOM   880  H  H42    . DC  B 2 7  ? 12.370  4.612   -7.878  1.00 124.13 ? 34  DC  C H42    1 
ATOM   881  H  H5     . DC  B 2 7  ? 13.667  6.526   -5.303  1.00 123.48 ? 34  DC  C H5     1 
ATOM   882  H  H6     . DC  B 2 7  ? 13.464  8.790   -5.180  1.00 117.20 ? 34  DC  C H6     1 
ATOM   883  P  P      . DG  B 2 8  ? 9.998   13.802  -5.411  1.00 99.80  ? 35  DG  C P      1 
ATOM   884  O  OP1    . DG  B 2 8  ? 9.651   15.196  -5.758  1.00 81.75  ? 35  DG  C OP1    1 
ATOM   885  O  OP2    . DG  B 2 8  ? 9.973   13.347  -4.005  1.00 86.21  ? 35  DG  C OP2    1 
ATOM   886  O  "O5'"  . DG  B 2 8  ? 9.068   12.814  -6.232  1.00 65.54  ? 35  DG  C "O5'"  1 
ATOM   887  C  "C5'"  . DG  B 2 8  ? 7.914   13.301  -6.872  1.00 75.36  ? 35  DG  C "C5'"  1 
ATOM   888  C  "C4'"  . DG  B 2 8  ? 7.290   12.212  -7.721  1.00 92.29  ? 35  DG  C "C4'"  1 
ATOM   889  O  "O4'"  . DG  B 2 8  ? 8.119   11.023  -7.632  1.00 76.35  ? 35  DG  C "O4'"  1 
ATOM   890  C  "C3'"  . DG  B 2 8  ? 5.875   11.793  -7.301  1.00 81.32  ? 35  DG  C "C3'"  1 
ATOM   891  O  "O3'"  . DG  B 2 8  ? 4.984   11.872  -8.398  1.00 75.95  ? 35  DG  C "O3'"  1 
ATOM   892  C  "C2'"  . DG  B 2 8  ? 6.037   10.362  -6.794  1.00 72.60  ? 35  DG  C "C2'"  1 
ATOM   893  C  "C1'"  . DG  B 2 8  ? 7.309   9.885   -7.478  1.00 70.21  ? 35  DG  C "C1'"  1 
ATOM   894  N  N9     . DG  B 2 8  ? 8.052   8.882   -6.714  1.00 60.85  ? 35  DG  C N9     1 
ATOM   895  C  C8     . DG  B 2 8  ? 8.702   9.069   -5.518  1.00 75.72  ? 35  DG  C C8     1 
ATOM   896  N  N7     . DG  B 2 8  ? 9.280   7.989   -5.065  1.00 56.04  ? 35  DG  C N7     1 
ATOM   897  C  C5     . DG  B 2 8  ? 8.997   7.027   -6.024  1.00 54.64  ? 35  DG  C C5     1 
ATOM   898  C  C6     . DG  B 2 8  ? 9.362   5.662   -6.074  1.00 62.59  ? 35  DG  C C6     1 
ATOM   899  O  O6     . DG  B 2 8  ? 10.030  5.015   -5.257  1.00 69.77  ? 35  DG  C O6     1 
ATOM   900  N  N1     . DG  B 2 8  ? 8.867   5.039   -7.218  1.00 74.54  ? 35  DG  C N1     1 
ATOM   901  C  C2     . DG  B 2 8  ? 8.118   5.660   -8.188  1.00 75.93  ? 35  DG  C C2     1 
ATOM   902  N  N2     . DG  B 2 8  ? 7.734   4.896   -9.221  1.00 76.62  ? 35  DG  C N2     1 
ATOM   903  N  N3     . DG  B 2 8  ? 7.764   6.938   -8.149  1.00 65.05  ? 35  DG  C N3     1 
ATOM   904  C  C4     . DG  B 2 8  ? 8.239   7.558   -7.043  1.00 67.42  ? 35  DG  C C4     1 
ATOM   905  H  "H5'"  . DG  B 2 8  ? 8.153   14.052  -7.437  1.00 90.88  ? 35  DG  C "H5'"  1 
ATOM   906  H  "H5''" . DG  B 2 8  ? 7.274   13.593  -6.203  1.00 90.88  ? 35  DG  C "H5''" 1 
ATOM   907  H  "H4'"  . DG  B 2 8  ? 7.268   12.509  -8.644  1.00 111.19 ? 35  DG  C "H4'"  1 
ATOM   908  H  "H3'"  . DG  B 2 8  ? 5.564   12.365  -6.582  1.00 98.03  ? 35  DG  C "H3'"  1 
ATOM   909  H  "HO3'" . DG  B 2 8  ? 5.269   12.093  -9.156  1.00 91.59  ? 35  DG  C "HO3'" 1 
ATOM   910  H  "H2'"  . DG  B 2 8  ? 6.144   10.354  -5.829  1.00 87.57  ? 35  DG  C "H2'"  1 
ATOM   911  H  "H2''" . DG  B 2 8  ? 5.280   9.817   -7.061  1.00 87.57  ? 35  DG  C "H2''" 1 
ATOM   912  H  "H1'"  . DG  B 2 8  ? 7.089   9.526   -8.352  1.00 84.70  ? 35  DG  C "H1'"  1 
ATOM   913  H  H8     . DG  B 2 8  ? 8.726   9.885   -5.073  1.00 91.32  ? 35  DG  C H8     1 
ATOM   914  H  H1     . DG  B 2 8  ? 9.046   4.205   -7.327  1.00 89.90  ? 35  DG  C H1     1 
ATOM   915  H  H21    . DG  B 2 8  ? 7.475   5.262   -9.956  1.00 92.39  ? 35  DG  C H21    1 
ATOM   916  P  P      . DG  C 3 1  ? -6.963  -10.083 12.265  1.00 125.92 ? 36  DG  D P      1 
ATOM   917  O  OP1    . DG  C 3 1  ? -7.354  -11.474 11.946  1.00 83.49  ? 36  DG  D OP1    1 
ATOM   918  O  OP2    . DG  C 3 1  ? -6.534  -9.728  13.638  1.00 113.44 ? 36  DG  D OP2    1 
ATOM   919  O  "O5'"  . DG  C 3 1  ? -5.803  -9.660  11.240  1.00 106.09 ? 36  DG  D "O5'"  1 
ATOM   920  C  "C5'"  . DG  C 3 1  ? -4.499  -9.359  11.727  1.00 84.81  ? 36  DG  D "C5'"  1 
ATOM   921  C  "C4'"  . DG  C 3 1  ? -4.200  -7.873  11.614  1.00 80.71  ? 36  DG  D "C4'"  1 
ATOM   922  O  "O4'"  . DG  C 3 1  ? -4.016  -7.533  10.228  1.00 76.15  ? 36  DG  D "O4'"  1 
ATOM   923  C  "C3'"  . DG  C 3 1  ? -5.302  -6.949  12.101  1.00 107.66 ? 36  DG  D "C3'"  1 
ATOM   924  O  "O3'"  . DG  C 3 1  ? -5.152  -6.676  13.497  1.00 117.68 ? 36  DG  D "O3'"  1 
ATOM   925  C  "C2'"  . DG  C 3 1  ? -5.129  -5.695  11.236  1.00 85.49  ? 36  DG  D "C2'"  1 
ATOM   926  C  "C1'"  . DG  C 3 1  ? -4.367  -6.186  10.003  1.00 79.78  ? 36  DG  D "C1'"  1 
ATOM   927  N  N9     . DG  C 3 1  ? -5.127  -6.123  8.756   1.00 69.07  ? 36  DG  D N9     1 
ATOM   928  C  C8     . DG  C 3 1  ? -5.458  -7.179  7.944   1.00 87.21  ? 36  DG  D C8     1 
ATOM   929  N  N7     . DG  C 3 1  ? -6.124  -6.829  6.880   1.00 94.27  ? 36  DG  D N7     1 
ATOM   930  C  C5     . DG  C 3 1  ? -6.243  -5.455  6.990   1.00 88.01  ? 36  DG  D C5     1 
ATOM   931  C  C6     . DG  C 3 1  ? -6.870  -4.527  6.132   1.00 91.47  ? 36  DG  D C6     1 
ATOM   932  O  O6     . DG  C 3 1  ? -7.466  -4.747  5.069   1.00 92.49  ? 36  DG  D O6     1 
ATOM   933  N  N1     . DG  C 3 1  ? -6.759  -3.226  6.609   1.00 87.60  ? 36  DG  D N1     1 
ATOM   934  C  C2     . DG  C 3 1  ? -6.120  -2.871  7.776   1.00 89.33  ? 36  DG  D C2     1 
ATOM   935  N  N2     . DG  C 3 1  ? -6.112  -1.566  8.076   1.00 97.36  ? 36  DG  D N2     1 
ATOM   936  N  N3     . DG  C 3 1  ? -5.529  -3.733  8.592   1.00 96.52  ? 36  DG  D N3     1 
ATOM   937  C  C4     . DG  C 3 1  ? -5.629  -5.002  8.138   1.00 71.39  ? 36  DG  D C4     1 
ATOM   938  H  "H5'"  . DG  C 3 1  ? -3.845  -9.855  11.211  1.00 102.22 ? 36  DG  D "H5'"  1 
ATOM   939  H  "H5''" . DG  C 3 1  ? -4.437  -9.626  12.657  1.00 102.22 ? 36  DG  D "H5''" 1 
ATOM   940  H  "H4'"  . DG  C 3 1  ? -3.383  -7.677  12.099  1.00 97.29  ? 36  DG  D "H4'"  1 
ATOM   941  H  "H3'"  . DG  C 3 1  ? -6.169  -7.351  11.933  1.00 129.64 ? 36  DG  D "H3'"  1 
ATOM   942  H  "H2'"  . DG  C 3 1  ? -5.993  -5.338  10.980  1.00 103.03 ? 36  DG  D "H2'"  1 
ATOM   943  H  "H2''" . DG  C 3 1  ? -4.611  -5.026  11.711  1.00 103.03 ? 36  DG  D "H2''" 1 
ATOM   944  H  "H1'"  . DG  C 3 1  ? -3.556  -5.662  9.905   1.00 96.19  ? 36  DG  D "H1'"  1 
ATOM   945  H  H8     . DG  C 3 1  ? -5.231  -8.060  8.136   1.00 105.10 ? 36  DG  D H8     1 
ATOM   946  H  H1     . DG  C 3 1  ? -7.114  -2.597  6.142   1.00 105.57 ? 36  DG  D H1     1 
ATOM   947  H  H21    . DG  C 3 1  ? -5.704  -1.289  8.781   1.00 117.28 ? 36  DG  D H21    1 
ATOM   948  P  P      . DT  C 3 2  ? -6.445  -6.504  14.438  1.00 103.64 ? 37  DT  D P      1 
ATOM   949  O  OP1    . DT  C 3 2  ? -5.999  -6.678  15.842  1.00 64.99  ? 37  DT  D OP1    1 
ATOM   950  O  OP2    . DT  C 3 2  ? -7.530  -7.341  13.878  1.00 79.83  ? 37  DT  D OP2    1 
ATOM   951  O  "O5'"  . DT  C 3 2  ? -6.865  -4.976  14.235  1.00 80.32  ? 37  DT  D "O5'"  1 
ATOM   952  C  "C5'"  . DT  C 3 2  ? -5.950  -3.952  14.557  1.00 86.94  ? 37  DT  D "C5'"  1 
ATOM   953  C  "C4'"  . DT  C 3 2  ? -6.408  -2.621  13.995  1.00 99.65  ? 37  DT  D "C4'"  1 
ATOM   954  O  "O4'"  . DT  C 3 2  ? -6.639  -2.757  12.561  1.00 82.44  ? 37  DT  D "O4'"  1 
ATOM   955  C  "C3'"  . DT  C 3 2  ? -7.715  -2.085  14.576  1.00 92.96  ? 37  DT  D "C3'"  1 
ATOM   956  O  "O3'"  . DT  C 3 2  ? -7.635  -0.665  14.748  1.00 84.99  ? 37  DT  D "O3'"  1 
ATOM   957  C  "C2'"  . DT  C 3 2  ? -8.737  -2.494  13.524  1.00 103.28 ? 37  DT  D "C2'"  1 
ATOM   958  C  "C1'"  . DT  C 3 2  ? -7.938  -2.300  12.251  1.00 83.94  ? 37  DT  D "C1'"  1 
ATOM   959  N  N1     . DT  C 3 2  ? -8.446  -3.054  11.070  1.00 74.07  ? 37  DT  D N1     1 
ATOM   960  C  C2     . DT  C 3 2  ? -8.976  -2.357  10.007  1.00 88.41  ? 37  DT  D C2     1 
ATOM   961  O  O2     . DT  C 3 2  ? -9.065  -1.145  9.983   1.00 84.51  ? 37  DT  D O2     1 
ATOM   962  N  N3     . DT  C 3 2  ? -9.404  -3.134  8.967   1.00 84.97  ? 37  DT  D N3     1 
ATOM   963  C  C4     . DT  C 3 2  ? -9.356  -4.509  8.880   1.00 76.75  ? 37  DT  D C4     1 
ATOM   964  O  O4     . DT  C 3 2  ? -9.768  -5.120  7.900   1.00 81.25  ? 37  DT  D O4     1 
ATOM   965  C  C5     . DT  C 3 2  ? -8.787  -5.180  10.024  1.00 89.02  ? 37  DT  D C5     1 
ATOM   966  C  C7     . DT  C 3 2  ? -8.684  -6.674  10.037  1.00 85.86  ? 37  DT  D C7     1 
ATOM   967  C  C6     . DT  C 3 2  ? -8.367  -4.428  11.055  1.00 77.23  ? 37  DT  D C6     1 
ATOM   968  H  "H5'"  . DT  C 3 2  ? -5.081  -4.172  14.185  1.00 104.78 ? 37  DT  D "H5'"  1 
ATOM   969  H  "H5''" . DT  C 3 2  ? -5.876  -3.882  15.521  1.00 104.78 ? 37  DT  D "H5''" 1 
ATOM   970  H  "H4'"  . DT  C 3 2  ? -5.709  -1.964  14.139  1.00 120.02 ? 37  DT  D "H4'"  1 
ATOM   971  H  "H3'"  . DT  C 3 2  ? -7.911  -2.519  15.422  1.00 112.00 ? 37  DT  D "H3'"  1 
ATOM   972  H  "H2'"  . DT  C 3 2  ? -8.998  -3.421  13.634  1.00 124.38 ? 37  DT  D "H2'"  1 
ATOM   973  H  "H2''" . DT  C 3 2  ? -9.510  -1.907  13.542  1.00 124.38 ? 37  DT  D "H2''" 1 
ATOM   974  H  "H1'"  . DT  C 3 2  ? -7.902  -1.356  12.036  1.00 101.17 ? 37  DT  D "H1'"  1 
ATOM   975  H  H3     . DT  C 3 2  ? -9.741  -2.719  8.294   1.00 102.41 ? 37  DT  D H3     1 
ATOM   976  H  H71    . DT  C 3 2  ? -9.055  -7.031  9.215   1.00 103.49 ? 37  DT  D H71    1 
ATOM   977  H  H72    . DT  C 3 2  ? -7.752  -6.934  10.112  1.00 103.49 ? 37  DT  D H72    1 
ATOM   978  H  H73    . DT  C 3 2  ? -9.178  -7.025  10.794  1.00 103.49 ? 37  DT  D H73    1 
ATOM   979  H  H6     . DT  C 3 2  ? -7.994  -4.857  11.791  1.00 93.12  ? 37  DT  D H6     1 
ATOM   980  P  P      . DG  C 3 3  ? -8.801  0.147   15.501  1.00 114.96 ? 38  DG  D P      1 
ATOM   981  O  OP1    . DG  C 3 3  ? -8.173  0.949   16.576  1.00 120.96 ? 38  DG  D OP1    1 
ATOM   982  O  OP2    . DG  C 3 3  ? -9.877  -0.813  15.835  1.00 113.20 ? 38  DG  D OP2    1 
ATOM   983  O  "O5'"  . DG  C 3 3  ? -9.356  1.142   14.378  1.00 93.01  ? 38  DG  D "O5'"  1 
ATOM   984  C  "C5'"  . DG  C 3 3  ? -9.954  0.614   13.201  1.00 106.72 ? 38  DG  D "C5'"  1 
ATOM   985  C  "C4'"  . DG  C 3 3  ? -10.513 1.718   12.330  1.00 95.02  ? 38  DG  D "C4'"  1 
ATOM   986  O  "O4'"  . DG  C 3 3  ? -10.773 1.202   11.002  1.00 98.93  ? 38  DG  D "O4'"  1 
ATOM   987  C  "C3'"  . DG  C 3 3  ? -11.830 2.302   12.800  1.00 126.94 ? 38  DG  D "C3'"  1 
ATOM   988  O  "O3'"  . DG  C 3 3  ? -11.895 3.687   12.470  1.00 134.52 ? 38  DG  D "O3'"  1 
ATOM   989  C  "C2'"  . DG  C 3 3  ? -12.884 1.458   12.072  1.00 116.16 ? 38  DG  D "C2'"  1 
ATOM   990  C  "C1'"  . DG  C 3 3  ? -12.157 0.934   10.831  1.00 104.46 ? 38  DG  D "C1'"  1 
ATOM   991  N  N9     . DG  C 3 3  ? -12.317 -0.505  10.603  1.00 95.49  ? 38  DG  D N9     1 
ATOM   992  C  C8     . DG  C 3 3  ? -12.017 -1.520  11.481  1.00 98.62  ? 38  DG  D C8     1 
ATOM   993  N  N7     . DG  C 3 3  ? -12.246 -2.711  11.000  1.00 99.78  ? 38  DG  D N7     1 
ATOM   994  C  C5     . DG  C 3 3  ? -12.724 -2.477  9.718   1.00 103.07 ? 38  DG  D C5     1 
ATOM   995  C  C6     . DG  C 3 3  ? -13.138 -3.392  8.718   1.00 103.27 ? 38  DG  D C6     1 
ATOM   996  O  O6     . DG  C 3 3  ? -13.166 -4.630  8.774   1.00 95.27  ? 38  DG  D O6     1 
ATOM   997  N  N1     . DG  C 3 3  ? -13.551 -2.739  7.559   1.00 106.87 ? 38  DG  D N1     1 
ATOM   998  C  C2     . DG  C 3 3  ? -13.572 -1.375  7.393   1.00 107.59 ? 38  DG  D C2     1 
ATOM   999  N  N2     . DG  C 3 3  ? -13.997 -0.930  6.201   1.00 103.40 ? 38  DG  D N2     1 
ATOM   1000 N  N3     . DG  C 3 3  ? -13.178 -0.505  8.318   1.00 111.42 ? 38  DG  D N3     1 
ATOM   1001 C  C4     . DG  C 3 3  ? -12.772 -1.124  9.453   1.00 105.88 ? 38  DG  D C4     1 
ATOM   1002 H  "H5'"  . DG  C 3 3  ? -10.673 0.013   13.452  1.00 128.52 ? 38  DG  D "H5'"  1 
ATOM   1003 H  "H5''" . DG  C 3 3  ? -9.287  0.120   12.701  1.00 128.52 ? 38  DG  D "H5''" 1 
ATOM   1004 H  "H4'"  . DG  C 3 3  ? -9.857  2.430   12.267  1.00 114.47 ? 38  DG  D "H4'"  1 
ATOM   1005 H  "H3'"  . DG  C 3 3  ? -11.918 2.186   13.759  1.00 152.78 ? 38  DG  D "H3'"  1 
ATOM   1006 H  "H2'"  . DG  C 3 3  ? -13.173 0.720   12.631  1.00 139.84 ? 38  DG  D "H2'"  1 
ATOM   1007 H  "H2''" . DG  C 3 3  ? -13.641 2.007   11.815  1.00 139.84 ? 38  DG  D "H2''" 1 
ATOM   1008 H  "H1'"  . DG  C 3 3  ? -12.477 1.415   10.051  1.00 125.80 ? 38  DG  D "H1'"  1 
ATOM   1009 H  H8     . DG  C 3 3  ? -11.688 -1.371  12.338  1.00 118.79 ? 38  DG  D H8     1 
ATOM   1010 H  H1     . DG  C 3 3  ? -13.819 -3.225  6.902   1.00 128.69 ? 38  DG  D H1     1 
ATOM   1011 H  H21    . DG  C 3 3  ? -14.014 -0.086  6.039   1.00 124.53 ? 38  DG  D H21    1 
ATOM   1012 H  H22    . DG  C 3 3  ? -14.252 -1.489  5.600   1.00 124.53 ? 38  DG  D H22    1 
ATOM   1013 P  P      . DT  C 3 4  ? -13.231 4.532   12.754  1.00 147.00 ? 39  DT  D P      1 
ATOM   1014 O  OP1    . DT  C 3 4  ? -12.816 5.909   13.110  1.00 114.76 ? 39  DT  D OP1    1 
ATOM   1015 O  OP2    . DT  C 3 4  ? -14.070 3.750   13.688  1.00 125.01 ? 39  DT  D OP2    1 
ATOM   1016 O  "O5'"  . DT  C 3 4  ? -13.967 4.543   11.334  1.00 118.20 ? 39  DT  D "O5'"  1 
ATOM   1017 C  "C5'"  . DT  C 3 4  ? -15.382 4.520   11.264  1.00 123.87 ? 39  DT  D "C5'"  1 
ATOM   1018 C  "C4'"  . DT  C 3 4  ? -15.843 4.135   9.873   1.00 122.46 ? 39  DT  D "C4'"  1 
ATOM   1019 O  "O4'"  . DT  C 3 4  ? -15.433 2.772   9.595   1.00 120.87 ? 39  DT  D "O4'"  1 
ATOM   1020 C  "C3'"  . DT  C 3 4  ? -17.358 4.185   9.667   1.00 141.91 ? 39  DT  D "C3'"  1 
ATOM   1021 O  "O3'"  . DT  C 3 4  ? -17.692 5.095   8.623   1.00 145.07 ? 39  DT  D "O3'"  1 
ATOM   1022 C  "C2'"  . DT  C 3 4  ? -17.755 2.747   9.324   1.00 143.64 ? 39  DT  D "C2'"  1 
ATOM   1023 C  "C1'"  . DT  C 3 4  ? -16.452 2.100   8.895   1.00 124.14 ? 39  DT  D "C1'"  1 
ATOM   1024 N  N1     . DT  C 3 4  ? -16.364 0.644   9.219   1.00 129.59 ? 39  DT  D N1     1 
ATOM   1025 C  C2     . DT  C 3 4  ? -16.566 -0.291  8.227   1.00 126.75 ? 39  DT  D C2     1 
ATOM   1026 O  O2     . DT  C 3 4  ? -16.824 0.000   7.070   1.00 123.76 ? 39  DT  D O2     1 
ATOM   1027 N  N3     . DT  C 3 4  ? -16.453 -1.597  8.641   1.00 122.74 ? 39  DT  D N3     1 
ATOM   1028 C  C4     . DT  C 3 4  ? -16.164 -2.045  9.920   1.00 116.78 ? 39  DT  D C4     1 
ATOM   1029 O  O4     . DT  C 3 4  ? -16.083 -3.240  10.195  1.00 120.90 ? 39  DT  D O4     1 
ATOM   1030 C  C5     . DT  C 3 4  ? -15.965 -1.008  10.908  1.00 110.16 ? 39  DT  D C5     1 
ATOM   1031 C  C7     . DT  C 3 4  ? -15.649 -1.361  12.330  1.00 101.12 ? 39  DT  D C7     1 
ATOM   1032 C  C6     . DT  C 3 4  ? -16.074 0.270   10.514  1.00 117.02 ? 39  DT  D C6     1 
ATOM   1033 H  "H5'"  . DT  C 3 4  ? -15.727 5.398   11.482  1.00 149.10 ? 39  DT  D "H5'"  1 
ATOM   1034 H  "H5''" . DT  C 3 4  ? -15.722 3.874   11.903  1.00 149.10 ? 39  DT  D "H5''" 1 
ATOM   1035 H  "H4'"  . DT  C 3 4  ? -15.420 4.725   9.230   1.00 147.40 ? 39  DT  D "H4'"  1 
ATOM   1036 H  "H3'"  . DT  C 3 4  ? -17.791 4.456   10.491  1.00 170.74 ? 39  DT  D "H3'"  1 
ATOM   1037 H  "H2'"  . DT  C 3 4  ? -18.116 2.298   10.104  1.00 172.82 ? 39  DT  D "H2'"  1 
ATOM   1038 H  "H2''" . DT  C 3 4  ? -18.395 2.736   8.596   1.00 172.82 ? 39  DT  D "H2''" 1 
ATOM   1039 H  "H1'"  . DT  C 3 4  ? -16.326 2.228   7.942   1.00 149.42 ? 39  DT  D "H1'"  1 
ATOM   1040 H  H3     . DT  C 3 4  ? -16.573 -2.201  8.041   1.00 147.74 ? 39  DT  D H3     1 
ATOM   1041 H  H71    . DT  C 3 4  ? -14.780 -1.001  12.567  1.00 121.80 ? 39  DT  D H71    1 
ATOM   1042 H  H72    . DT  C 3 4  ? -16.325 -0.986  12.914  1.00 121.80 ? 39  DT  D H72    1 
ATOM   1043 H  H73    . DT  C 3 4  ? -15.637 -2.327  12.428  1.00 121.80 ? 39  DT  D H73    1 
ATOM   1044 H  H6     . DT  C 3 4  ? -15.945 0.938   11.148  1.00 140.87 ? 39  DT  D H6     1 
ATOM   1045 P  P      . DC  C 3 5  ? -18.651 6.355   8.912   1.00 159.62 ? 40  DC  D P      1 
ATOM   1046 O  OP1    . DC  C 3 5  ? -18.037 7.526   8.249   1.00 163.91 ? 40  DC  D OP1    1 
ATOM   1047 O  OP2    . DC  C 3 5  ? -18.941 6.409   10.362  1.00 161.09 ? 40  DC  D OP2    1 
ATOM   1048 O  "O5'"  . DC  C 3 5  ? -20.011 5.992   8.146   1.00 162.66 ? 40  DC  D "O5'"  1 
ATOM   1049 C  "C5'"  . DC  C 3 5  ? -20.902 5.012   8.678   1.00 159.98 ? 40  DC  D "C5'"  1 
ATOM   1050 C  "C4'"  . DC  C 3 5  ? -21.396 4.082   7.583   1.00 162.73 ? 40  DC  D "C4'"  1 
ATOM   1051 O  "O4'"  . DC  C 3 5  ? -20.431 3.013   7.385   1.00 154.18 ? 40  DC  D "O4'"  1 
ATOM   1052 C  "C3'"  . DC  C 3 5  ? -22.706 3.370   7.876   1.00 161.79 ? 40  DC  D "C3'"  1 
ATOM   1053 O  "O3'"  . DC  C 3 5  ? -23.848 4.205   7.549   1.00 169.29 ? 40  DC  D "O3'"  1 
ATOM   1054 C  "C2'"  . DC  C 3 5  ? -22.589 2.118   7.011   1.00 165.28 ? 40  DC  D "C2'"  1 
ATOM   1055 C  "C1'"  . DC  C 3 5  ? -21.105 1.793   7.091   1.00 161.34 ? 40  DC  D "C1'"  1 
ATOM   1056 N  N1     . DC  C 3 5  ? -20.751 0.781   8.139   1.00 145.04 ? 40  DC  D N1     1 
ATOM   1057 C  C2     . DC  C 3 5  ? -20.706 -0.582  7.807   1.00 131.98 ? 40  DC  D C2     1 
ATOM   1058 O  O2     . DC  C 3 5  ? -20.975 -0.932  6.651   1.00 138.84 ? 40  DC  D O2     1 
ATOM   1059 N  N3     . DC  C 3 5  ? -20.370 -1.481  8.765   1.00 129.05 ? 40  DC  D N3     1 
ATOM   1060 C  C4     . DC  C 3 5  ? -20.087 -1.064  10.001  1.00 138.72 ? 40  DC  D C4     1 
ATOM   1061 N  N4     . DC  C 3 5  ? -19.763 -1.989  10.911  1.00 130.52 ? 40  DC  D N4     1 
ATOM   1062 C  C5     . DC  C 3 5  ? -20.126 0.316   10.356  1.00 131.89 ? 40  DC  D C5     1 
ATOM   1063 C  C6     . DC  C 3 5  ? -20.463 1.193   9.404   1.00 141.11 ? 40  DC  D C6     1 
ATOM   1064 H  "H5'"  . DC  C 3 5  ? -21.662 5.458   9.084   1.00 192.43 ? 40  DC  D "H5'"  1 
ATOM   1065 H  "H5''" . DC  C 3 5  ? -20.440 4.491   9.354   1.00 192.43 ? 40  DC  D "H5''" 1 
ATOM   1066 H  "H4'"  . DC  C 3 5  ? -21.486 4.585   6.758   1.00 195.72 ? 40  DC  D "H4'"  1 
ATOM   1067 H  "H3'"  . DC  C 3 5  ? -22.740 3.121   8.813   1.00 194.59 ? 40  DC  D "H3'"  1 
ATOM   1068 H  "H2'"  . DC  C 3 5  ? -23.119 1.394   7.382   1.00 198.78 ? 40  DC  D "H2'"  1 
ATOM   1069 H  "H2''" . DC  C 3 5  ? -22.851 2.306   6.097   1.00 198.78 ? 40  DC  D "H2''" 1 
ATOM   1070 H  "H1'"  . DC  C 3 5  ? -20.806 1.469   6.226   1.00 194.05 ? 40  DC  D "H1'"  1 
ATOM   1071 H  H41    . DC  C 3 5  ? -19.578 -1.753  11.717  1.00 157.07 ? 40  DC  D H41    1 
ATOM   1072 H  H42    . DC  C 3 5  ? -19.740 -2.819  10.691  1.00 157.07 ? 40  DC  D H42    1 
ATOM   1073 H  H5     . DC  C 3 5  ? -19.925 0.597   11.220  1.00 158.72 ? 40  DC  D H5     1 
ATOM   1074 H  H6     . DC  C 3 5  ? -20.489 2.101   9.607   1.00 169.78 ? 40  DC  D H6     1 
ATOM   1075 P  P      . DG  C 3 6  ? -24.496 4.215   6.073   1.00 187.73 ? 41  DG  D P      1 
ATOM   1076 O  OP1    . DG  C 3 6  ? -23.396 4.385   5.096   1.00 174.94 ? 41  DG  D OP1    1 
ATOM   1077 O  OP2    . DG  C 3 6  ? -25.619 5.179   6.088   1.00 189.21 ? 41  DG  D OP2    1 
ATOM   1078 O  "O5'"  . DG  C 3 6  ? -25.120 2.748   5.905   1.00 167.39 ? 41  DG  D "O5'"  1 
ATOM   1079 C  "C5'"  . DG  C 3 6  ? -25.169 2.135   4.616   1.00 156.26 ? 41  DG  D "C5'"  1 
ATOM   1080 C  "C4'"  . DG  C 3 6  ? -25.473 0.651   4.727   1.00 155.49 ? 41  DG  D "C4'"  1 
ATOM   1081 O  "O4'"  . DG  C 3 6  ? -24.680 0.072   5.803   1.00 149.47 ? 41  DG  D "O4'"  1 
ATOM   1082 C  "C3'"  . DG  C 3 6  ? -26.935 0.318   5.042   1.00 152.42 ? 41  DG  D "C3'"  1 
ATOM   1083 O  "O3'"  . DG  C 3 6  ? -27.445 -0.639  4.119   1.00 156.42 ? 41  DG  D "O3'"  1 
ATOM   1084 C  "C2'"  . DG  C 3 6  ? -26.895 -0.221  6.470   1.00 139.61 ? 41  DG  D "C2'"  1 
ATOM   1085 C  "C1'"  . DG  C 3 6  ? -25.489 -0.782  6.579   1.00 139.47 ? 41  DG  D "C1'"  1 
ATOM   1086 N  N9     . DG  C 3 6  ? -24.971 -0.820  7.947   1.00 133.28 ? 41  DG  D N9     1 
ATOM   1087 C  C8     . DG  C 3 6  ? -24.820 0.242   8.806   1.00 134.24 ? 41  DG  D C8     1 
ATOM   1088 N  N7     . DG  C 3 6  ? -24.331 -0.093  9.968   1.00 135.65 ? 41  DG  D N7     1 
ATOM   1089 C  C5     . DG  C 3 6  ? -24.155 -1.467  9.879   1.00 137.53 ? 41  DG  D C5     1 
ATOM   1090 C  C6     . DG  C 3 6  ? -23.660 -2.385  10.835  1.00 125.24 ? 41  DG  D C6     1 
ATOM   1091 O  O6     . DG  C 3 6  ? -23.265 -2.156  11.988  1.00 131.64 ? 41  DG  D O6     1 
ATOM   1092 N  N1     . DG  C 3 6  ? -23.648 -3.688  10.338  1.00 119.77 ? 41  DG  D N1     1 
ATOM   1093 C  C2     . DG  C 3 6  ? -24.064 -4.053  9.078   1.00 125.93 ? 41  DG  D C2     1 
ATOM   1094 N  N2     . DG  C 3 6  ? -23.980 -5.357  8.778   1.00 117.59 ? 41  DG  D N2     1 
ATOM   1095 N  N3     . DG  C 3 6  ? -24.529 -3.202  8.173   1.00 121.78 ? 41  DG  D N3     1 
ATOM   1096 C  C4     . DG  C 3 6  ? -24.548 -1.931  8.640   1.00 134.02 ? 41  DG  D C4     1 
ATOM   1097 H  "H5'"  . DG  C 3 6  ? -24.313 2.253   4.176   1.00 187.96 ? 41  DG  D "H5'"  1 
ATOM   1098 H  "H5''" . DG  C 3 6  ? -25.860 2.563   4.087   1.00 187.96 ? 41  DG  D "H5''" 1 
ATOM   1099 H  "H4'"  . DG  C 3 6  ? -25.228 0.220   3.893   1.00 187.04 ? 41  DG  D "H4'"  1 
ATOM   1100 H  "H3'"  . DG  C 3 6  ? -27.470 1.126   5.011   1.00 183.35 ? 41  DG  D "H3'"  1 
ATOM   1101 H  "H2'"  . DG  C 3 6  ? -27.029 0.494   7.111   1.00 167.98 ? 41  DG  D "H2'"  1 
ATOM   1102 H  "H2''" . DG  C 3 6  ? -27.554 -0.921  6.592   1.00 167.98 ? 41  DG  D "H2''" 1 
ATOM   1103 H  "H1'"  . DG  C 3 6  ? -25.469 -1.675  6.202   1.00 167.81 ? 41  DG  D "H1'"  1 
ATOM   1104 H  H8     . DG  C 3 6  ? -25.033 1.118   8.577   1.00 161.54 ? 41  DG  D H8     1 
ATOM   1105 H  H1     . DG  C 3 6  ? -23.360 -4.310  10.858  1.00 144.17 ? 41  DG  D H1     1 
ATOM   1106 H  H21    . DG  C 3 6  ? -24.220 -5.636  8.001   1.00 141.56 ? 41  DG  D H21    1 
ATOM   1107 H  H22    . DG  C 3 6  ? -23.686 -5.915  9.363   1.00 141.56 ? 41  DG  D H22    1 
ATOM   1108 P  P      . DT  C 3 7  ? -29.011 -1.001  4.112   1.00 159.27 ? 42  DT  D P      1 
ATOM   1109 O  OP1    . DT  C 3 7  ? -29.421 -1.213  2.705   1.00 162.48 ? 42  DT  D OP1    1 
ATOM   1110 O  OP2    . DT  C 3 7  ? -29.703 0.016   4.934   1.00 160.99 ? 42  DT  D OP2    1 
ATOM   1111 O  "O5'"  . DT  C 3 7  ? -29.086 -2.397  4.889   1.00 139.83 ? 42  DT  D "O5'"  1 
ATOM   1112 C  "C5'"  . DT  C 3 7  ? -28.531 -3.566  4.301   1.00 135.95 ? 42  DT  D "C5'"  1 
ATOM   1113 C  "C4'"  . DT  C 3 7  ? -28.498 -4.713  5.295   1.00 133.89 ? 42  DT  D "C4'"  1 
ATOM   1114 O  "O4'"  . DT  C 3 7  ? -27.755 -4.309  6.465   1.00 149.95 ? 42  DT  D "O4'"  1 
ATOM   1115 C  "C3'"  . DT  C 3 7  ? -29.871 -5.166  5.803   1.00 137.36 ? 42  DT  D "C3'"  1 
ATOM   1116 O  "O3'"  . DT  C 3 7  ? -30.202 -6.448  5.276   1.00 145.24 ? 42  DT  D "O3'"  1 
ATOM   1117 C  "C2'"  . DT  C 3 7  ? -29.743 -5.184  7.333   1.00 120.54 ? 42  DT  D "C2'"  1 
ATOM   1118 C  "C1'"  . DT  C 3 7  ? -28.252 -4.997  7.582   1.00 119.86 ? 42  DT  D "C1'"  1 
ATOM   1119 N  N1     . DT  C 3 7  ? -27.937 -4.206  8.808   1.00 127.77 ? 42  DT  D N1     1 
ATOM   1120 C  C2     . DT  C 3 7  ? -27.434 -4.851  9.912   1.00 126.18 ? 42  DT  D C2     1 
ATOM   1121 O  O2     . DT  C 3 7  ? -27.231 -6.051  9.950   1.00 129.58 ? 42  DT  D O2     1 
ATOM   1122 N  N3     . DT  C 3 7  ? -27.176 -4.036  10.984  1.00 123.24 ? 42  DT  D N3     1 
ATOM   1123 C  C4     . DT  C 3 7  ? -27.368 -2.668  11.056  1.00 125.07 ? 42  DT  D C4     1 
ATOM   1124 O  O4     . DT  C 3 7  ? -27.105 -2.021  12.068  1.00 136.43 ? 42  DT  D O4     1 
ATOM   1125 C  C5     . DT  C 3 7  ? -27.897 -2.055  9.863   1.00 115.08 ? 42  DT  D C5     1 
ATOM   1126 C  C7     . DT  C 3 7  ? -28.148 -0.577  9.824   1.00 121.67 ? 42  DT  D C7     1 
ATOM   1127 C  C6     . DT  C 3 7  ? -28.153 -2.842  8.805   1.00 124.73 ? 42  DT  D C6     1 
ATOM   1128 H  "H5'"  . DT  C 3 7  ? -27.626 -3.375  4.006   1.00 163.59 ? 42  DT  D "H5'"  1 
ATOM   1129 H  "H5''" . DT  C 3 7  ? -29.067 -3.823  3.535   1.00 163.59 ? 42  DT  D "H5''" 1 
ATOM   1130 H  "H4'"  . DT  C 3 7  ? -28.051 -5.470  4.886   1.00 161.12 ? 42  DT  D "H4'"  1 
ATOM   1131 H  "H3'"  . DT  C 3 7  ? -30.546 -4.520  5.539   1.00 165.28 ? 42  DT  D "H3'"  1 
ATOM   1132 H  "HO3'" . DT  C 3 7  ? -30.893 -6.545  4.807   1.00 174.74 ? 42  DT  D "HO3'" 1 
ATOM   1133 H  "H2'"  . DT  C 3 7  ? -30.246 -4.454  7.725   1.00 145.10 ? 42  DT  D "H2'"  1 
ATOM   1134 H  "H2''" . DT  C 3 7  ? -30.042 -6.035  7.689   1.00 145.10 ? 42  DT  D "H2''" 1 
ATOM   1135 H  "H1'"  . DT  C 3 7  ? -27.825 -5.866  7.640   1.00 144.27 ? 42  DT  D "H1'"  1 
ATOM   1136 H  H3     . DT  C 3 7  ? -26.862 -4.415  11.687  1.00 148.34 ? 42  DT  D H3     1 
ATOM   1137 H  H71    . DT  C 3 7  ? -27.606 -0.175  9.126   1.00 146.45 ? 42  DT  D H71    1 
ATOM   1138 H  H72    . DT  C 3 7  ? -29.086 -0.412  9.640   1.00 146.45 ? 42  DT  D H72    1 
ATOM   1139 H  H73    . DT  C 3 7  ? -27.913 -0.186  10.680  1.00 146.45 ? 42  DT  D H73    1 
ATOM   1140 H  H6     . DT  C 3 7  ? -28.495 -2.450  8.034   1.00 150.12 ? 42  DT  D H6     1 
ATOM   1141 P  P      . DC  D 4 1  ? 1.366   8.165   -3.835  1.00 105.21 ? 1   DC  A P      1 
ATOM   1142 O  OP1    . DC  D 4 1  ? 0.281   9.157   -3.659  1.00 98.20  ? 1   DC  A OP1    1 
ATOM   1143 O  OP2    . DC  D 4 1  ? 2.191   7.742   -2.677  1.00 86.23  ? 1   DC  A OP2    1 
ATOM   1144 O  "O5'"  . DC  D 4 1  ? 2.363   8.733   -4.948  1.00 93.63  ? 1   DC  A "O5'"  1 
ATOM   1145 C  "C5'"  . DC  D 4 1  ? 1.902   8.952   -6.277  1.00 97.22  ? 1   DC  A "C5'"  1 
ATOM   1146 C  "C4'"  . DC  D 4 1  ? 2.551   7.978   -7.248  1.00 98.10  ? 1   DC  A "C4'"  1 
ATOM   1147 O  "O4'"  . DC  D 4 1  ? 3.974   7.895   -6.990  1.00 64.63  ? 1   DC  A "O4'"  1 
ATOM   1148 C  "C3'"  . DC  D 4 1  ? 2.070   6.548   -7.140  1.00 110.24 ? 1   DC  A "C3'"  1 
ATOM   1149 O  "O3'"  . DC  D 4 1  ? 0.861   6.366   -7.852  1.00 121.35 ? 1   DC  A "O3'"  1 
ATOM   1150 C  "C2'"  . DC  D 4 1  ? 3.230   5.764   -7.739  1.00 89.31  ? 1   DC  A "C2'"  1 
ATOM   1151 C  "C1'"  . DC  D 4 1  ? 4.454   6.609   -7.360  1.00 79.54  ? 1   DC  A "C1'"  1 
ATOM   1152 N  N1     . DC  D 4 1  ? 5.256   6.056   -6.219  1.00 54.34  ? 1   DC  A N1     1 
ATOM   1153 C  C2     . DC  D 4 1  ? 5.705   4.727   -6.256  1.00 68.86  ? 1   DC  A C2     1 
ATOM   1154 O  O2     . DC  D 4 1  ? 5.422   4.020   -7.232  1.00 76.18  ? 1   DC  A O2     1 
ATOM   1155 N  N3     . DC  D 4 1  ? 6.436   4.250   -5.216  1.00 56.34  ? 1   DC  A N3     1 
ATOM   1156 C  C4     . DC  D 4 1  ? 6.721   5.041   -4.182  1.00 55.80  ? 1   DC  A C4     1 
ATOM   1157 N  N4     . DC  D 4 1  ? 7.442   4.522   -3.182  1.00 65.79  ? 1   DC  A N4     1 
ATOM   1158 C  C5     . DC  D 4 1  ? 6.278   6.394   -4.127  1.00 67.36  ? 1   DC  A C5     1 
ATOM   1159 C  C6     . DC  D 4 1  ? 5.557   6.856   -5.156  1.00 60.69  ? 1   DC  A C6     1 
ATOM   1160 H  "H5'"  . DC  D 4 1  ? 2.117   9.859   -6.544  1.00 117.12 ? 1   DC  A "H5'"  1 
ATOM   1161 H  "H5''" . DC  D 4 1  ? 0.939   8.833   -6.304  1.00 117.12 ? 1   DC  A "H5''" 1 
ATOM   1162 H  "H4'"  . DC  D 4 1  ? 2.411   8.293   -8.155  1.00 118.17 ? 1   DC  A "H4'"  1 
ATOM   1163 H  "H3'"  . DC  D 4 1  ? 1.950   6.306   -6.208  1.00 132.74 ? 1   DC  A "H3'"  1 
ATOM   1164 H  "H2'"  . DC  D 4 1  ? 3.288   4.880   -7.343  1.00 107.62 ? 1   DC  A "H2'"  1 
ATOM   1165 H  "H2''" . DC  D 4 1  ? 3.141   5.704   -8.703  1.00 107.62 ? 1   DC  A "H2''" 1 
ATOM   1166 H  "H1'"  . DC  D 4 1  ? 5.028   6.698   -8.137  1.00 95.90  ? 1   DC  A "H1'"  1 
ATOM   1167 H  H41    . DC  D 4 1  ? 7.621   4.999   -2.489  1.00 79.40  ? 1   DC  A H41    1 
ATOM   1168 H  H42    . DC  D 4 1  ? 7.725   3.713   -3.231  1.00 79.40  ? 1   DC  A H42    1 
ATOM   1169 H  H5     . DC  D 4 1  ? 6.481   6.937   -3.400  1.00 81.28  ? 1   DC  A H5     1 
ATOM   1170 H  H6     . DC  D 4 1  ? 5.256   7.736   -5.145  1.00 73.28  ? 1   DC  A H6     1 
ATOM   1171 P  P      . DC  D 4 2  ? -0.359  5.585   -7.162  1.00 104.55 ? 2   DC  A P      1 
ATOM   1172 O  OP1    . DC  D 4 2  ? -1.598  5.963   -7.880  1.00 121.01 ? 2   DC  A OP1    1 
ATOM   1173 O  OP2    . DC  D 4 2  ? -0.241  5.791   -5.701  1.00 92.74  ? 2   DC  A OP2    1 
ATOM   1174 O  "O5'"  . DC  D 4 2  ? -0.038  4.050   -7.457  1.00 94.37  ? 2   DC  A "O5'"  1 
ATOM   1175 C  "C5'"  . DC  D 4 2  ? 0.223   3.634   -8.788  1.00 120.08 ? 2   DC  A "C5'"  1 
ATOM   1176 C  "C4'"  . DC  D 4 2  ? 0.755   2.218   -8.812  1.00 121.58 ? 2   DC  A "C4'"  1 
ATOM   1177 O  "O4'"  . DC  D 4 2  ? 2.126   2.223   -8.359  1.00 104.13 ? 2   DC  A "O4'"  1 
ATOM   1178 C  "C3'"  . DC  D 4 2  ? 0.018   1.248   -7.904  1.00 110.39 ? 2   DC  A "C3'"  1 
ATOM   1179 O  "O3'"  . DC  D 4 2  ? -1.030  0.600   -8.618  1.00 106.81 ? 2   DC  A "O3'"  1 
ATOM   1180 C  "C2'"  . DC  D 4 2  ? 1.105   0.273   -7.462  1.00 115.90 ? 2   DC  A "C2'"  1 
ATOM   1181 C  "C1'"  . DC  D 4 2  ? 2.398   1.073   -7.579  1.00 99.53  ? 2   DC  A "C1'"  1 
ATOM   1182 N  N1     . DC  D 4 2  ? 2.983   1.528   -6.275  1.00 82.32  ? 2   DC  A N1     1 
ATOM   1183 C  C2     . DC  D 4 2  ? 3.910   0.718   -5.611  1.00 74.73  ? 2   DC  A C2     1 
ATOM   1184 O  O2     . DC  D 4 2  ? 4.200   -0.385  -6.091  1.00 73.94  ? 2   DC  A O2     1 
ATOM   1185 N  N3     . DC  D 4 2  ? 4.455   1.158   -4.450  1.00 68.72  ? 2   DC  A N3     1 
ATOM   1186 C  C4     . DC  D 4 2  ? 4.116   2.352   -3.961  1.00 77.40  ? 2   DC  A C4     1 
ATOM   1187 N  N4     . DC  D 4 2  ? 4.683   2.742   -2.812  1.00 80.45  ? 2   DC  A N4     1 
ATOM   1188 C  C5     . DC  D 4 2  ? 3.182   3.199   -4.627  1.00 80.94  ? 2   DC  A C5     1 
ATOM   1189 C  C6     . DC  D 4 2  ? 2.650   2.755   -5.774  1.00 92.17  ? 2   DC  A C6     1 
ATOM   1190 H  "H5'"  . DC  D 4 2  ? 0.880   4.228   -9.185  1.00 144.54 ? 2   DC  A "H5'"  1 
ATOM   1191 H  "H5''" . DC  D 4 2  ? -0.597  3.676   -9.302  1.00 144.54 ? 2   DC  A "H5''" 1 
ATOM   1192 H  "H4'"  . DC  D 4 2  ? 0.725   1.885   -9.723  1.00 146.34 ? 2   DC  A "H4'"  1 
ATOM   1193 H  "H3'"  . DC  D 4 2  ? -0.341  1.717   -7.135  1.00 132.92 ? 2   DC  A "H3'"  1 
ATOM   1194 H  "H2'"  . DC  D 4 2  ? 0.959   -0.004  -6.544  1.00 139.53 ? 2   DC  A "H2'"  1 
ATOM   1195 H  "H2''" . DC  D 4 2  ? 1.129   -0.498  -8.050  1.00 139.53 ? 2   DC  A "H2''" 1 
ATOM   1196 H  "H1'"  . DC  D 4 2  ? 3.057   0.533   -8.042  1.00 119.89 ? 2   DC  A "H1'"  1 
ATOM   1197 H  H41    . DC  D 4 2  ? 4.490   3.510   -2.476  1.00 96.99  ? 2   DC  A H41    1 
ATOM   1198 H  H42    . DC  D 4 2  ? 5.240   2.224   -2.410  1.00 96.99  ? 2   DC  A H42    1 
ATOM   1199 H  H5     . DC  D 4 2  ? 2.955   4.032   -4.282  1.00 97.58  ? 2   DC  A H5     1 
ATOM   1200 H  H6     . DC  D 4 2  ? 2.043   3.289   -6.234  1.00 111.05 ? 2   DC  A H6     1 
ATOM   1201 P  P      . DG  D 4 3  ? -2.209  -0.155  -7.830  1.00 131.97 ? 3   DG  A P      1 
ATOM   1202 O  OP1    . DG  D 4 3  ? -3.215  -0.566  -8.835  1.00 130.83 ? 3   DG  A OP1    1 
ATOM   1203 O  OP2    . DG  D 4 3  ? -2.606  0.691   -6.683  1.00 104.49 ? 3   DG  A OP2    1 
ATOM   1204 O  "O5'"  . DG  D 4 3  ? -1.506  -1.467  -7.249  1.00 112.16 ? 3   DG  A "O5'"  1 
ATOM   1205 C  "C5'"  . DG  D 4 3  ? -0.877  -2.388  -8.132  1.00 107.94 ? 3   DG  A "C5'"  1 
ATOM   1206 C  "C4'"  . DG  D 4 3  ? -0.061  -3.401  -7.352  1.00 111.43 ? 3   DG  A "C4'"  1 
ATOM   1207 O  "O4'"  . DG  D 4 3  ? 0.882   -2.691  -6.503  1.00 101.26 ? 3   DG  A "O4'"  1 
ATOM   1208 C  "C3'"  . DG  D 4 3  ? -0.875  -4.312  -6.429  1.00 91.44  ? 3   DG  A "C3'"  1 
ATOM   1209 O  "O3'"  . DG  D 4 3  ? -0.500  -5.673  -6.600  1.00 91.61  ? 3   DG  A "O3'"  1 
ATOM   1210 C  "C2'"  . DG  D 4 3  ? -0.564  -3.800  -5.024  1.00 96.15  ? 3   DG  A "C2'"  1 
ATOM   1211 C  "C1'"  . DG  D 4 3  ? 0.810   -3.170  -5.179  1.00 87.60  ? 3   DG  A "C1'"  1 
ATOM   1212 N  N9     . DG  D 4 3  ? 1.063   -2.051  -4.268  1.00 76.56  ? 3   DG  A N9     1 
ATOM   1213 C  C8     . DG  D 4 3  ? 0.449   -0.821  -4.279  1.00 88.08  ? 3   DG  A C8     1 
ATOM   1214 N  N7     . DG  D 4 3  ? 0.884   -0.012  -3.355  1.00 79.55  ? 3   DG  A N7     1 
ATOM   1215 C  C5     . DG  D 4 3  ? 1.845   -0.750  -2.681  1.00 73.91  ? 3   DG  A C5     1 
ATOM   1216 C  C6     . DG  D 4 3  ? 2.656   -0.392  -1.579  1.00 81.45  ? 3   DG  A C6     1 
ATOM   1217 O  O6     . DG  D 4 3  ? 2.683   0.685   -0.962  1.00 71.98  ? 3   DG  A O6     1 
ATOM   1218 N  N1     . DG  D 4 3  ? 3.504   -1.433  -1.203  1.00 78.04  ? 3   DG  A N1     1 
ATOM   1219 C  C2     . DG  D 4 3  ? 3.556   -2.665  -1.816  1.00 88.04  ? 3   DG  A C2     1 
ATOM   1220 N  N2     . DG  D 4 3  ? 4.437   -3.543  -1.309  1.00 93.38  ? 3   DG  A N2     1 
ATOM   1221 N  N3     . DG  D 4 3  ? 2.798   -3.013  -2.852  1.00 80.84  ? 3   DG  A N3     1 
ATOM   1222 C  C4     . DG  D 4 3  ? 1.969   -2.008  -3.230  1.00 78.41  ? 3   DG  A C4     1 
ATOM   1223 H  "H5'"  . DG  D 4 3  ? -0.293  -1.904  -8.737  1.00 129.97 ? 3   DG  A "H5'"  1 
ATOM   1224 H  "H5''" . DG  D 4 3  ? -1.556  -2.852  -8.646  1.00 129.97 ? 3   DG  A "H5''" 1 
ATOM   1225 H  "H4'"  . DG  D 4 3  ? 0.436   -3.952  -7.978  1.00 134.16 ? 3   DG  A "H4'"  1 
ATOM   1226 H  "H3'"  . DG  D 4 3  ? -1.821  -4.206  -6.615  1.00 110.17 ? 3   DG  A "H3'"  1 
ATOM   1227 H  "H2'"  . DG  D 4 3  ? -1.216  -3.135  -4.751  1.00 115.83 ? 3   DG  A "H2'"  1 
ATOM   1228 H  "H2''" . DG  D 4 3  ? -0.534  -4.533  -4.391  1.00 115.83 ? 3   DG  A "H2''" 1 
ATOM   1229 H  "H1'"  . DG  D 4 3  ? 1.490   -3.850  -5.047  1.00 105.57 ? 3   DG  A "H1'"  1 
ATOM   1230 H  H8     . DG  D 4 3  ? -0.210  -0.585  -4.892  1.00 106.14 ? 3   DG  A H8     1 
ATOM   1231 H  H1     . DG  D 4 3  ? 4.029   -1.298  -0.536  1.00 94.10  ? 3   DG  A H1     1 
ATOM   1232 H  H21    . DG  D 4 3  ? 4.530   -4.317  -1.674  1.00 112.51 ? 3   DG  A H21    1 
ATOM   1233 H  H22    . DG  D 4 3  ? 4.907   -3.332  -0.621  1.00 112.51 ? 3   DG  A H22    1 
ATOM   1234 P  P      . DT  D 4 4  ? -1.283  -6.831  -5.807  1.00 112.25 ? 4   DT  A P      1 
ATOM   1235 O  OP1    . DT  D 4 4  ? -1.245  -8.049  -6.648  1.00 93.85  ? 4   DT  A OP1    1 
ATOM   1236 O  OP2    . DT  D 4 4  ? -2.587  -6.270  -5.385  1.00 116.63 ? 4   DT  A OP2    1 
ATOM   1237 O  "O5'"  . DT  D 4 4  ? -0.385  -7.077  -4.500  1.00 89.82  ? 4   DT  A "O5'"  1 
ATOM   1238 C  "C5'"  . DT  D 4 4  ? 0.962   -7.506  -4.647  1.00 99.18  ? 4   DT  A "C5'"  1 
ATOM   1239 C  "C4'"  . DT  D 4 4  ? 1.630   -7.707  -3.300  1.00 93.57  ? 4   DT  A "C4'"  1 
ATOM   1240 O  "O4'"  . DT  D 4 4  ? 1.793   -6.426  -2.646  1.00 101.67 ? 4   DT  A "O4'"  1 
ATOM   1241 C  "C3'"  . DT  D 4 4  ? 0.858   -8.594  -2.321  1.00 90.45  ? 4   DT  A "C3'"  1 
ATOM   1242 O  "O3'"  . DT  D 4 4  ? 1.685   -9.657  -1.870  1.00 96.63  ? 4   DT  A "O3'"  1 
ATOM   1243 C  "C2'"  . DT  D 4 4  ? 0.455   -7.645  -1.188  1.00 93.81  ? 4   DT  A "C2'"  1 
ATOM   1244 C  "C1'"  . DT  D 4 4  ? 1.508   -6.558  -1.275  1.00 95.46  ? 4   DT  A "C1'"  1 
ATOM   1245 N  N1     . DT  D 4 4  ? 1.089   -5.212  -0.755  1.00 94.87  ? 4   DT  A N1     1 
ATOM   1246 C  C2     . DT  D 4 4  ? 1.728   -4.689  0.348   1.00 99.25  ? 4   DT  A C2     1 
ATOM   1247 O  O2     . DT  D 4 4  ? 2.601   -5.281  0.957   1.00 114.41 ? 4   DT  A O2     1 
ATOM   1248 N  N3     . DT  D 4 4  ? 1.299   -3.444  0.725   1.00 100.65 ? 4   DT  A N3     1 
ATOM   1249 C  C4     . DT  D 4 4  ? 0.324   -2.675  0.117   1.00 103.92 ? 4   DT  A C4     1 
ATOM   1250 O  O4     . DT  D 4 4  ? 0.010   -1.562  0.530   1.00 111.10 ? 4   DT  A O4     1 
ATOM   1251 C  C5     . DT  D 4 4  ? -0.297  -3.272  -1.042  1.00 82.62  ? 4   DT  A C5     1 
ATOM   1252 C  C7     . DT  D 4 4  ? -1.371  -2.528  -1.777  1.00 95.36  ? 4   DT  A C7     1 
ATOM   1253 C  C6     . DT  D 4 4  ? 0.112   -4.495  -1.422  1.00 102.06 ? 4   DT  A C6     1 
ATOM   1254 H  "H5'"  . DT  D 4 4  ? 1.454   -6.838  -5.148  1.00 119.47 ? 4   DT  A "H5'"  1 
ATOM   1255 H  "H5''" . DT  D 4 4  ? 0.976   -8.343  -5.135  1.00 119.47 ? 4   DT  A "H5''" 1 
ATOM   1256 H  "H4'"  . DT  D 4 4  ? 2.507   -8.096  -3.445  1.00 112.74 ? 4   DT  A "H4'"  1 
ATOM   1257 H  "H3'"  . DT  D 4 4  ? 0.066   -8.951  -2.752  1.00 108.99 ? 4   DT  A "H3'"  1 
ATOM   1258 H  "H2'"  . DT  D 4 4  ? -0.430  -7.279  -1.344  1.00 113.02 ? 4   DT  A "H2'"  1 
ATOM   1259 H  "H2''" . DT  D 4 4  ? 0.497   -8.095  -0.330  1.00 113.02 ? 4   DT  A "H2''" 1 
ATOM   1260 H  "H1'"  . DT  D 4 4  ? 2.307   -6.849  -0.808  1.00 114.99 ? 4   DT  A "H1'"  1 
ATOM   1261 H  H3     . DT  D 4 4  ? 1.678   -3.102  1.417   1.00 121.23 ? 4   DT  A H3     1 
ATOM   1262 H  H71    . DT  D 4 4  ? -1.101  -2.395  -2.699  1.00 114.88 ? 4   DT  A H71    1 
ATOM   1263 H  H72    . DT  D 4 4  ? -2.195  -3.040  -1.753  1.00 114.88 ? 4   DT  A H72    1 
ATOM   1264 H  H73    . DT  D 4 4  ? -1.516  -1.666  -1.355  1.00 114.88 ? 4   DT  A H73    1 
ATOM   1265 H  H6     . DT  D 4 4  ? -0.283  -4.880  -2.170  1.00 122.92 ? 4   DT  A H6     1 
ATOM   1266 P  P      . DC  D 4 5  ? 1.041   -10.950 -1.167  1.00 120.87 ? 5   DC  A P      1 
ATOM   1267 O  OP1    . DC  D 4 5  ? 1.977   -12.079 -1.366  1.00 104.97 ? 5   DC  A OP1    1 
ATOM   1268 O  OP2    . DC  D 4 5  ? -0.367  -11.062 -1.612  1.00 104.10 ? 5   DC  A OP2    1 
ATOM   1269 O  "O5'"  . DC  D 4 5  ? 1.050   -10.578 0.384   1.00 104.43 ? 5   DC  A "O5'"  1 
ATOM   1270 C  "C5'"  . DC  D 4 5  ? 2.280   -10.399 1.043   1.00 79.61  ? 5   DC  A "C5'"  1 
ATOM   1271 C  "C4'"  . DC  D 4 5  ? 2.092   -9.683  2.365   1.00 99.84  ? 5   DC  A "C4'"  1 
ATOM   1272 O  "O4'"  . DC  D 4 5  ? 1.513   -8.382  2.142   1.00 102.72 ? 5   DC  A "O4'"  1 
ATOM   1273 C  "C3'"  . DC  D 4 5  ? 1.160   -10.383 3.356   1.00 89.15  ? 5   DC  A "C3'"  1 
ATOM   1274 O  "O3'"  . DC  D 4 5  ? 1.901   -10.806 4.485   1.00 69.21  ? 5   DC  A "O3'"  1 
ATOM   1275 C  "C2'"  . DC  D 4 5  ? 0.100   -9.321  3.714   1.00 105.67 ? 5   DC  A "C2'"  1 
ATOM   1276 C  "C1'"  . DC  D 4 5  ? 0.770   -8.033  3.281   1.00 96.41  ? 5   DC  A "C1'"  1 
ATOM   1277 N  N1     . DC  D 4 5  ? -0.143  -6.903  2.906   1.00 90.36  ? 5   DC  A N1     1 
ATOM   1278 C  C2     . DC  D 4 5  ? -0.131  -5.721  3.662   1.00 103.41 ? 5   DC  A C2     1 
ATOM   1279 O  O2     . DC  D 4 5  ? 0.596   -5.651  4.662   1.00 86.16  ? 5   DC  A O2     1 
ATOM   1280 N  N3     . DC  D 4 5  ? -0.929  -4.690  3.286   1.00 99.93  ? 5   DC  A N3     1 
ATOM   1281 C  C4     . DC  D 4 5  ? -1.700  -4.803  2.201   1.00 96.31  ? 5   DC  A C4     1 
ATOM   1282 N  N4     . DC  D 4 5  ? -2.473  -3.759  1.873   1.00 96.04  ? 5   DC  A N4     1 
ATOM   1283 C  C5     . DC  D 4 5  ? -1.713  -5.989  1.410   1.00 98.18  ? 5   DC  A C5     1 
ATOM   1284 C  C6     . DC  D 4 5  ? -0.921  -7.000  1.787   1.00 84.41  ? 5   DC  A C6     1 
ATOM   1285 H  "H5'"  . DC  D 4 5  ? 2.870   -9.876  0.479   1.00 95.98  ? 5   DC  A "H5'"  1 
ATOM   1286 H  "H5''" . DC  D 4 5  ? 2.683   -11.266 1.206   1.00 95.98  ? 5   DC  A "H5''" 1 
ATOM   1287 H  "H4'"  . DC  D 4 5  ? 2.960   -9.569  2.783   1.00 120.25 ? 5   DC  A "H4'"  1 
ATOM   1288 H  "H3'"  . DC  D 4 5  ? 0.736   -11.145 2.931   1.00 107.43 ? 5   DC  A "H3'"  1 
ATOM   1289 H  "H2'"  . DC  D 4 5  ? -0.717  -9.469  3.214   1.00 127.26 ? 5   DC  A "H2'"  1 
ATOM   1290 H  "H2''" . DC  D 4 5  ? -0.072  -9.315  4.668   1.00 127.26 ? 5   DC  A "H2''" 1 
ATOM   1291 H  "H1'"  . DC  D 4 5  ? 1.376   -7.737  3.978   1.00 116.14 ? 5   DC  A "H1'"  1 
ATOM   1292 H  H41    . DC  D 4 5  ? -3.006  -3.815  1.201   1.00 115.69 ? 5   DC  A H41    1 
ATOM   1293 H  H42    . DC  D 4 5  ? -2.437  -3.035  2.335   1.00 115.69 ? 5   DC  A H42    1 
ATOM   1294 H  H5     . DC  D 4 5  ? -2.255  -6.058  0.656   1.00 118.26 ? 5   DC  A H5     1 
ATOM   1295 H  H6     . DC  D 4 5  ? -0.910  -7.785  1.288   1.00 101.75 ? 5   DC  A H6     1 
ATOM   1296 P  P      . DT  D 4 6  ? 1.335   -11.973 5.427   1.00 104.34 ? 6   DT  A P      1 
ATOM   1297 O  OP1    . DT  D 4 6  ? 2.480   -12.552 6.165   1.00 78.00  ? 6   DT  A OP1    1 
ATOM   1298 O  OP2    . DT  D 4 6  ? 0.481   -12.838 4.578   1.00 89.79  ? 6   DT  A OP2    1 
ATOM   1299 O  "O5'"  . DT  D 4 6  ? 0.406   -11.200 6.471   1.00 79.62  ? 6   DT  A "O5'"  1 
ATOM   1300 C  "C5'"  . DT  D 4 6  ? 0.914   -10.897 7.747   1.00 70.58  ? 6   DT  A "C5'"  1 
ATOM   1301 C  "C4'"  . DT  D 4 6  ? 0.200   -9.709  8.359   1.00 78.66  ? 6   DT  A "C4'"  1 
ATOM   1302 O  "O4'"  . DT  D 4 6  ? -0.189  -8.785  7.333   1.00 74.20  ? 6   DT  A "O4'"  1 
ATOM   1303 C  "C3'"  . DT  D 4 6  ? -1.102  -10.015 9.067   1.00 61.25  ? 6   DT  A "C3'"  1 
ATOM   1304 O  "O3'"  . DT  D 4 6  ? -0.866  -10.415 10.387  1.00 67.32  ? 6   DT  A "O3'"  1 
ATOM   1305 C  "C2'"  . DT  D 4 6  ? -1.859  -8.684  8.991   1.00 68.26  ? 6   DT  A "C2'"  1 
ATOM   1306 C  "C1'"  . DT  D 4 6  ? -1.128  -7.900  7.903   1.00 72.03  ? 6   DT  A "C1'"  1 
ATOM   1307 N  N1     . DT  D 4 6  ? -2.017  -7.380  6.831   1.00 77.60  ? 6   DT  A N1     1 
ATOM   1308 C  C2     . DT  D 4 6  ? -2.376  -6.051  6.841   1.00 85.43  ? 6   DT  A C2     1 
ATOM   1309 O  O2     . DT  D 4 6  ? -2.011  -5.270  7.700   1.00 90.68  ? 6   DT  A O2     1 
ATOM   1310 N  N3     . DT  D 4 6  ? -3.180  -5.667  5.803   1.00 84.21  ? 6   DT  A N3     1 
ATOM   1311 C  C4     . DT  D 4 6  ? -3.651  -6.457  4.773   1.00 93.83  ? 6   DT  A C4     1 
ATOM   1312 O  O4     . DT  D 4 6  ? -4.370  -6.017  3.882   1.00 104.43 ? 6   DT  A O4     1 
ATOM   1313 C  C5     . DT  D 4 6  ? -3.235  -7.839  4.819   1.00 92.43  ? 6   DT  A C5     1 
ATOM   1314 C  C7     . DT  D 4 6  ? -3.688  -8.791  3.756   1.00 88.13  ? 6   DT  A C7     1 
ATOM   1315 C  C6     . DT  D 4 6  ? -2.449  -8.231  5.835   1.00 96.66  ? 6   DT  A C6     1 
ATOM   1316 H  "H5'"  . DT  D 4 6  ? 1.859   -10.694 7.672   1.00 85.14  ? 6   DT  A "H5'"  1 
ATOM   1317 H  "H5''" . DT  D 4 6  ? 0.799   -11.668 8.324   1.00 85.14  ? 6   DT  A "H5''" 1 
ATOM   1318 H  "H4'"  . DT  D 4 6  ? 0.800   -9.263  8.977   1.00 94.84  ? 6   DT  A "H4'"  1 
ATOM   1319 H  "H3'"  . DT  D 4 6  ? -1.587  -10.705 8.589   1.00 73.95  ? 6   DT  A "H3'"  1 
ATOM   1320 H  "HO3'" . DT  D 4 6  ? -1.070  -11.192 10.633  1.00 81.23  ? 6   DT  A "HO3'" 1 
ATOM   1321 H  "H2'"  . DT  D 4 6  ? -2.783  -8.835  8.737   1.00 82.36  ? 6   DT  A "H2'"  1 
ATOM   1322 H  "H2''" . DT  D 4 6  ? -1.808  -8.216  9.839   1.00 82.36  ? 6   DT  A "H2''" 1 
ATOM   1323 H  "H1'"  . DT  D 4 6  ? -0.657  -7.157  8.311   1.00 86.89  ? 6   DT  A "H1'"  1 
ATOM   1324 H  H3     . DT  D 4 6  ? -3.419  -4.840  5.790   1.00 101.50 ? 6   DT  A H3     1 
ATOM   1325 H  H71    . DT  D 4 6  ? -4.272  -8.329  3.136   1.00 106.21 ? 6   DT  A H71    1 
ATOM   1326 H  H72    . DT  D 4 6  ? -2.916  -9.133  3.278   1.00 106.21 ? 6   DT  A H72    1 
ATOM   1327 H  H73    . DT  D 4 6  ? -4.168  -9.528  4.164   1.00 106.21 ? 6   DT  A H73    1 
ATOM   1328 H  H6     . DT  D 4 6  ? -2.175  -9.120  5.864   1.00 116.44 ? 6   DT  A H6     1 
HETATM 1329 AS AS     . CAC E 5 .  ? -0.675  3.622   -1.320  1.00 151.84 ? 101 CAC A AS     1 
# 
loop_
_pdbx_poly_seq_scheme.asym_id 
_pdbx_poly_seq_scheme.entity_id 
_pdbx_poly_seq_scheme.seq_id 
_pdbx_poly_seq_scheme.mon_id 
_pdbx_poly_seq_scheme.ndb_seq_num 
_pdbx_poly_seq_scheme.pdb_seq_num 
_pdbx_poly_seq_scheme.auth_seq_num 
_pdbx_poly_seq_scheme.pdb_mon_id 
_pdbx_poly_seq_scheme.auth_mon_id 
_pdbx_poly_seq_scheme.pdb_strand_id 
_pdbx_poly_seq_scheme.pdb_ins_code 
_pdbx_poly_seq_scheme.hetero 
A 1 1  DG 1  7  7  DG DG B . n 
A 1 2  DA 2  8  8  DA DA B . n 
A 1 3  DA 3  9  9  DA DA B . n 
A 1 4  DC 4  10 10 DC DC B . n 
A 1 5  DG 5  11 11 DG DG B . n 
A 1 6  DA 6  12 12 DA DA B . n 
A 1 7  DC 7  13 13 DC DC B . n 
A 1 8  DA 8  14 14 DA DA B . n 
A 1 9  DC 9  15 15 DC DC B . n 
A 1 10 DA 10 16 16 DA DA B . n 
A 1 11 DG 11 17 17 DG DG B . n 
A 1 12 DA 12 18 18 DA DA B . n 
A 1 13 DC 13 19 19 DC DC B . n 
A 1 14 DG 14 20 20 DG DG B . n 
A 1 15 DG 15 21 21 DG DG B . n 
A 1 16 DC 16 22 22 DC DC B . n 
A 1 17 DG 17 23 23 DG DG B . n 
A 1 18 DA 18 24 24 DA DA B . n 
A 1 19 DG 19 25 25 DG DG B . n 
A 1 20 DT 20 26 26 DT DT B . n 
A 1 21 DC 21 27 27 DC DC B . n 
B 2 1  DT 1  28 28 DT DT C . n 
B 2 2  DC 2  29 29 DC DC C . n 
B 2 3  DG 3  30 30 DG DG C . n 
B 2 4  DA 4  31 31 DA DA C . n 
B 2 5  DG 5  32 32 DG DG C . n 
B 2 6  DT 6  33 33 DT DT C . n 
B 2 7  DC 7  34 34 DC DC C . n 
B 2 8  DG 8  35 35 DG DG C . n 
C 3 1  DG 1  36 36 DG DG D . n 
C 3 2  DT 2  37 37 DT DT D . n 
C 3 3  DG 3  38 38 DG DG D . n 
C 3 4  DT 4  39 39 DT DT D . n 
C 3 5  DC 5  40 40 DC DC D . n 
C 3 6  DG 6  41 41 DG DG D . n 
C 3 7  DT 7  42 42 DT DT D . n 
D 4 1  DC 1  1  1  DC DC A . n 
D 4 2  DC 2  2  2  DC DC A . n 
D 4 3  DG 3  3  3  DG DG A . n 
D 4 4  DT 4  4  4  DT DT A . n 
D 4 5  DC 5  5  5  DC DC A . n 
D 4 6  DT 6  6  6  DT DT A . n 
# 
_pdbx_nonpoly_scheme.asym_id         E 
_pdbx_nonpoly_scheme.entity_id       5 
_pdbx_nonpoly_scheme.mon_id          CAC 
_pdbx_nonpoly_scheme.ndb_seq_num     1 
_pdbx_nonpoly_scheme.pdb_seq_num     101 
_pdbx_nonpoly_scheme.auth_seq_num    1 
_pdbx_nonpoly_scheme.pdb_mon_id      CAC 
_pdbx_nonpoly_scheme.auth_mon_id     AS 
_pdbx_nonpoly_scheme.pdb_strand_id   A 
_pdbx_nonpoly_scheme.pdb_ins_code    . 
# 
_pdbx_struct_assembly.id                   1 
_pdbx_struct_assembly.details              author_defined_assembly 
_pdbx_struct_assembly.method_details       ? 
_pdbx_struct_assembly.oligomeric_details   tetrameric 
_pdbx_struct_assembly.oligomeric_count     4 
# 
_pdbx_struct_assembly_gen.assembly_id       1 
_pdbx_struct_assembly_gen.oper_expression   1 
_pdbx_struct_assembly_gen.asym_id_list      A,B,C,D,E 
# 
_pdbx_struct_oper_list.id                   1 
_pdbx_struct_oper_list.type                 'identity operation' 
_pdbx_struct_oper_list.name                 1_555 
_pdbx_struct_oper_list.symmetry_operation   x,y,z 
_pdbx_struct_oper_list.matrix[1][1]         1.0000000000 
_pdbx_struct_oper_list.matrix[1][2]         0.0000000000 
_pdbx_struct_oper_list.matrix[1][3]         0.0000000000 
_pdbx_struct_oper_list.vector[1]            0.0000000000 
_pdbx_struct_oper_list.matrix[2][1]         0.0000000000 
_pdbx_struct_oper_list.matrix[2][2]         1.0000000000 
_pdbx_struct_oper_list.matrix[2][3]         0.0000000000 
_pdbx_struct_oper_list.vector[2]            0.0000000000 
_pdbx_struct_oper_list.matrix[3][1]         0.0000000000 
_pdbx_struct_oper_list.matrix[3][2]         0.0000000000 
_pdbx_struct_oper_list.matrix[3][3]         1.0000000000 
_pdbx_struct_oper_list.vector[3]            0.0000000000 
# 
loop_
_pdbx_audit_revision_history.ordinal 
_pdbx_audit_revision_history.data_content_type 
_pdbx_audit_revision_history.major_revision 
_pdbx_audit_revision_history.minor_revision 
_pdbx_audit_revision_history.revision_date 
1 'Structure model' 1 0 2021-07-14 
2 'Structure model' 1 1 2022-07-06 
3 'Structure model' 1 2 2023-10-18 
# 
_pdbx_audit_revision_details.ordinal             1 
_pdbx_audit_revision_details.revision_ordinal    1 
_pdbx_audit_revision_details.data_content_type   'Structure model' 
_pdbx_audit_revision_details.provider            repository 
_pdbx_audit_revision_details.type                'Initial release' 
_pdbx_audit_revision_details.description         ? 
_pdbx_audit_revision_details.details             ? 
# 
loop_
_pdbx_audit_revision_group.ordinal 
_pdbx_audit_revision_group.revision_ordinal 
_pdbx_audit_revision_group.data_content_type 
_pdbx_audit_revision_group.group 
1 2 'Structure model' 'Database references'    
2 3 'Structure model' 'Data collection'        
3 3 'Structure model' 'Refinement description' 
# 
loop_
_pdbx_audit_revision_category.ordinal 
_pdbx_audit_revision_category.revision_ordinal 
_pdbx_audit_revision_category.data_content_type 
_pdbx_audit_revision_category.category 
1 2 'Structure model' citation                      
2 2 'Structure model' citation_author               
3 2 'Structure model' database_2                    
4 3 'Structure model' chem_comp_atom                
5 3 'Structure model' chem_comp_bond                
6 3 'Structure model' pdbx_initial_refinement_model 
# 
loop_
_pdbx_audit_revision_item.ordinal 
_pdbx_audit_revision_item.revision_ordinal 
_pdbx_audit_revision_item.data_content_type 
_pdbx_audit_revision_item.item 
1  2 'Structure model' '_citation.country'                   
2  2 'Structure model' '_citation.journal_abbrev'            
3  2 'Structure model' '_citation.journal_id_CSD'            
4  2 'Structure model' '_citation.journal_id_ISSN'           
5  2 'Structure model' '_citation.journal_volume'            
6  2 'Structure model' '_citation.page_first'                
7  2 'Structure model' '_citation.page_last'                 
8  2 'Structure model' '_citation.pdbx_database_id_DOI'      
9  2 'Structure model' '_citation.pdbx_database_id_PubMed'   
10 2 'Structure model' '_citation.title'                     
11 2 'Structure model' '_citation.year'                      
12 2 'Structure model' '_database_2.pdbx_DOI'                
13 2 'Structure model' '_database_2.pdbx_database_accession' 
# 
loop_
_software.citation_id 
_software.classification 
_software.compiler_name 
_software.compiler_version 
_software.contact_author 
_software.contact_author_email 
_software.date 
_software.description 
_software.dependencies 
_software.hardware 
_software.language 
_software.location 
_software.mods 
_software.name 
_software.os 
_software.os_version 
_software.type 
_software.version 
_software.pdbx_ordinal 
? refinement        ? ? ? ? ? ? ? ? ? ? ? PHENIX      ? ? ? 1.11.1_2575 1 
? 'data reduction'  ? ? ? ? ? ? ? ? ? ? ? HKL-2000    ? ? ? .           2 
? 'data scaling'    ? ? ? ? ? ? ? ? ? ? ? HKL-2000    ? ? ? .           3 
? 'data extraction' ? ? ? ? ? ? ? ? ? ? ? PDB_EXTRACT ? ? ? 3.25        4 
? phasing           ? ? ? ? ? ? ? ? ? ? ? PHASER      ? ? ? .           5 
# 
_pdbx_entry_details.entry_id                 7JSC 
_pdbx_entry_details.nonpolymer_details       ? 
_pdbx_entry_details.sequence_details         ? 
_pdbx_entry_details.compound_details         ? 
_pdbx_entry_details.source_details           ? 
_pdbx_entry_details.has_ligand_of_interest   N 
# 
loop_
_pdbx_validate_symm_contact.id 
_pdbx_validate_symm_contact.PDB_model_num 
_pdbx_validate_symm_contact.auth_atom_id_1 
_pdbx_validate_symm_contact.auth_asym_id_1 
_pdbx_validate_symm_contact.auth_comp_id_1 
_pdbx_validate_symm_contact.auth_seq_id_1 
_pdbx_validate_symm_contact.PDB_ins_code_1 
_pdbx_validate_symm_contact.label_alt_id_1 
_pdbx_validate_symm_contact.site_symmetry_1 
_pdbx_validate_symm_contact.auth_atom_id_2 
_pdbx_validate_symm_contact.auth_asym_id_2 
_pdbx_validate_symm_contact.auth_comp_id_2 
_pdbx_validate_symm_contact.auth_seq_id_2 
_pdbx_validate_symm_contact.PDB_ins_code_2 
_pdbx_validate_symm_contact.label_alt_id_2 
_pdbx_validate_symm_contact.site_symmetry_2 
_pdbx_validate_symm_contact.dist 
1 1 "O5'" A DC 1  ? ? 1_555 "HO3'" A DT 6  ? ? 6_555 1.52 
2 1 "O5'" A DC 1  ? ? 1_555 "O3'"  A DT 6  ? ? 6_555 1.94 
3 1 "O3'" C DG 35 ? ? 1_555 OP1    D DG 36 ? ? 6_555 2.14 
# 
loop_
_pdbx_unobs_or_zero_occ_atoms.id 
_pdbx_unobs_or_zero_occ_atoms.PDB_model_num 
_pdbx_unobs_or_zero_occ_atoms.polymer_flag 
_pdbx_unobs_or_zero_occ_atoms.occupancy_flag 
_pdbx_unobs_or_zero_occ_atoms.auth_asym_id 
_pdbx_unobs_or_zero_occ_atoms.auth_comp_id 
_pdbx_unobs_or_zero_occ_atoms.auth_seq_id 
_pdbx_unobs_or_zero_occ_atoms.PDB_ins_code 
_pdbx_unobs_or_zero_occ_atoms.auth_atom_id 
_pdbx_unobs_or_zero_occ_atoms.label_alt_id 
_pdbx_unobs_or_zero_occ_atoms.label_asym_id 
_pdbx_unobs_or_zero_occ_atoms.label_comp_id 
_pdbx_unobs_or_zero_occ_atoms.label_seq_id 
_pdbx_unobs_or_zero_occ_atoms.label_atom_id 
1 1 N 1 A CAC 101 ? O1 ? E CAC 1 O1 
2 1 N 1 A CAC 101 ? O2 ? E CAC 1 O2 
3 1 N 1 A CAC 101 ? C1 ? E CAC 1 C1 
4 1 N 1 A CAC 101 ? C2 ? E CAC 1 C2 
# 
loop_
_chem_comp_atom.comp_id 
_chem_comp_atom.atom_id 
_chem_comp_atom.type_symbol 
_chem_comp_atom.pdbx_aromatic_flag 
_chem_comp_atom.pdbx_stereo_config 
_chem_comp_atom.pdbx_ordinal 
CAC AS     AS N N 1   
CAC O1     O  N N 2   
CAC O2     O  N N 3   
CAC C1     C  N N 4   
CAC C2     C  N N 5   
CAC H11    H  N N 6   
CAC H12    H  N N 7   
CAC H13    H  N N 8   
CAC H21    H  N N 9   
CAC H22    H  N N 10  
CAC H23    H  N N 11  
DA  OP3    O  N N 12  
DA  P      P  N N 13  
DA  OP1    O  N N 14  
DA  OP2    O  N N 15  
DA  "O5'"  O  N N 16  
DA  "C5'"  C  N N 17  
DA  "C4'"  C  N R 18  
DA  "O4'"  O  N N 19  
DA  "C3'"  C  N S 20  
DA  "O3'"  O  N N 21  
DA  "C2'"  C  N N 22  
DA  "C1'"  C  N R 23  
DA  N9     N  Y N 24  
DA  C8     C  Y N 25  
DA  N7     N  Y N 26  
DA  C5     C  Y N 27  
DA  C6     C  Y N 28  
DA  N6     N  N N 29  
DA  N1     N  Y N 30  
DA  C2     C  Y N 31  
DA  N3     N  Y N 32  
DA  C4     C  Y N 33  
DA  HOP3   H  N N 34  
DA  HOP2   H  N N 35  
DA  "H5'"  H  N N 36  
DA  "H5''" H  N N 37  
DA  "H4'"  H  N N 38  
DA  "H3'"  H  N N 39  
DA  "HO3'" H  N N 40  
DA  "H2'"  H  N N 41  
DA  "H2''" H  N N 42  
DA  "H1'"  H  N N 43  
DA  H8     H  N N 44  
DA  H61    H  N N 45  
DA  H62    H  N N 46  
DA  H2     H  N N 47  
DC  OP3    O  N N 48  
DC  P      P  N N 49  
DC  OP1    O  N N 50  
DC  OP2    O  N N 51  
DC  "O5'"  O  N N 52  
DC  "C5'"  C  N N 53  
DC  "C4'"  C  N R 54  
DC  "O4'"  O  N N 55  
DC  "C3'"  C  N S 56  
DC  "O3'"  O  N N 57  
DC  "C2'"  C  N N 58  
DC  "C1'"  C  N R 59  
DC  N1     N  N N 60  
DC  C2     C  N N 61  
DC  O2     O  N N 62  
DC  N3     N  N N 63  
DC  C4     C  N N 64  
DC  N4     N  N N 65  
DC  C5     C  N N 66  
DC  C6     C  N N 67  
DC  HOP3   H  N N 68  
DC  HOP2   H  N N 69  
DC  "H5'"  H  N N 70  
DC  "H5''" H  N N 71  
DC  "H4'"  H  N N 72  
DC  "H3'"  H  N N 73  
DC  "HO3'" H  N N 74  
DC  "H2'"  H  N N 75  
DC  "H2''" H  N N 76  
DC  "H1'"  H  N N 77  
DC  H41    H  N N 78  
DC  H42    H  N N 79  
DC  H5     H  N N 80  
DC  H6     H  N N 81  
DG  OP3    O  N N 82  
DG  P      P  N N 83  
DG  OP1    O  N N 84  
DG  OP2    O  N N 85  
DG  "O5'"  O  N N 86  
DG  "C5'"  C  N N 87  
DG  "C4'"  C  N R 88  
DG  "O4'"  O  N N 89  
DG  "C3'"  C  N S 90  
DG  "O3'"  O  N N 91  
DG  "C2'"  C  N N 92  
DG  "C1'"  C  N R 93  
DG  N9     N  Y N 94  
DG  C8     C  Y N 95  
DG  N7     N  Y N 96  
DG  C5     C  Y N 97  
DG  C6     C  N N 98  
DG  O6     O  N N 99  
DG  N1     N  N N 100 
DG  C2     C  N N 101 
DG  N2     N  N N 102 
DG  N3     N  N N 103 
DG  C4     C  Y N 104 
DG  HOP3   H  N N 105 
DG  HOP2   H  N N 106 
DG  "H5'"  H  N N 107 
DG  "H5''" H  N N 108 
DG  "H4'"  H  N N 109 
DG  "H3'"  H  N N 110 
DG  "HO3'" H  N N 111 
DG  "H2'"  H  N N 112 
DG  "H2''" H  N N 113 
DG  "H1'"  H  N N 114 
DG  H8     H  N N 115 
DG  H1     H  N N 116 
DG  H21    H  N N 117 
DG  H22    H  N N 118 
DT  OP3    O  N N 119 
DT  P      P  N N 120 
DT  OP1    O  N N 121 
DT  OP2    O  N N 122 
DT  "O5'"  O  N N 123 
DT  "C5'"  C  N N 124 
DT  "C4'"  C  N R 125 
DT  "O4'"  O  N N 126 
DT  "C3'"  C  N S 127 
DT  "O3'"  O  N N 128 
DT  "C2'"  C  N N 129 
DT  "C1'"  C  N R 130 
DT  N1     N  N N 131 
DT  C2     C  N N 132 
DT  O2     O  N N 133 
DT  N3     N  N N 134 
DT  C4     C  N N 135 
DT  O4     O  N N 136 
DT  C5     C  N N 137 
DT  C7     C  N N 138 
DT  C6     C  N N 139 
DT  HOP3   H  N N 140 
DT  HOP2   H  N N 141 
DT  "H5'"  H  N N 142 
DT  "H5''" H  N N 143 
DT  "H4'"  H  N N 144 
DT  "H3'"  H  N N 145 
DT  "HO3'" H  N N 146 
DT  "H2'"  H  N N 147 
DT  "H2''" H  N N 148 
DT  "H1'"  H  N N 149 
DT  H3     H  N N 150 
DT  H71    H  N N 151 
DT  H72    H  N N 152 
DT  H73    H  N N 153 
DT  H6     H  N N 154 
# 
loop_
_chem_comp_bond.comp_id 
_chem_comp_bond.atom_id_1 
_chem_comp_bond.atom_id_2 
_chem_comp_bond.value_order 
_chem_comp_bond.pdbx_aromatic_flag 
_chem_comp_bond.pdbx_stereo_config 
_chem_comp_bond.pdbx_ordinal 
CAC AS    O1     doub N N 1   
CAC AS    O2     sing N N 2   
CAC AS    C1     sing N N 3   
CAC AS    C2     sing N N 4   
CAC C1    H11    sing N N 5   
CAC C1    H12    sing N N 6   
CAC C1    H13    sing N N 7   
CAC C2    H21    sing N N 8   
CAC C2    H22    sing N N 9   
CAC C2    H23    sing N N 10  
DA  OP3   P      sing N N 11  
DA  OP3   HOP3   sing N N 12  
DA  P     OP1    doub N N 13  
DA  P     OP2    sing N N 14  
DA  P     "O5'"  sing N N 15  
DA  OP2   HOP2   sing N N 16  
DA  "O5'" "C5'"  sing N N 17  
DA  "C5'" "C4'"  sing N N 18  
DA  "C5'" "H5'"  sing N N 19  
DA  "C5'" "H5''" sing N N 20  
DA  "C4'" "O4'"  sing N N 21  
DA  "C4'" "C3'"  sing N N 22  
DA  "C4'" "H4'"  sing N N 23  
DA  "O4'" "C1'"  sing N N 24  
DA  "C3'" "O3'"  sing N N 25  
DA  "C3'" "C2'"  sing N N 26  
DA  "C3'" "H3'"  sing N N 27  
DA  "O3'" "HO3'" sing N N 28  
DA  "C2'" "C1'"  sing N N 29  
DA  "C2'" "H2'"  sing N N 30  
DA  "C2'" "H2''" sing N N 31  
DA  "C1'" N9     sing N N 32  
DA  "C1'" "H1'"  sing N N 33  
DA  N9    C8     sing Y N 34  
DA  N9    C4     sing Y N 35  
DA  C8    N7     doub Y N 36  
DA  C8    H8     sing N N 37  
DA  N7    C5     sing Y N 38  
DA  C5    C6     sing Y N 39  
DA  C5    C4     doub Y N 40  
DA  C6    N6     sing N N 41  
DA  C6    N1     doub Y N 42  
DA  N6    H61    sing N N 43  
DA  N6    H62    sing N N 44  
DA  N1    C2     sing Y N 45  
DA  C2    N3     doub Y N 46  
DA  C2    H2     sing N N 47  
DA  N3    C4     sing Y N 48  
DC  OP3   P      sing N N 49  
DC  OP3   HOP3   sing N N 50  
DC  P     OP1    doub N N 51  
DC  P     OP2    sing N N 52  
DC  P     "O5'"  sing N N 53  
DC  OP2   HOP2   sing N N 54  
DC  "O5'" "C5'"  sing N N 55  
DC  "C5'" "C4'"  sing N N 56  
DC  "C5'" "H5'"  sing N N 57  
DC  "C5'" "H5''" sing N N 58  
DC  "C4'" "O4'"  sing N N 59  
DC  "C4'" "C3'"  sing N N 60  
DC  "C4'" "H4'"  sing N N 61  
DC  "O4'" "C1'"  sing N N 62  
DC  "C3'" "O3'"  sing N N 63  
DC  "C3'" "C2'"  sing N N 64  
DC  "C3'" "H3'"  sing N N 65  
DC  "O3'" "HO3'" sing N N 66  
DC  "C2'" "C1'"  sing N N 67  
DC  "C2'" "H2'"  sing N N 68  
DC  "C2'" "H2''" sing N N 69  
DC  "C1'" N1     sing N N 70  
DC  "C1'" "H1'"  sing N N 71  
DC  N1    C2     sing N N 72  
DC  N1    C6     sing N N 73  
DC  C2    O2     doub N N 74  
DC  C2    N3     sing N N 75  
DC  N3    C4     doub N N 76  
DC  C4    N4     sing N N 77  
DC  C4    C5     sing N N 78  
DC  N4    H41    sing N N 79  
DC  N4    H42    sing N N 80  
DC  C5    C6     doub N N 81  
DC  C5    H5     sing N N 82  
DC  C6    H6     sing N N 83  
DG  OP3   P      sing N N 84  
DG  OP3   HOP3   sing N N 85  
DG  P     OP1    doub N N 86  
DG  P     OP2    sing N N 87  
DG  P     "O5'"  sing N N 88  
DG  OP2   HOP2   sing N N 89  
DG  "O5'" "C5'"  sing N N 90  
DG  "C5'" "C4'"  sing N N 91  
DG  "C5'" "H5'"  sing N N 92  
DG  "C5'" "H5''" sing N N 93  
DG  "C4'" "O4'"  sing N N 94  
DG  "C4'" "C3'"  sing N N 95  
DG  "C4'" "H4'"  sing N N 96  
DG  "O4'" "C1'"  sing N N 97  
DG  "C3'" "O3'"  sing N N 98  
DG  "C3'" "C2'"  sing N N 99  
DG  "C3'" "H3'"  sing N N 100 
DG  "O3'" "HO3'" sing N N 101 
DG  "C2'" "C1'"  sing N N 102 
DG  "C2'" "H2'"  sing N N 103 
DG  "C2'" "H2''" sing N N 104 
DG  "C1'" N9     sing N N 105 
DG  "C1'" "H1'"  sing N N 106 
DG  N9    C8     sing Y N 107 
DG  N9    C4     sing Y N 108 
DG  C8    N7     doub Y N 109 
DG  C8    H8     sing N N 110 
DG  N7    C5     sing Y N 111 
DG  C5    C6     sing N N 112 
DG  C5    C4     doub Y N 113 
DG  C6    O6     doub N N 114 
DG  C6    N1     sing N N 115 
DG  N1    C2     sing N N 116 
DG  N1    H1     sing N N 117 
DG  C2    N2     sing N N 118 
DG  C2    N3     doub N N 119 
DG  N2    H21    sing N N 120 
DG  N2    H22    sing N N 121 
DG  N3    C4     sing N N 122 
DT  OP3   P      sing N N 123 
DT  OP3   HOP3   sing N N 124 
DT  P     OP1    doub N N 125 
DT  P     OP2    sing N N 126 
DT  P     "O5'"  sing N N 127 
DT  OP2   HOP2   sing N N 128 
DT  "O5'" "C5'"  sing N N 129 
DT  "C5'" "C4'"  sing N N 130 
DT  "C5'" "H5'"  sing N N 131 
DT  "C5'" "H5''" sing N N 132 
DT  "C4'" "O4'"  sing N N 133 
DT  "C4'" "C3'"  sing N N 134 
DT  "C4'" "H4'"  sing N N 135 
DT  "O4'" "C1'"  sing N N 136 
DT  "C3'" "O3'"  sing N N 137 
DT  "C3'" "C2'"  sing N N 138 
DT  "C3'" "H3'"  sing N N 139 
DT  "O3'" "HO3'" sing N N 140 
DT  "C2'" "C1'"  sing N N 141 
DT  "C2'" "H2'"  sing N N 142 
DT  "C2'" "H2''" sing N N 143 
DT  "C1'" N1     sing N N 144 
DT  "C1'" "H1'"  sing N N 145 
DT  N1    C2     sing N N 146 
DT  N1    C6     sing N N 147 
DT  C2    O2     doub N N 148 
DT  C2    N3     sing N N 149 
DT  N3    C4     sing N N 150 
DT  N3    H3     sing N N 151 
DT  C4    O4     doub N N 152 
DT  C4    C5     sing N N 153 
DT  C5    C7     sing N N 154 
DT  C5    C6     doub N N 155 
DT  C7    H71    sing N N 156 
DT  C7    H72    sing N N 157 
DT  C7    H73    sing N N 158 
DT  C6    H6     sing N N 159 
# 
loop_
_ndb_struct_conf_na.entry_id 
_ndb_struct_conf_na.feature 
7JSC 'double helix'        
7JSC 'a-form double helix' 
7JSC 'b-form double helix' 
# 
loop_
_ndb_struct_na_base_pair.model_number 
_ndb_struct_na_base_pair.i_label_asym_id 
_ndb_struct_na_base_pair.i_label_comp_id 
_ndb_struct_na_base_pair.i_label_seq_id 
_ndb_struct_na_base_pair.i_symmetry 
_ndb_struct_na_base_pair.j_label_asym_id 
_ndb_struct_na_base_pair.j_label_comp_id 
_ndb_struct_na_base_pair.j_label_seq_id 
_ndb_struct_na_base_pair.j_symmetry 
_ndb_struct_na_base_pair.shear 
_ndb_struct_na_base_pair.stretch 
_ndb_struct_na_base_pair.stagger 
_ndb_struct_na_base_pair.buckle 
_ndb_struct_na_base_pair.propeller 
_ndb_struct_na_base_pair.opening 
_ndb_struct_na_base_pair.pair_number 
_ndb_struct_na_base_pair.pair_name 
_ndb_struct_na_base_pair.i_auth_asym_id 
_ndb_struct_na_base_pair.i_auth_seq_id 
_ndb_struct_na_base_pair.i_PDB_ins_code 
_ndb_struct_na_base_pair.j_auth_asym_id 
_ndb_struct_na_base_pair.j_auth_seq_id 
_ndb_struct_na_base_pair.j_PDB_ins_code 
_ndb_struct_na_base_pair.hbond_type_28 
_ndb_struct_na_base_pair.hbond_type_12 
1 A DA 3  1_555 C DT 7 1_555 -0.205 0.479  0.858  8.017   -12.605 3.743   1  B_DA9:DT42_D  B 9  ? D 42 ? ?  ? 
1 A DC 4  1_555 C DG 6 1_555 -1.278 0.510  0.146  4.755   -12.178 -8.069  2  B_DC10:DG41_D B 10 ? D 41 ? ?  1 
1 A DG 5  1_555 C DC 5 1_555 1.026  0.514  0.284  -2.554  -18.043 -4.993  3  B_DG11:DC40_D B 11 ? D 40 ? 19 1 
1 A DA 6  1_555 C DT 4 1_555 0.287  0.006  -0.229 -4.724  -14.368 -7.047  4  B_DA12:DT39_D B 12 ? D 39 ? 20 1 
1 A DC 7  1_555 C DG 3 1_555 -0.762 0.048  0.162  1.215   -9.116  -1.430  5  B_DC13:DG38_D B 13 ? D 38 ? 19 1 
1 A DA 8  1_555 C DT 2 1_555 0.459  -0.139 0.466  -2.531  -17.426 -11.694 6  B_DA14:DT37_D B 14 ? D 37 ? 20 1 
1 A DC 9  1_555 C DG 1 1_555 0.151  0.012  1.012  -10.135 -21.317 -4.661  7  B_DC15:DG36_D B 15 ? D 36 ? 19 1 
1 A DA 10 1_555 D DT 6 1_555 -1.279 0.015  0.577  -4.447  -0.868  -3.988  8  B_DA16:DT6_A  B 16 ? A 6  ? 20 1 
1 A DG 11 1_555 D DC 5 1_555 -0.317 -0.165 0.686  7.697   0.370   5.455   9  B_DG17:DC5_A  B 17 ? A 5  ? 19 1 
1 A DA 12 1_555 D DT 4 1_555 0.482  -0.060 0.402  8.008   -7.765  1.040   10 B_DA18:DT4_A  B 18 ? A 4  ? 20 1 
1 A DC 13 1_555 D DG 3 1_555 -0.251 -0.277 0.047  0.728   -5.871  -2.968  11 B_DC19:DG3_A  B 19 ? A 3  ? 19 1 
1 A DG 14 1_555 D DC 2 1_555 -0.064 -0.305 0.142  2.000   -10.640 -1.154  12 B_DG20:DC2_A  B 20 ? A 2  ? 19 1 
1 A DG 15 1_555 D DC 1 1_555 -0.540 -0.115 0.864  1.587   -9.022  -12.611 13 B_DG21:DC1_A  B 21 ? A 1  ? 19 1 
1 A DC 16 1_555 B DG 8 1_555 -0.807 -0.065 0.890  -0.157  -5.815  -5.494  14 B_DC22:DG35_C B 22 ? C 35 ? 19 1 
1 A DG 17 1_555 B DC 7 1_555 0.546  -0.309 1.222  4.682   -7.978  -10.809 15 B_DG23:DC34_C B 23 ? C 34 ? 19 1 
1 A DA 18 1_555 B DT 6 1_555 0.787  -0.274 1.471  -4.421  -1.316  -3.798  16 B_DA24:DT33_C B 24 ? C 33 ? 20 1 
1 A DG 19 1_555 B DG 5 1_555 -0.411 0.443  1.891  -2.554  12.131  6.188   17 B_DG25:DG32_C B 25 ? C 32 ? 4  1 
1 A DT 20 1_555 B DA 4 1_555 -1.353 0.268  1.238  5.440   0.412   -10.720 18 B_DT26:DA31_C B 26 ? C 31 ? 20 1 
1 A DC 21 1_555 B DG 3 1_555 0.104  0.125  0.697  5.119   -7.254  9.581   19 B_DC27:DG30_C B 27 ? C 30 ? 19 1 
# 
loop_
_ndb_struct_na_base_pair_step.model_number 
_ndb_struct_na_base_pair_step.i_label_asym_id_1 
_ndb_struct_na_base_pair_step.i_label_comp_id_1 
_ndb_struct_na_base_pair_step.i_label_seq_id_1 
_ndb_struct_na_base_pair_step.i_symmetry_1 
_ndb_struct_na_base_pair_step.j_label_asym_id_1 
_ndb_struct_na_base_pair_step.j_label_comp_id_1 
_ndb_struct_na_base_pair_step.j_label_seq_id_1 
_ndb_struct_na_base_pair_step.j_symmetry_1 
_ndb_struct_na_base_pair_step.i_label_asym_id_2 
_ndb_struct_na_base_pair_step.i_label_comp_id_2 
_ndb_struct_na_base_pair_step.i_label_seq_id_2 
_ndb_struct_na_base_pair_step.i_symmetry_2 
_ndb_struct_na_base_pair_step.j_label_asym_id_2 
_ndb_struct_na_base_pair_step.j_label_comp_id_2 
_ndb_struct_na_base_pair_step.j_label_seq_id_2 
_ndb_struct_na_base_pair_step.j_symmetry_2 
_ndb_struct_na_base_pair_step.shift 
_ndb_struct_na_base_pair_step.slide 
_ndb_struct_na_base_pair_step.rise 
_ndb_struct_na_base_pair_step.tilt 
_ndb_struct_na_base_pair_step.roll 
_ndb_struct_na_base_pair_step.twist 
_ndb_struct_na_base_pair_step.x_displacement 
_ndb_struct_na_base_pair_step.y_displacement 
_ndb_struct_na_base_pair_step.helical_rise 
_ndb_struct_na_base_pair_step.inclination 
_ndb_struct_na_base_pair_step.tip 
_ndb_struct_na_base_pair_step.helical_twist 
_ndb_struct_na_base_pair_step.step_number 
_ndb_struct_na_base_pair_step.step_name 
_ndb_struct_na_base_pair_step.i_auth_asym_id_1 
_ndb_struct_na_base_pair_step.i_auth_seq_id_1 
_ndb_struct_na_base_pair_step.i_PDB_ins_code_1 
_ndb_struct_na_base_pair_step.j_auth_asym_id_1 
_ndb_struct_na_base_pair_step.j_auth_seq_id_1 
_ndb_struct_na_base_pair_step.j_PDB_ins_code_1 
_ndb_struct_na_base_pair_step.i_auth_asym_id_2 
_ndb_struct_na_base_pair_step.i_auth_seq_id_2 
_ndb_struct_na_base_pair_step.i_PDB_ins_code_2 
_ndb_struct_na_base_pair_step.j_auth_asym_id_2 
_ndb_struct_na_base_pair_step.j_auth_seq_id_2 
_ndb_struct_na_base_pair_step.j_PDB_ins_code_2 
1 A DA 3  1_555 C DT 7 1_555 A DC 4  1_555 C DG 6 1_555 -0.516 -0.797 3.264 1.695  1.130  28.701 -1.855 1.413  3.196 2.277   
-3.414  28.772 1  BB_DA9DC10:DG41DT42_DD  B 9  ? D 42 ? B 10 ? D 41 ? 
1 A DC 4  1_555 C DG 6 1_555 A DG 5  1_555 C DC 5 1_555 0.093  0.079  3.911 -2.619 2.252  40.542 -0.184 -0.480 3.896 3.243   3.771 
40.683 2  BB_DC10DG11:DC40DG41_DD B 10 ? D 41 ? B 11 ? D 40 ? 
1 A DG 5  1_555 C DC 5 1_555 A DA 6  1_555 C DT 4 1_555 -0.572 0.050  3.458 0.306  4.282  34.077 -0.625 1.019  3.434 7.270   
-0.520  34.339 3  BB_DG11DA12:DT39DC40_DD B 11 ? D 40 ? B 12 ? D 39 ? 
1 A DA 6  1_555 C DT 4 1_555 A DC 7  1_555 C DG 3 1_555 0.267  -0.739 3.028 -2.662 -1.037 27.821 -1.300 -1.138 3.014 -2.150  5.517 
27.964 4  BB_DA12DC13:DG38DT39_DD B 12 ? D 39 ? B 13 ? D 38 ? 
1 A DC 7  1_555 C DG 3 1_555 A DA 8  1_555 C DT 2 1_555 -0.152 -1.045 3.456 -0.150 -9.684 44.042 -0.414 0.183  3.597 -12.731 0.197 
45.042 5  BB_DC13DA14:DT37DG38_DD B 13 ? D 38 ? B 14 ? D 37 ? 
1 A DA 8  1_555 C DT 2 1_555 A DC 9  1_555 C DG 1 1_555 0.818  -0.905 3.344 -3.895 -3.078 37.721 -0.989 -1.761 3.307 -4.735  5.993 
38.034 6  BB_DA14DC15:DG36DT37_DD B 14 ? D 37 ? B 15 ? D 36 ? 
1 A DC 9  1_555 C DG 1 1_555 A DA 10 1_555 D DT 6 1_555 -1.100 -1.649 2.578 -2.627 8.914  20.380 -6.588 2.145  1.828 23.667  6.975 
22.379 7  BB_DC15DA16:DT6DG36_AD  B 15 ? D 36 ? B 16 ? A 6  ? 
1 A DA 10 1_555 D DT 6 1_555 A DG 11 1_555 D DC 5 1_555 -0.109 -0.216 3.153 -2.514 4.553  38.778 -0.848 -0.128 3.109 6.820   3.766 
39.112 8  BB_DA16DG17:DC5DT6_AA   B 16 ? A 6  ? B 17 ? A 5  ? 
1 A DG 11 1_555 D DC 5 1_555 A DA 12 1_555 D DT 4 1_555 -0.861 0.195  3.415 0.902  2.961  39.181 -0.078 1.392  3.401 4.407   
-1.342  39.299 9  BB_DG17DA18:DT4DC5_AA   B 17 ? A 5  ? B 18 ? A 4  ? 
1 A DA 12 1_555 D DT 4 1_555 A DC 13 1_555 D DG 3 1_555 0.217  -1.179 3.423 0.859  -1.773 29.249 -1.925 -0.234 3.492 -3.506  
-1.698  29.314 10 BB_DA18DC19:DG3DT4_AA   B 18 ? A 4  ? B 19 ? A 3  ? 
1 A DC 13 1_555 D DG 3 1_555 A DG 14 1_555 D DC 2 1_555 0.101  -0.321 3.454 -2.494 4.501  31.307 -1.455 -0.665 3.359 8.270   4.582 
31.717 11 BB_DC19DG20:DC2DG3_AA   B 19 ? A 3  ? B 20 ? A 2  ? 
1 A DG 14 1_555 D DC 2 1_555 A DG 15 1_555 D DC 1 1_555 0.089  -1.164 3.076 -6.786 0.553  35.416 -1.954 -1.045 2.991 0.899   
11.030  36.044 12 BB_DG20DG21:DC1DC2_AA   B 20 ? A 2  ? B 21 ? A 1  ? 
1 A DG 15 1_555 D DC 1 1_555 A DC 16 1_555 B DG 8 1_555 -0.676 -1.573 3.208 -1.818 -0.566 28.418 -3.069 0.962  3.274 -1.151  3.697 
28.480 13 BB_DG21DC22:DG35DC1_CA  B 21 ? A 1  ? B 22 ? C 35 ? 
1 A DC 16 1_555 B DG 8 1_555 A DG 17 1_555 B DC 7 1_555 -0.500 0.156  3.371 -2.808 2.226  42.072 -0.021 0.395  3.399 3.095   3.903 
42.217 14 BB_DC22DG23:DC34DG35_CC B 22 ? C 35 ? B 23 ? C 34 ? 
1 A DG 17 1_555 B DC 7 1_555 A DA 18 1_555 B DT 6 1_555 0.060  -0.885 3.419 -1.718 4.166  37.001 -1.953 -0.328 3.298 6.534   2.695 
37.265 15 BB_DG23DA24:DT33DC34_CC B 23 ? C 34 ? B 24 ? C 33 ? 
1 A DA 18 1_555 B DT 6 1_555 A DG 19 1_555 B DG 5 1_555 0.821  -1.584 3.185 -4.504 -3.043 27.435 -2.570 -2.748 3.166 -6.338  9.381 
27.958 16 BB_DA24DG25:DG32DT33_CC B 24 ? C 33 ? B 25 ? C 32 ? 
1 A DG 19 1_555 B DG 5 1_555 A DT 20 1_555 B DA 4 1_555 -0.894 -1.378 3.092 8.878  -2.161 31.382 -2.104 3.012  2.827 -3.893  
-15.993 32.653 17 BB_DG25DT26:DA31DG32_CC B 25 ? C 32 ? B 26 ? C 31 ? 
1 A DT 20 1_555 B DA 4 1_555 A DC 21 1_555 B DG 3 1_555 0.976  -0.202 3.423 4.657  2.001  34.789 -0.653 -0.877 3.503 3.326   
-7.738  35.145 18 BB_DT26DC27:DG30DA31_CC B 26 ? C 31 ? B 27 ? C 30 ? 
# 
loop_
_pdbx_audit_support.funding_organization 
_pdbx_audit_support.country 
_pdbx_audit_support.grant_number 
_pdbx_audit_support.ordinal 
'National Science Foundation (NSF, United States)'                                         'United States' 1360635     1 
'National Institutes of Health/National Institute of General Medical Sciences (NIH/NIGMS)' 'United States' R01GM104960 2 
'National Science Foundation (NSF, United States)'                                         'United States' NSF2004250  3 
# 
_pdbx_entity_nonpoly.entity_id   5 
_pdbx_entity_nonpoly.name        'CACODYLATE ION' 
_pdbx_entity_nonpoly.comp_id     CAC 
# 
_pdbx_initial_refinement_model.id               1 
_pdbx_initial_refinement_model.entity_id_list   ? 
_pdbx_initial_refinement_model.type             'experimental model' 
_pdbx_initial_refinement_model.source_name      PDB 
_pdbx_initial_refinement_model.accession_code   5VY6 
_pdbx_initial_refinement_model.details          ? 
# 
_pdbx_struct_assembly_auth_evidence.id                     1 
_pdbx_struct_assembly_auth_evidence.assembly_id            1 
_pdbx_struct_assembly_auth_evidence.experimental_support   none 
_pdbx_struct_assembly_auth_evidence.details                ? 
# 
